data_8RK7
#
_entry.id   8RK7
#
_cell.length_a   1.00
_cell.length_b   1.00
_cell.length_c   1.00
_cell.angle_alpha   90.00
_cell.angle_beta   90.00
_cell.angle_gamma   90.00
#
_symmetry.space_group_name_H-M   'P 1'
#
loop_
_entity.id
_entity.type
_entity.pdbx_description
1 polymer 'DUF2163 domain-containing protein'
2 polymer 'Virion structural protein'
3 polymer 'Tip attachment protein J domain-containing protein'
4 non-polymer 'FE (III) ION'
#
loop_
_entity_poly.entity_id
_entity_poly.type
_entity_poly.pdbx_seq_one_letter_code
_entity_poly.pdbx_strand_id
1 'polypeptide(L)'
;MSFNSRESSLADGQPVRLYQFSRGAIRWSYNSSDRDITYQNQIFRTVPGGITDNGIICSGDPQSDQFVITAPADLDVALL
YKTRSPSDAIDLVVYDMHYGDAEAAVSWVGQIGDVDWPTVDSCRITCVSEDELMDQPGLTDTYCRTCTAIVGDHRCKVNL
VPYRVTLTPQSVSAWVISSGVVAGYADGWFTGGYVEWQVDGDNYDRRFIEQHAGADLHILGGTEGIPAGGQLRVYPGCDG
LAQTCDDKFSNLPNFRGFNAMQGKSPFDGDQVW
;
I
2 'polypeptide(L)'
;MATFPGFQVPKPVEGIVAGITPNIDALELNQDISLAAVAASTWGGAYGAHQPVEVIHSTYQAVHQSALEENYYNRLWLIP
TAMELGNVVSTQIRPASVWNAYFSPRTLTAIDREAADGITLSGQASPPLGFAALEERTWTVSIGTDGPPVVNARIVWRLQ
GEPNLVLVITGNRIIAWTFAPDWGDSIVERLSASTNILQSESAVTQRRAMRLAPRREFDANMYAVDRERQLLDMTLFGWG
ARIWALPIWPDIQLLHQPLAAGSLGIPCDTAGLDFRDGGLAMLRGEDAFTYEVVEVKTVTASGLDLVRPVQAAWGTGSRL
YPVRTAQLTEQPTLTRLTDTAQSARVSFLVMEPSAWPELMPATTYRGRPVLEQRPDESEDLTSSYQRLLSTLDNGSAIPR
VTDVAGMALPVIGHRWIGMGRAERSAFRSLVYALRGQQKPLWVPTHADDLTLVATVSQLSTALDVRNIGYARFANGRPGR
RDIRIELYDGTVYHRRILTSTELDADTERVAIDAALGRLVEPTDVARICFMALCSAASDVVEIEHVTDSEGVATAALTFK
GVRDDEF
;
C
3 'polypeptide(L)'
;MGAKPKAQTVGWRYYFDIHFALGKKVDEVCAIRASGKTAWKGSITSNGQVRINAPELFGGDKGEGGLDGTLDVLFGEEDQ
GVLPRLAAMLGGLVPAFRGVTTCFYSGLVTSVNPYPKKWEILRRGGNRLWDGNPWYPEKQFVWLADGQIKAMNPAHILYL
VYTGRDFRGLARTRMDEASWRAAADTLYAEGFGLCFEWTRSDSFKNFCETVKSHIGAEVYPNRQTGQISIRLLRDDYNVA
DLPLFDEDSGLLEITQEKTGSTSLAPSQLIVKYIDQIDGAQRQIIVNNNAVAASQGRRSSEEIEFLGVPTGELAGRVGER
EMRLKTTGLKRYKGVFDRRARSLNPGQPFLIRSTPRGIPETVVRVGRIEDNFLGDGKITLTVVQDQFNLPATTGVAPPPP
GWTPPDRTPRAITVRRLIEAPYRELAGVIDPANLQLLDVSASYLAALAEAPTSLSQSYTLTDRVGSSGAFVDRGTGDWCP
TGLLAAELPLAAGPNVVTLTNATRLEDVTVGQAAVVDDEIVRVDAVNYASGTVTLARGCADTVPAKHLAGARVWFYDTFE
AVDETVYSQGVTLQARLLTNTSEGQLAPALAATDSLTLTGRQGKPYPPGQFRINGSAYPTKVYGALSVSWAKRDRIGQAD
QLIDTTVGNIGPEDGATVTLQVYSGTTLKRTYAGLTSSSWSYPLAEDMADGPLQDVRLVLRSVRDGIDSWQQHDITIERH
GLGFRLGEELGGVSA
;
M
#
loop_
_chem_comp.id
_chem_comp.type
_chem_comp.name
_chem_comp.formula
FE non-polymer 'FE (III) ION' 'Fe 3'
#
# COMPACT_ATOMS: atom_id res chain seq x y z
N SER A 2 -28.99 3.61 19.23
CA SER A 2 -28.84 4.20 20.55
C SER A 2 -27.38 4.16 20.99
N PHE A 3 -26.57 3.36 20.30
CA PHE A 3 -25.15 3.27 20.65
C PHE A 3 -24.49 4.64 20.60
N ASN A 4 -24.66 5.36 19.48
CA ASN A 4 -24.12 6.71 19.40
C ASN A 4 -24.77 7.62 20.42
N SER A 5 -26.09 7.50 20.60
CA SER A 5 -26.78 8.32 21.60
C SER A 5 -26.26 8.02 23.00
N ARG A 6 -26.03 6.74 23.32
CA ARG A 6 -25.48 6.40 24.62
C ARG A 6 -24.08 6.95 24.79
N GLU A 7 -23.26 6.90 23.73
CA GLU A 7 -21.93 7.48 23.81
C GLU A 7 -22.00 8.97 24.09
N SER A 8 -22.92 9.67 23.43
CA SER A 8 -23.11 11.10 23.70
C SER A 8 -23.79 11.34 25.03
N SER A 9 -24.47 10.34 25.58
CA SER A 9 -25.16 10.50 26.86
C SER A 9 -24.15 10.72 27.98
N LEU A 10 -24.50 11.62 28.91
CA LEU A 10 -23.64 11.95 30.04
C LEU A 10 -23.90 11.09 31.27
N ALA A 11 -24.92 10.24 31.25
CA ALA A 11 -25.27 9.45 32.41
C ALA A 11 -25.56 7.99 32.12
N ASP A 12 -25.62 7.56 30.87
CA ASP A 12 -25.93 6.18 30.51
C ASP A 12 -24.70 5.42 30.02
N GLY A 13 -23.49 5.96 30.24
CA GLY A 13 -22.28 5.29 29.80
C GLY A 13 -22.07 3.95 30.49
N GLN A 14 -22.20 2.87 29.73
CA GLN A 14 -21.99 1.50 30.24
C GLN A 14 -21.12 0.75 29.24
N PRO A 15 -19.86 1.16 29.10
CA PRO A 15 -19.01 0.55 28.06
C PRO A 15 -18.80 -0.94 28.31
N VAL A 16 -18.77 -1.69 27.22
CA VAL A 16 -18.45 -3.12 27.25
C VAL A 16 -17.82 -3.48 25.91
N ARG A 17 -16.63 -4.08 25.96
CA ARG A 17 -15.86 -4.41 24.76
C ARG A 17 -15.96 -5.90 24.50
N LEU A 18 -16.28 -6.27 23.26
CA LEU A 18 -16.42 -7.66 22.86
C LEU A 18 -15.32 -8.03 21.87
N TYR A 19 -14.79 -9.24 22.01
CA TYR A 19 -13.77 -9.77 21.11
C TYR A 19 -14.30 -11.02 20.43
N GLN A 20 -14.01 -11.15 19.14
CA GLN A 20 -14.41 -12.30 18.35
C GLN A 20 -13.20 -12.84 17.60
N PHE A 21 -12.71 -14.01 18.01
CA PHE A 21 -11.60 -14.67 17.34
C PHE A 21 -12.18 -15.74 16.42
N SER A 22 -11.88 -15.62 15.12
CA SER A 22 -12.43 -16.51 14.11
C SER A 22 -11.31 -17.15 13.31
N ARG A 23 -11.45 -18.45 13.06
CA ARG A 23 -10.54 -19.20 12.18
C ARG A 23 -11.40 -20.11 11.31
N GLY A 24 -11.78 -19.60 10.14
CA GLY A 24 -12.62 -20.36 9.24
C GLY A 24 -14.00 -20.64 9.82
N ALA A 25 -14.28 -21.90 10.14
CA ALA A 25 -15.58 -22.31 10.63
C ALA A 25 -15.68 -22.33 12.14
N ILE A 26 -14.61 -21.97 12.85
CA ILE A 26 -14.56 -22.00 14.32
C ILE A 26 -14.42 -20.58 14.83
N ARG A 27 -15.27 -20.21 15.78
CA ARG A 27 -15.28 -18.87 16.35
C ARG A 27 -15.19 -18.95 17.87
N TRP A 28 -14.41 -18.05 18.46
CA TRP A 28 -14.29 -17.93 19.91
C TRP A 28 -14.76 -16.54 20.32
N SER A 29 -15.68 -16.48 21.27
CA SER A 29 -16.31 -15.23 21.69
C SER A 29 -16.00 -14.97 23.16
N TYR A 30 -15.48 -13.78 23.44
CA TYR A 30 -15.15 -13.38 24.80
C TYR A 30 -15.61 -11.96 25.05
N ASN A 31 -15.90 -11.65 26.31
CA ASN A 31 -16.35 -10.34 26.73
C ASN A 31 -15.59 -9.92 27.98
N SER A 32 -15.47 -8.60 28.16
CA SER A 32 -14.72 -8.04 29.29
C SER A 32 -15.58 -7.84 30.54
N SER A 33 -16.89 -8.06 30.45
CA SER A 33 -17.76 -7.85 31.60
C SER A 33 -17.74 -9.07 32.51
N ASP A 34 -18.55 -9.02 33.57
CA ASP A 34 -18.65 -10.10 34.53
C ASP A 34 -19.78 -11.07 34.22
N ARG A 35 -20.52 -10.85 33.16
CA ARG A 35 -21.61 -11.74 32.77
C ARG A 35 -21.61 -11.89 31.25
N ASP A 36 -22.14 -13.02 30.79
CA ASP A 36 -22.20 -13.29 29.36
C ASP A 36 -23.12 -12.32 28.66
N ILE A 37 -22.77 -11.99 27.42
CA ILE A 37 -23.54 -11.05 26.60
C ILE A 37 -23.93 -11.77 25.32
N THR A 38 -25.20 -11.68 24.96
CA THR A 38 -25.73 -12.25 23.73
C THR A 38 -25.85 -11.13 22.70
N TYR A 39 -25.20 -11.31 21.55
CA TYR A 39 -25.23 -10.31 20.48
C TYR A 39 -25.22 -11.02 19.14
N GLN A 40 -26.18 -10.69 18.28
CA GLN A 40 -26.30 -11.31 16.97
C GLN A 40 -26.35 -12.83 17.10
N ASN A 41 -27.14 -13.30 18.06
CA ASN A 41 -27.31 -14.73 18.35
C ASN A 41 -26.01 -15.39 18.78
N GLN A 42 -25.02 -14.60 19.17
CA GLN A 42 -23.74 -15.10 19.66
C GLN A 42 -23.59 -14.71 21.12
N ILE A 43 -23.30 -15.70 21.97
CA ILE A 43 -23.08 -15.47 23.39
C ILE A 43 -21.57 -15.42 23.64
N PHE A 44 -21.13 -14.42 24.39
CA PHE A 44 -19.72 -14.22 24.69
C PHE A 44 -19.45 -14.70 26.11
N ARG A 45 -18.48 -15.61 26.26
CA ARG A 45 -18.17 -16.14 27.57
C ARG A 45 -17.51 -15.07 28.44
N THR A 46 -17.65 -15.24 29.75
CA THR A 46 -16.99 -14.39 30.73
C THR A 46 -15.77 -15.13 31.28
N VAL A 47 -14.61 -14.49 31.17
CA VAL A 47 -13.34 -15.10 31.57
C VAL A 47 -13.11 -14.77 33.04
N PRO A 48 -12.93 -15.77 33.91
CA PRO A 48 -12.64 -15.46 35.32
C PRO A 48 -11.31 -14.73 35.44
N GLY A 49 -11.36 -13.48 35.89
CA GLY A 49 -10.22 -12.60 35.95
C GLY A 49 -10.29 -11.42 35.00
N GLY A 50 -11.12 -11.51 33.97
CA GLY A 50 -11.34 -10.38 33.08
C GLY A 50 -10.38 -10.36 31.91
N ILE A 51 -10.82 -9.74 30.82
CA ILE A 51 -10.03 -9.53 29.62
C ILE A 51 -10.03 -8.04 29.31
N THR A 52 -8.85 -7.47 29.09
CA THR A 52 -8.73 -6.04 28.87
C THR A 52 -7.58 -5.77 27.91
N ASP A 53 -7.65 -4.63 27.23
CA ASP A 53 -6.64 -4.19 26.27
C ASP A 53 -5.96 -2.93 26.78
N ASN A 54 -5.08 -2.37 25.94
CA ASN A 54 -4.32 -1.18 26.28
C ASN A 54 -4.74 0.05 25.50
N GLY A 55 -5.48 -0.11 24.41
CA GLY A 55 -5.91 1.00 23.59
C GLY A 55 -5.62 0.77 22.12
N ILE A 56 -6.24 1.61 21.29
CA ILE A 56 -6.12 1.52 19.85
C ILE A 56 -5.34 2.74 19.36
N ILE A 57 -4.30 2.49 18.58
CA ILE A 57 -3.46 3.54 18.01
C ILE A 57 -3.49 3.42 16.50
N CYS A 58 -3.78 4.53 15.82
CA CYS A 58 -3.77 4.60 14.36
C CYS A 58 -2.91 5.80 13.96
N SER A 59 -1.61 5.58 13.86
CA SER A 59 -0.65 6.62 13.51
C SER A 59 -0.03 6.43 12.14
N GLY A 60 -0.44 5.40 11.40
CA GLY A 60 0.13 5.13 10.10
C GLY A 60 1.41 4.33 10.11
N ASP A 61 1.94 4.00 11.30
CA ASP A 61 3.16 3.20 11.40
C ASP A 61 2.81 1.79 11.86
N PRO A 62 2.89 0.78 10.99
CA PRO A 62 2.49 -0.57 11.43
C PRO A 62 3.28 -1.06 12.64
N GLN A 63 4.57 -0.74 12.71
CA GLN A 63 5.38 -1.22 13.82
C GLN A 63 4.90 -0.67 15.16
N SER A 64 4.32 0.53 15.16
CA SER A 64 3.92 1.19 16.39
C SER A 64 2.44 1.03 16.72
N ASP A 65 1.59 0.74 15.73
CA ASP A 65 0.15 0.67 15.95
C ASP A 65 -0.31 -0.74 16.28
N GLN A 66 0.32 -1.36 17.28
CA GLN A 66 -0.10 -2.69 17.69
C GLN A 66 -1.28 -2.60 18.66
N PHE A 67 -1.98 -3.71 18.82
CA PHE A 67 -3.07 -3.85 19.77
C PHE A 67 -2.74 -4.99 20.73
N VAL A 68 -2.81 -4.71 22.02
CA VAL A 68 -2.37 -5.63 23.06
C VAL A 68 -3.60 -6.11 23.84
N ILE A 69 -3.66 -7.42 24.08
CA ILE A 69 -4.74 -8.04 24.84
C ILE A 69 -4.14 -8.74 26.05
N THR A 70 -4.76 -8.54 27.22
CA THR A 70 -4.35 -9.18 28.45
C THR A 70 -5.46 -10.11 28.91
N ALA A 71 -5.11 -11.36 29.21
CA ALA A 71 -6.09 -12.36 29.62
C ALA A 71 -5.35 -13.44 30.42
N PRO A 72 -6.08 -14.26 31.16
CA PRO A 72 -5.44 -15.32 31.94
C PRO A 72 -4.70 -16.29 31.03
N ALA A 73 -3.83 -17.10 31.65
CA ALA A 73 -3.03 -18.06 30.91
C ALA A 73 -3.83 -19.26 30.44
N ASP A 74 -5.05 -19.44 30.93
CA ASP A 74 -5.88 -20.58 30.56
C ASP A 74 -6.84 -20.27 29.42
N LEU A 75 -6.69 -19.12 28.77
CA LEU A 75 -7.59 -18.74 27.69
C LEU A 75 -7.55 -19.78 26.58
N ASP A 76 -8.72 -20.20 26.12
CA ASP A 76 -8.78 -21.30 25.16
C ASP A 76 -8.12 -20.92 23.83
N VAL A 77 -8.45 -19.74 23.30
CA VAL A 77 -7.93 -19.37 21.99
C VAL A 77 -6.41 -19.23 22.03
N ALA A 78 -5.88 -18.63 23.11
CA ALA A 78 -4.44 -18.46 23.21
C ALA A 78 -3.72 -19.75 23.56
N LEU A 79 -4.43 -20.74 24.11
CA LEU A 79 -3.78 -21.98 24.51
C LEU A 79 -3.18 -22.72 23.31
N LEU A 80 -3.75 -22.51 22.12
CA LEU A 80 -3.24 -23.21 20.94
C LEU A 80 -1.79 -22.86 20.66
N TYR A 81 -1.42 -21.60 20.85
CA TYR A 81 -0.06 -21.15 20.55
C TYR A 81 0.97 -21.70 21.52
N LYS A 82 0.55 -22.35 22.61
CA LYS A 82 1.49 -22.77 23.65
C LYS A 82 2.53 -23.74 23.09
N THR A 83 2.09 -24.72 22.31
CA THR A 83 3.01 -25.72 21.78
C THR A 83 3.55 -25.34 20.40
N ARG A 84 2.67 -25.00 19.47
CA ARG A 84 3.08 -24.59 18.13
C ARG A 84 2.04 -23.64 17.57
N SER A 85 2.51 -22.64 16.83
CA SER A 85 1.61 -21.66 16.24
C SER A 85 0.72 -22.35 15.20
N PRO A 86 -0.59 -22.11 15.22
CA PRO A 86 -1.44 -22.71 14.17
C PRO A 86 -1.04 -22.22 12.79
N SER A 87 -1.22 -23.09 11.80
CA SER A 87 -0.82 -22.76 10.44
C SER A 87 -1.57 -21.54 9.92
N ASP A 88 -2.87 -21.48 10.16
CA ASP A 88 -3.69 -20.37 9.71
C ASP A 88 -3.66 -19.23 10.73
N ALA A 89 -3.89 -18.02 10.24
CA ALA A 89 -3.94 -16.84 11.10
C ALA A 89 -5.32 -16.67 11.71
N ILE A 90 -5.36 -16.32 12.99
CA ILE A 90 -6.60 -16.17 13.72
C ILE A 90 -7.05 -14.72 13.55
N ASP A 91 -8.05 -14.52 12.69
CA ASP A 91 -8.62 -13.18 12.52
C ASP A 91 -9.34 -12.77 13.80
N LEU A 92 -9.20 -11.50 14.16
CA LEU A 92 -9.81 -10.94 15.36
C LEU A 92 -10.63 -9.71 14.98
N VAL A 93 -11.86 -9.66 15.47
CA VAL A 93 -12.75 -8.52 15.27
C VAL A 93 -13.22 -8.05 16.64
N VAL A 94 -13.17 -6.74 16.86
CA VAL A 94 -13.52 -6.14 18.16
C VAL A 94 -14.78 -5.31 17.98
N TYR A 95 -15.77 -5.56 18.82
CA TYR A 95 -17.02 -4.81 18.83
C TYR A 95 -17.10 -3.98 20.10
N ASP A 96 -17.93 -2.93 20.05
CA ASP A 96 -18.21 -2.09 21.21
C ASP A 96 -19.71 -1.96 21.37
N MET A 97 -20.20 -2.20 22.59
CA MET A 97 -21.62 -2.10 22.86
C MET A 97 -21.82 -1.72 24.32
N HIS A 98 -23.01 -1.21 24.62
CA HIS A 98 -23.39 -0.81 25.96
C HIS A 98 -24.45 -1.78 26.50
N TYR A 99 -24.31 -2.14 27.76
CA TYR A 99 -25.23 -3.11 28.36
C TYR A 99 -26.66 -2.62 28.24
N GLY A 100 -27.56 -3.53 27.86
CA GLY A 100 -28.95 -3.20 27.66
C GLY A 100 -29.30 -2.79 26.24
N ASP A 101 -28.32 -2.63 25.37
CA ASP A 101 -28.53 -2.26 23.98
C ASP A 101 -28.07 -3.39 23.07
N ALA A 102 -28.85 -3.63 22.01
CA ALA A 102 -28.58 -4.71 21.07
C ALA A 102 -27.73 -4.27 19.88
N GLU A 103 -27.26 -3.03 19.87
CA GLU A 103 -26.46 -2.50 18.77
C GLU A 103 -25.01 -2.38 19.20
N ALA A 104 -24.10 -2.77 18.30
CA ALA A 104 -22.67 -2.70 18.56
C ALA A 104 -21.97 -2.10 17.35
N ALA A 105 -20.80 -1.52 17.61
CA ALA A 105 -20.00 -0.89 16.57
C ALA A 105 -18.64 -1.58 16.47
N VAL A 106 -18.20 -1.81 15.25
CA VAL A 106 -16.90 -2.45 15.02
C VAL A 106 -15.80 -1.42 15.22
N SER A 107 -14.79 -1.77 16.00
CA SER A 107 -13.69 -0.87 16.33
C SER A 107 -12.37 -1.28 15.70
N TRP A 108 -11.94 -2.52 15.92
CA TRP A 108 -10.65 -2.98 15.43
C TRP A 108 -10.82 -4.31 14.70
N VAL A 109 -10.05 -4.48 13.62
CA VAL A 109 -10.02 -5.71 12.84
C VAL A 109 -8.57 -6.06 12.55
N GLY A 110 -8.21 -7.32 12.77
CA GLY A 110 -6.84 -7.73 12.55
C GLY A 110 -6.67 -9.21 12.83
N GLN A 111 -5.41 -9.62 12.97
CA GLN A 111 -5.06 -11.01 13.21
C GLN A 111 -3.99 -11.08 14.29
N ILE A 112 -3.86 -12.27 14.87
CA ILE A 112 -2.89 -12.47 15.94
C ILE A 112 -1.48 -12.30 15.40
N GLY A 113 -0.67 -11.49 16.08
CA GLY A 113 0.69 -11.26 15.68
C GLY A 113 1.69 -12.01 16.54
N ASP A 114 1.45 -12.03 17.85
CA ASP A 114 2.35 -12.72 18.77
C ASP A 114 1.59 -12.98 20.07
N VAL A 115 2.00 -14.05 20.76
CA VAL A 115 1.39 -14.43 22.03
C VAL A 115 2.50 -14.86 22.98
N ASP A 116 2.39 -14.45 24.23
CA ASP A 116 3.35 -14.81 25.25
C ASP A 116 2.64 -14.90 26.60
N TRP A 117 3.29 -15.59 27.54
CA TRP A 117 2.71 -15.89 28.85
C TRP A 117 3.66 -15.39 29.93
N PRO A 118 3.69 -14.08 30.17
CA PRO A 118 4.64 -13.55 31.16
C PRO A 118 4.45 -14.12 32.55
N THR A 119 3.21 -14.41 32.96
CA THR A 119 2.93 -14.95 34.27
C THR A 119 1.94 -16.09 34.16
N VAL A 120 1.97 -16.99 35.15
CA VAL A 120 1.05 -18.12 35.15
C VAL A 120 -0.39 -17.65 35.24
N ASP A 121 -0.63 -16.46 35.80
CA ASP A 121 -1.97 -15.93 36.00
C ASP A 121 -2.41 -14.97 34.90
N SER A 122 -1.59 -14.80 33.85
CA SER A 122 -1.92 -13.83 32.81
C SER A 122 -1.25 -14.24 31.51
N CYS A 123 -1.74 -13.67 30.41
CA CYS A 123 -1.16 -13.88 29.10
C CYS A 123 -1.35 -12.61 28.29
N ARG A 124 -0.32 -12.23 27.54
CA ARG A 124 -0.33 -11.03 26.72
C ARG A 124 -0.31 -11.42 25.26
N ILE A 125 -1.27 -10.88 24.49
CA ILE A 125 -1.39 -11.16 23.06
C ILE A 125 -1.18 -9.86 22.31
N THR A 126 -0.27 -9.88 21.35
CA THR A 126 0.00 -8.72 20.50
C THR A 126 -0.67 -8.95 19.15
N CYS A 127 -1.62 -8.08 18.81
CA CYS A 127 -2.39 -8.18 17.58
C CYS A 127 -1.90 -7.16 16.57
N VAL A 128 -1.73 -7.61 15.33
CA VAL A 128 -1.20 -6.76 14.26
C VAL A 128 -2.28 -6.58 13.21
N SER A 129 -2.23 -5.42 12.54
CA SER A 129 -3.16 -5.10 11.47
C SER A 129 -2.56 -5.47 10.11
N GLU A 130 -3.42 -5.46 9.09
CA GLU A 130 -2.99 -5.83 7.75
C GLU A 130 -1.95 -4.87 7.18
N ASP A 131 -1.80 -3.68 7.76
CA ASP A 131 -0.84 -2.72 7.25
C ASP A 131 0.61 -3.16 7.48
N GLU A 132 0.85 -4.04 8.46
CA GLU A 132 2.21 -4.48 8.75
C GLU A 132 2.75 -5.42 7.68
N LEU A 133 1.88 -6.01 6.86
CA LEU A 133 2.32 -6.91 5.80
C LEU A 133 2.92 -6.19 4.61
N MET A 134 3.13 -4.87 4.68
CA MET A 134 3.69 -4.10 3.58
C MET A 134 5.16 -3.77 3.79
N ASP A 135 5.79 -4.30 4.84
CA ASP A 135 7.20 -4.03 5.10
C ASP A 135 8.13 -4.96 4.33
N GLN A 136 7.67 -6.16 3.96
CA GLN A 136 8.52 -7.08 3.23
C GLN A 136 8.74 -6.58 1.81
N PRO A 137 9.84 -6.98 1.16
CA PRO A 137 10.10 -6.52 -0.21
C PRO A 137 9.01 -6.91 -1.18
N GLY A 138 9.11 -6.42 -2.42
CA GLY A 138 8.14 -6.75 -3.45
C GLY A 138 8.78 -7.07 -4.78
N LEU A 139 10.09 -7.33 -4.78
CA LEU A 139 10.78 -7.67 -6.02
C LEU A 139 10.18 -8.92 -6.66
N THR A 140 10.32 -10.05 -5.98
CA THR A 140 9.69 -11.30 -6.41
C THR A 140 9.98 -11.59 -7.87
N ASP A 141 11.23 -11.43 -8.29
CA ASP A 141 11.62 -11.67 -9.67
C ASP A 141 13.13 -11.83 -9.75
N THR A 142 13.57 -12.92 -10.36
CA THR A 142 14.99 -13.18 -10.55
C THR A 142 15.18 -13.95 -11.85
N TYR A 143 16.23 -13.59 -12.59
CA TYR A 143 16.52 -14.21 -13.88
C TYR A 143 17.51 -15.37 -13.68
N CYS A 144 17.01 -16.42 -13.05
CA CYS A 144 17.81 -17.60 -12.76
C CYS A 144 17.27 -18.80 -13.53
N ARG A 145 18.03 -19.90 -13.46
CA ARG A 145 17.70 -21.08 -14.26
C ARG A 145 16.47 -21.79 -13.73
N THR A 146 16.31 -21.85 -12.41
CA THR A 146 15.24 -22.62 -11.81
C THR A 146 13.89 -21.97 -12.10
N CYS A 147 12.82 -22.67 -11.70
CA CYS A 147 11.47 -22.22 -11.99
C CYS A 147 11.16 -20.89 -11.32
N THR A 148 11.57 -20.73 -10.07
CA THR A 148 11.26 -19.52 -9.28
C THR A 148 9.77 -19.44 -8.98
N ALA A 149 9.13 -20.59 -8.81
CA ALA A 149 7.70 -20.65 -8.52
C ALA A 149 7.42 -21.85 -7.64
N ILE A 150 6.64 -21.64 -6.58
CA ILE A 150 6.27 -22.72 -5.69
C ILE A 150 5.22 -23.57 -6.37
N VAL A 151 5.43 -24.89 -6.39
CA VAL A 151 4.51 -25.79 -7.05
C VAL A 151 3.10 -25.54 -6.53
N GLY A 152 2.15 -25.35 -7.45
CA GLY A 152 0.77 -25.16 -7.11
C GLY A 152 0.34 -23.70 -6.97
N ASP A 153 1.28 -22.75 -7.01
CA ASP A 153 0.90 -21.36 -6.89
C ASP A 153 0.08 -20.93 -8.11
N HIS A 154 -0.42 -19.69 -8.05
CA HIS A 154 -1.23 -19.17 -9.15
C HIS A 154 -0.42 -18.99 -10.43
N ARG A 155 0.91 -19.01 -10.34
CA ARG A 155 1.75 -18.87 -11.53
C ARG A 155 2.04 -20.21 -12.19
N CYS A 156 2.26 -21.26 -11.39
CA CYS A 156 2.50 -22.58 -11.98
C CYS A 156 1.25 -23.14 -12.64
N LYS A 157 0.07 -22.84 -12.09
CA LYS A 157 -1.19 -23.30 -12.65
C LYS A 157 -1.24 -24.83 -12.75
N VAL A 158 -0.69 -25.51 -11.75
CA VAL A 158 -0.66 -26.96 -11.70
C VAL A 158 -1.64 -27.44 -10.64
N ASN A 159 -2.53 -28.36 -11.03
CA ASN A 159 -3.53 -28.90 -10.12
C ASN A 159 -2.94 -30.08 -9.36
N LEU A 160 -2.85 -29.94 -8.04
CA LEU A 160 -2.28 -30.98 -7.19
C LEU A 160 -3.32 -31.98 -6.69
N VAL A 161 -4.62 -31.74 -6.94
CA VAL A 161 -5.64 -32.67 -6.46
C VAL A 161 -5.45 -34.07 -7.01
N PRO A 162 -5.11 -34.28 -8.30
CA PRO A 162 -4.86 -35.66 -8.73
C PRO A 162 -3.70 -36.31 -8.01
N TYR A 163 -2.70 -35.53 -7.60
CA TYR A 163 -1.53 -36.07 -6.93
C TYR A 163 -1.74 -36.26 -5.43
N ARG A 164 -2.88 -35.84 -4.89
CA ARG A 164 -3.15 -36.03 -3.48
C ARG A 164 -3.10 -37.51 -3.13
N VAL A 165 -2.45 -37.83 -2.03
CA VAL A 165 -2.36 -39.20 -1.52
C VAL A 165 -2.86 -39.19 -0.08
N THR A 166 -3.85 -40.03 0.21
CA THR A 166 -4.41 -40.17 1.54
C THR A 166 -3.95 -41.50 2.13
N LEU A 167 -3.37 -41.45 3.32
CA LEU A 167 -2.77 -42.62 3.92
C LEU A 167 -2.78 -42.50 5.43
N THR A 168 -2.64 -43.63 6.10
CA THR A 168 -2.50 -43.68 7.55
C THR A 168 -1.06 -44.06 7.90
N PRO A 169 -0.32 -43.22 8.62
CA PRO A 169 1.10 -43.53 8.84
C PRO A 169 1.28 -44.85 9.58
N GLN A 170 2.34 -45.56 9.22
CA GLN A 170 2.64 -46.84 9.88
C GLN A 170 3.25 -46.62 11.26
N SER A 171 4.30 -45.80 11.33
CA SER A 171 4.97 -45.50 12.59
C SER A 171 5.42 -44.06 12.58
N VAL A 172 5.33 -43.41 13.75
CA VAL A 172 5.71 -42.02 13.92
C VAL A 172 6.82 -41.96 14.96
N SER A 173 7.90 -41.28 14.63
CA SER A 173 9.04 -41.10 15.51
C SER A 173 9.22 -39.61 15.82
N ALA A 174 10.32 -39.29 16.50
CA ALA A 174 10.56 -37.90 16.89
C ALA A 174 10.71 -37.00 15.67
N TRP A 175 11.44 -37.46 14.65
CA TRP A 175 11.69 -36.65 13.47
C TRP A 175 11.27 -37.30 12.16
N VAL A 176 10.91 -38.58 12.16
CA VAL A 176 10.63 -39.32 10.93
C VAL A 176 9.26 -39.97 11.04
N ILE A 177 8.46 -39.81 9.98
CA ILE A 177 7.17 -40.49 9.85
C ILE A 177 7.30 -41.48 8.71
N SER A 178 7.02 -42.75 8.98
CA SER A 178 7.24 -43.83 8.03
C SER A 178 5.92 -44.43 7.58
N SER A 179 5.80 -44.68 6.28
CA SER A 179 4.63 -45.34 5.72
C SER A 179 5.06 -46.17 4.52
N GLY A 180 4.49 -47.37 4.41
CA GLY A 180 4.85 -48.28 3.33
C GLY A 180 4.27 -47.90 1.98
N VAL A 181 3.17 -47.15 1.96
CA VAL A 181 2.55 -46.81 0.69
C VAL A 181 3.47 -45.94 -0.15
N VAL A 182 4.11 -44.95 0.47
CA VAL A 182 5.06 -44.10 -0.24
C VAL A 182 6.33 -44.83 -0.63
N ALA A 183 6.57 -46.01 -0.05
CA ALA A 183 7.76 -46.78 -0.40
C ALA A 183 7.75 -47.20 -1.86
N GLY A 184 6.58 -47.24 -2.49
CA GLY A 184 6.48 -47.63 -3.89
C GLY A 184 6.84 -46.56 -4.88
N TYR A 185 7.18 -45.35 -4.42
CA TYR A 185 7.55 -44.26 -5.29
C TYR A 185 9.07 -44.10 -5.31
N ALA A 186 9.57 -43.50 -6.39
CA ALA A 186 11.00 -43.28 -6.53
C ALA A 186 11.48 -42.31 -5.46
N ASP A 187 12.74 -42.48 -5.06
CA ASP A 187 13.31 -41.63 -4.04
C ASP A 187 13.24 -40.16 -4.46
N GLY A 188 12.88 -39.30 -3.52
CA GLY A 188 12.75 -37.88 -3.79
C GLY A 188 11.47 -37.48 -4.48
N TRP A 189 10.52 -38.40 -4.64
CA TRP A 189 9.26 -38.05 -5.29
C TRP A 189 8.50 -36.99 -4.49
N PHE A 190 8.47 -37.13 -3.16
CA PHE A 190 7.73 -36.23 -2.29
C PHE A 190 8.58 -35.07 -1.79
N THR A 191 9.86 -35.01 -2.13
CA THR A 191 10.71 -33.93 -1.65
C THR A 191 10.16 -32.59 -2.09
N GLY A 192 10.09 -31.65 -1.16
CA GLY A 192 9.54 -30.34 -1.42
C GLY A 192 8.05 -30.20 -1.21
N GLY A 193 7.35 -31.31 -0.95
CA GLY A 193 5.93 -31.26 -0.68
C GLY A 193 5.62 -30.96 0.77
N TYR A 194 4.33 -30.94 1.08
CA TYR A 194 3.87 -30.65 2.43
C TYR A 194 2.76 -31.61 2.80
N VAL A 195 2.60 -31.83 4.10
CA VAL A 195 1.59 -32.73 4.64
C VAL A 195 0.54 -31.89 5.36
N GLU A 196 -0.73 -32.11 5.01
CA GLU A 196 -1.84 -31.40 5.63
C GLU A 196 -2.84 -32.42 6.18
N TRP A 197 -3.34 -32.14 7.38
CA TRP A 197 -4.32 -33.00 8.02
C TRP A 197 -5.28 -32.14 8.81
N GLN A 198 -6.49 -32.67 9.03
CA GLN A 198 -7.55 -31.92 9.67
C GLN A 198 -7.34 -31.87 11.18
N VAL A 199 -7.31 -30.65 11.73
CA VAL A 199 -7.15 -30.47 13.17
C VAL A 199 -8.53 -30.38 13.81
N ASP A 200 -9.36 -29.45 13.34
CA ASP A 200 -10.69 -29.27 13.88
C ASP A 200 -11.54 -28.54 12.85
N GLY A 201 -12.76 -29.04 12.65
CA GLY A 201 -13.64 -28.42 11.69
C GLY A 201 -13.05 -28.47 10.29
N ASP A 202 -13.05 -27.33 9.61
CA ASP A 202 -12.57 -27.21 8.24
C ASP A 202 -11.17 -26.60 8.17
N ASN A 203 -10.39 -26.70 9.24
CA ASN A 203 -9.06 -26.13 9.31
C ASN A 203 -8.03 -27.25 9.38
N TYR A 204 -6.98 -27.14 8.57
CA TYR A 204 -5.91 -28.13 8.51
C TYR A 204 -4.58 -27.47 8.86
N ASP A 205 -3.69 -28.26 9.45
CA ASP A 205 -2.33 -27.82 9.75
C ASP A 205 -1.35 -28.44 8.75
N ARG A 206 -0.45 -27.61 8.24
CA ARG A 206 0.45 -27.99 7.17
C ARG A 206 1.88 -28.06 7.67
N ARG A 207 2.62 -29.03 7.15
CA ARG A 207 4.02 -29.22 7.48
C ARG A 207 4.80 -29.55 6.21
N PHE A 208 5.94 -28.90 6.02
CA PHE A 208 6.77 -29.16 4.86
C PHE A 208 7.65 -30.38 5.10
N ILE A 209 8.19 -30.92 4.01
CA ILE A 209 8.98 -32.14 4.02
C ILE A 209 10.41 -31.78 3.62
N GLU A 210 11.37 -32.10 4.49
CA GLU A 210 12.77 -31.88 4.15
C GLU A 210 13.20 -32.80 3.01
N GLN A 211 12.93 -34.09 3.13
CA GLN A 211 13.41 -35.07 2.18
C GLN A 211 12.52 -36.30 2.24
N HIS A 212 12.46 -37.02 1.12
CA HIS A 212 11.74 -38.28 1.02
C HIS A 212 12.70 -39.35 0.53
N ALA A 213 12.78 -40.46 1.26
CA ALA A 213 13.68 -41.56 0.92
C ALA A 213 13.01 -42.87 1.28
N GLY A 214 12.68 -43.66 0.27
CA GLY A 214 12.06 -44.95 0.52
C GLY A 214 10.75 -44.80 1.27
N ALA A 215 10.63 -45.55 2.36
CA ALA A 215 9.41 -45.56 3.17
C ALA A 215 9.43 -44.54 4.29
N ASP A 216 10.51 -43.78 4.44
CA ASP A 216 10.68 -42.84 5.54
C ASP A 216 10.58 -41.41 5.02
N LEU A 217 9.83 -40.58 5.73
CA LEU A 217 9.65 -39.18 5.40
C LEU A 217 10.25 -38.33 6.52
N HIS A 218 11.05 -37.34 6.14
CA HIS A 218 11.66 -36.41 7.08
C HIS A 218 10.83 -35.14 7.16
N ILE A 219 10.41 -34.77 8.36
CA ILE A 219 9.55 -33.62 8.59
C ILE A 219 10.38 -32.50 9.18
N LEU A 220 10.32 -31.32 8.56
CA LEU A 220 11.05 -30.16 9.05
C LEU A 220 10.49 -29.73 10.40
N GLY A 221 11.39 -29.47 11.35
CA GLY A 221 10.98 -29.01 12.67
C GLY A 221 10.44 -30.07 13.59
N GLY A 222 10.53 -31.34 13.23
CA GLY A 222 10.03 -32.42 14.05
C GLY A 222 8.59 -32.79 13.71
N THR A 223 8.17 -33.93 14.24
CA THR A 223 6.85 -34.48 13.99
C THR A 223 5.87 -34.21 15.13
N GLU A 224 6.24 -33.36 16.09
CA GLU A 224 5.36 -33.09 17.21
C GLU A 224 4.04 -32.50 16.73
N GLY A 225 2.95 -32.96 17.34
CA GLY A 225 1.62 -32.53 16.97
C GLY A 225 0.96 -33.37 15.90
N ILE A 226 1.68 -34.31 15.30
CA ILE A 226 1.11 -35.18 14.28
C ILE A 226 0.36 -36.32 14.97
N PRO A 227 -0.93 -36.52 14.70
CA PRO A 227 -1.62 -37.66 15.31
C PRO A 227 -1.06 -38.96 14.78
N ALA A 228 -0.93 -39.95 15.67
CA ALA A 228 -0.34 -41.23 15.29
C ALA A 228 -1.28 -42.08 14.44
N GLY A 229 -2.58 -41.83 14.51
CA GLY A 229 -3.54 -42.61 13.75
C GLY A 229 -4.43 -41.76 12.86
N GLY A 230 -4.25 -40.45 12.91
CA GLY A 230 -5.09 -39.57 12.10
C GLY A 230 -4.81 -39.70 10.63
N GLN A 231 -5.81 -39.34 9.83
CA GLN A 231 -5.68 -39.38 8.37
C GLN A 231 -4.83 -38.20 7.90
N LEU A 232 -3.87 -38.48 7.03
CA LEU A 232 -2.93 -37.49 6.54
C LEU A 232 -2.99 -37.39 5.03
N ARG A 233 -2.94 -36.18 4.51
CA ARG A 233 -2.88 -35.92 3.08
C ARG A 233 -1.49 -35.38 2.73
N VAL A 234 -0.84 -36.02 1.76
CA VAL A 234 0.53 -35.71 1.38
C VAL A 234 0.55 -35.35 -0.10
N TYR A 235 1.16 -34.20 -0.42
CA TYR A 235 1.31 -33.76 -1.80
C TYR A 235 2.77 -33.83 -2.22
N PRO A 236 3.05 -34.00 -3.53
CA PRO A 236 4.44 -34.07 -3.98
C PRO A 236 5.10 -32.69 -3.99
N GLY A 237 6.33 -32.63 -4.49
CA GLY A 237 7.05 -31.37 -4.57
C GLY A 237 7.82 -31.29 -5.87
N CYS A 238 7.93 -30.07 -6.39
CA CYS A 238 8.62 -29.80 -7.65
C CYS A 238 10.01 -29.26 -7.37
N ASP A 239 11.01 -29.87 -8.00
CA ASP A 239 12.38 -29.41 -7.82
C ASP A 239 12.59 -28.05 -8.47
N GLY A 240 11.88 -27.76 -9.56
CA GLY A 240 11.98 -26.50 -10.25
C GLY A 240 12.74 -26.55 -11.56
N LEU A 241 13.45 -27.65 -11.83
CA LEU A 241 14.16 -27.78 -13.10
C LEU A 241 13.18 -28.03 -14.24
N ALA A 242 13.52 -27.52 -15.42
CA ALA A 242 12.63 -27.64 -16.56
C ALA A 242 12.37 -29.11 -16.90
N GLN A 243 13.42 -29.93 -16.89
CA GLN A 243 13.23 -31.36 -17.10
C GLN A 243 12.32 -31.96 -16.04
N THR A 244 12.52 -31.58 -14.79
CA THR A 244 11.63 -32.03 -13.73
C THR A 244 10.22 -31.52 -13.94
N CYS A 245 10.09 -30.27 -14.37
CA CYS A 245 8.77 -29.68 -14.54
C CYS A 245 7.97 -30.39 -15.62
N ASP A 246 8.60 -30.71 -16.76
CA ASP A 246 7.86 -31.27 -17.88
C ASP A 246 7.72 -32.79 -17.80
N ASP A 247 8.79 -33.51 -17.41
CA ASP A 247 8.69 -34.96 -17.37
C ASP A 247 7.66 -35.42 -16.36
N LYS A 248 7.62 -34.79 -15.18
CA LYS A 248 6.70 -35.19 -14.12
C LYS A 248 5.32 -34.57 -14.29
N PHE A 249 5.25 -33.26 -14.48
CA PHE A 249 3.98 -32.54 -14.48
C PHE A 249 3.56 -32.06 -15.86
N SER A 250 4.45 -32.09 -16.85
CA SER A 250 4.13 -31.65 -18.21
C SER A 250 3.56 -30.22 -18.19
N ASN A 251 4.19 -29.36 -17.39
CA ASN A 251 3.80 -27.96 -17.27
C ASN A 251 4.85 -27.03 -17.88
N LEU A 252 5.60 -27.54 -18.86
CA LEU A 252 6.66 -26.73 -19.47
C LEU A 252 6.15 -25.41 -20.04
N PRO A 253 4.99 -25.35 -20.70
CA PRO A 253 4.54 -24.05 -21.23
C PRO A 253 4.43 -22.98 -20.15
N ASN A 254 4.08 -23.36 -18.92
CA ASN A 254 4.01 -22.41 -17.82
C ASN A 254 5.32 -22.29 -17.05
N PHE A 255 6.37 -22.98 -17.49
CA PHE A 255 7.67 -22.88 -16.83
C PHE A 255 8.12 -21.43 -16.77
N ARG A 256 8.30 -20.93 -15.55
CA ARG A 256 8.69 -19.54 -15.34
C ARG A 256 10.20 -19.34 -15.31
N GLY A 257 10.99 -20.42 -15.38
CA GLY A 257 12.43 -20.30 -15.36
C GLY A 257 13.02 -20.00 -16.72
N PHE A 258 14.29 -19.60 -16.70
CA PHE A 258 15.05 -19.26 -17.90
C PHE A 258 16.29 -20.18 -17.93
N ASN A 259 16.16 -21.29 -18.64
CA ASN A 259 17.21 -22.31 -18.59
C ASN A 259 18.43 -21.88 -19.40
N ALA A 260 18.26 -21.54 -20.68
CA ALA A 260 19.38 -21.31 -21.58
C ALA A 260 19.13 -20.13 -22.49
N MET A 261 18.66 -19.01 -21.93
CA MET A 261 18.52 -17.80 -22.74
C MET A 261 19.80 -16.98 -22.74
N GLN A 262 20.35 -16.70 -21.56
CA GLN A 262 21.69 -16.13 -21.45
C GLN A 262 22.11 -16.15 -19.99
N GLY A 263 23.40 -16.39 -19.77
CA GLY A 263 23.95 -16.39 -18.43
C GLY A 263 24.66 -15.10 -18.08
N LYS A 264 25.47 -14.60 -19.01
CA LYS A 264 26.14 -13.32 -18.82
C LYS A 264 26.14 -12.43 -20.06
N SER A 265 25.99 -12.97 -21.26
CA SER A 265 26.28 -12.30 -22.52
C SER A 265 25.70 -10.90 -22.58
N PRO A 266 26.52 -9.85 -22.53
CA PRO A 266 26.03 -8.51 -22.80
C PRO A 266 26.20 -8.15 -24.27
N PHE A 267 25.58 -7.02 -24.65
CA PHE A 267 25.80 -6.43 -25.96
C PHE A 267 26.68 -5.18 -25.87
N ASP A 268 27.35 -4.98 -24.74
CA ASP A 268 28.29 -3.88 -24.55
C ASP A 268 29.52 -4.38 -23.80
N GLY A 269 30.01 -5.56 -24.16
CA GLY A 269 31.15 -6.14 -23.47
C GLY A 269 32.47 -5.68 -24.03
N ASP A 270 33.46 -6.58 -24.08
CA ASP A 270 34.80 -6.24 -24.57
C ASP A 270 35.13 -7.00 -25.85
N GLN A 271 35.05 -8.34 -25.83
CA GLN A 271 35.36 -9.15 -27.00
C GLN A 271 34.32 -10.26 -27.08
N VAL A 272 33.59 -10.32 -28.20
CA VAL A 272 32.53 -11.31 -28.33
C VAL A 272 33.12 -12.72 -28.36
N TRP A 273 34.29 -12.90 -28.95
CA TRP A 273 34.94 -14.21 -28.98
C TRP A 273 36.03 -14.31 -27.91
N GLU B 14 -38.32 -67.83 -0.38
CA GLU B 14 -39.48 -67.58 0.47
C GLU B 14 -39.32 -66.24 1.19
N GLY B 15 -38.40 -66.19 2.15
CA GLY B 15 -38.13 -64.98 2.90
C GLY B 15 -36.88 -65.11 3.74
N ILE B 16 -36.01 -64.10 3.71
CA ILE B 16 -34.69 -64.19 4.33
C ILE B 16 -34.46 -63.06 5.33
N VAL B 17 -34.58 -61.80 4.89
CA VAL B 17 -34.19 -60.68 5.73
C VAL B 17 -34.94 -59.44 5.26
N ALA B 18 -35.30 -58.58 6.22
CA ALA B 18 -35.88 -57.28 5.96
C ALA B 18 -34.87 -56.16 5.99
N GLY B 19 -33.96 -56.15 6.97
CA GLY B 19 -32.94 -55.13 7.07
C GLY B 19 -33.06 -54.28 8.31
N ILE B 20 -33.41 -53.01 8.13
CA ILE B 20 -33.67 -52.07 9.22
C ILE B 20 -32.58 -52.12 10.28
N THR B 21 -31.37 -52.53 9.89
CA THR B 21 -30.27 -52.61 10.84
C THR B 21 -29.69 -51.23 11.13
N PRO B 22 -29.55 -50.34 10.14
CA PRO B 22 -28.98 -49.02 10.46
C PRO B 22 -29.95 -48.14 11.24
N ASN B 23 -31.23 -48.16 10.87
CA ASN B 23 -32.19 -47.25 11.49
C ASN B 23 -32.33 -47.50 12.98
N ILE B 24 -32.85 -48.68 13.35
CA ILE B 24 -33.21 -48.94 14.74
C ILE B 24 -31.97 -48.88 15.63
N ASP B 25 -30.87 -49.50 15.20
CA ASP B 25 -29.68 -49.56 16.04
C ASP B 25 -29.18 -48.16 16.36
N ALA B 26 -29.31 -47.24 15.41
CA ALA B 26 -28.82 -45.87 15.56
C ALA B 26 -29.93 -44.89 15.94
N LEU B 27 -31.15 -45.36 16.11
CA LEU B 27 -32.29 -44.47 16.29
C LEU B 27 -32.29 -43.87 17.70
N GLU B 28 -33.27 -43.02 17.97
CA GLU B 28 -33.43 -42.35 19.25
C GLU B 28 -33.84 -43.35 20.32
N LEU B 29 -32.94 -44.28 20.65
CA LEU B 29 -33.24 -45.34 21.59
C LEU B 29 -32.24 -45.34 22.73
N ASN B 30 -32.74 -45.22 23.95
CA ASN B 30 -31.91 -45.47 25.13
C ASN B 30 -31.46 -46.92 25.22
N GLN B 31 -31.87 -47.76 24.27
CA GLN B 31 -31.30 -49.07 24.05
C GLN B 31 -30.81 -49.18 22.60
N ASP B 32 -30.44 -50.39 22.19
CA ASP B 32 -29.75 -50.61 20.94
C ASP B 32 -29.58 -52.11 20.76
N ILE B 33 -29.19 -52.51 19.55
CA ILE B 33 -29.02 -53.92 19.23
C ILE B 33 -30.35 -54.63 19.44
N SER B 34 -31.44 -53.94 19.08
CA SER B 34 -32.77 -54.49 19.24
C SER B 34 -33.05 -55.52 18.15
N LEU B 35 -33.53 -56.70 18.56
CA LEU B 35 -33.86 -57.77 17.63
C LEU B 35 -32.65 -58.14 16.77
N ALA B 36 -31.47 -58.15 17.38
CA ALA B 36 -30.24 -58.45 16.66
C ALA B 36 -29.88 -59.93 16.72
N ALA B 37 -30.11 -60.58 17.87
CA ALA B 37 -29.76 -61.99 18.00
C ALA B 37 -30.53 -62.86 17.00
N VAL B 38 -31.73 -62.45 16.63
CA VAL B 38 -32.53 -63.23 15.70
C VAL B 38 -31.91 -63.25 14.31
N ALA B 39 -31.17 -62.20 13.92
CA ALA B 39 -30.61 -62.13 12.58
C ALA B 39 -29.75 -63.35 12.27
N ALA B 40 -28.80 -63.66 13.16
CA ALA B 40 -27.98 -64.86 12.97
C ALA B 40 -28.79 -66.12 13.18
N SER B 41 -29.79 -66.08 14.06
CA SER B 41 -30.66 -67.23 14.32
C SER B 41 -31.74 -67.27 13.25
N THR B 42 -31.38 -67.81 12.10
CA THR B 42 -32.29 -67.78 10.95
C THR B 42 -33.34 -68.89 11.03
N TRP B 43 -32.91 -70.14 11.00
CA TRP B 43 -33.83 -71.27 10.97
C TRP B 43 -34.86 -71.02 9.86
N GLY B 44 -36.05 -71.62 9.97
CA GLY B 44 -37.13 -71.34 9.04
C GLY B 44 -37.82 -72.59 8.53
N GLY B 45 -39.13 -72.66 8.74
CA GLY B 45 -39.93 -73.76 8.23
C GLY B 45 -41.29 -73.32 7.75
N ALA B 46 -41.38 -72.08 7.27
CA ALA B 46 -42.67 -71.50 6.92
C ALA B 46 -43.35 -72.29 5.80
N TYR B 47 -42.59 -72.73 4.80
CA TYR B 47 -43.17 -73.41 3.66
C TYR B 47 -43.99 -74.62 4.12
N GLY B 48 -45.17 -74.78 3.54
CA GLY B 48 -46.05 -75.88 3.89
C GLY B 48 -47.45 -75.42 4.27
N ALA B 49 -48.46 -76.12 3.78
CA ALA B 49 -49.85 -75.78 4.07
C ALA B 49 -50.63 -77.05 4.39
N HIS B 50 -51.59 -76.91 5.30
CA HIS B 50 -52.49 -77.99 5.69
C HIS B 50 -53.91 -77.58 5.31
N GLN B 51 -54.85 -78.52 5.42
CA GLN B 51 -56.24 -78.29 5.02
C GLN B 51 -57.20 -78.56 6.18
N PRO B 52 -57.21 -77.71 7.19
CA PRO B 52 -58.33 -77.74 8.15
C PRO B 52 -59.61 -77.15 7.57
N VAL B 53 -60.00 -77.60 6.39
CA VAL B 53 -61.13 -77.06 5.65
C VAL B 53 -61.16 -75.54 5.79
N GLU B 54 -60.05 -74.88 5.44
CA GLU B 54 -59.98 -73.43 5.54
C GLU B 54 -60.34 -72.76 4.22
N VAL B 55 -59.53 -72.99 3.18
CA VAL B 55 -59.68 -72.45 1.83
C VAL B 55 -58.31 -72.53 1.17
N ILE B 56 -57.28 -72.23 1.95
CA ILE B 56 -55.88 -72.40 1.56
C ILE B 56 -55.56 -71.41 0.45
N HIS B 57 -55.08 -70.24 0.85
CA HIS B 57 -54.69 -69.17 -0.07
C HIS B 57 -53.41 -68.54 0.48
N SER B 58 -52.27 -69.06 0.07
CA SER B 58 -50.96 -68.60 0.51
C SER B 58 -50.19 -68.15 -0.73
N THR B 59 -49.98 -66.84 -0.83
CA THR B 59 -49.31 -66.25 -1.99
C THR B 59 -48.08 -65.48 -1.53
N TYR B 60 -47.01 -65.57 -2.32
CA TYR B 60 -45.80 -64.79 -2.07
C TYR B 60 -45.09 -65.24 -0.81
N GLN B 61 -45.62 -64.86 0.35
CA GLN B 61 -45.04 -65.23 1.65
C GLN B 61 -43.59 -64.77 1.75
N ALA B 62 -43.38 -63.46 1.73
CA ALA B 62 -42.05 -62.88 1.74
C ALA B 62 -41.87 -61.96 2.95
N VAL B 63 -40.69 -61.34 3.04
CA VAL B 63 -40.33 -60.44 4.13
C VAL B 63 -40.58 -59.01 3.66
N HIS B 64 -40.85 -58.11 4.61
CA HIS B 64 -41.03 -56.70 4.29
C HIS B 64 -41.15 -55.91 5.58
N GLN B 65 -40.54 -54.72 5.60
CA GLN B 65 -40.79 -53.75 6.66
C GLN B 65 -40.55 -54.43 8.01
N SER B 66 -40.95 -53.81 9.10
CA SER B 66 -40.96 -54.44 10.40
C SER B 66 -41.95 -53.67 11.28
N ALA B 67 -41.90 -53.94 12.59
CA ALA B 67 -42.72 -53.16 13.51
C ALA B 67 -42.52 -51.66 13.28
N LEU B 68 -41.31 -51.27 12.88
CA LEU B 68 -40.89 -49.89 12.67
C LEU B 68 -40.81 -49.12 13.98
N GLU B 69 -41.22 -49.73 15.09
CA GLU B 69 -41.17 -49.10 16.40
C GLU B 69 -40.61 -50.08 17.41
N GLU B 70 -39.45 -50.68 17.09
CA GLU B 70 -38.74 -51.58 17.97
C GLU B 70 -37.96 -50.82 19.03
N ASN B 71 -38.39 -49.60 19.32
CA ASN B 71 -37.60 -48.66 20.10
C ASN B 71 -37.36 -49.14 21.53
N TYR B 72 -36.16 -48.86 22.02
CA TYR B 72 -35.83 -49.01 23.46
C TYR B 72 -35.83 -50.47 23.88
N TYR B 73 -35.19 -51.33 23.09
CA TYR B 73 -35.19 -52.76 23.32
C TYR B 73 -33.77 -53.31 23.42
N ASN B 74 -33.52 -54.10 24.46
CA ASN B 74 -32.40 -55.05 24.54
C ASN B 74 -31.02 -54.39 24.63
N ARG B 75 -30.84 -53.48 25.59
CA ARG B 75 -29.51 -53.23 26.15
C ARG B 75 -29.60 -52.25 27.32
N LEU B 76 -28.46 -51.78 27.80
CA LEU B 76 -28.41 -50.93 28.99
C LEU B 76 -29.14 -49.60 28.76
N TRP B 77 -29.27 -48.84 29.84
CA TRP B 77 -29.77 -47.47 29.81
C TRP B 77 -28.75 -46.54 30.46
N LEU B 78 -28.81 -45.26 30.07
CA LEU B 78 -28.03 -44.20 30.70
C LEU B 78 -28.94 -43.00 30.90
N ILE B 79 -29.65 -42.99 32.04
CA ILE B 79 -30.55 -41.88 32.34
C ILE B 79 -29.79 -40.56 32.51
N PRO B 80 -28.71 -40.49 33.29
CA PRO B 80 -28.03 -39.20 33.49
C PRO B 80 -27.06 -38.91 32.35
N THR B 81 -27.24 -37.75 31.72
CA THR B 81 -26.36 -37.31 30.63
C THR B 81 -25.51 -36.11 31.00
N ALA B 82 -25.99 -35.24 31.90
CA ALA B 82 -25.23 -34.07 32.32
C ALA B 82 -25.71 -33.67 33.69
N MET B 83 -24.80 -33.64 34.67
CA MET B 83 -25.12 -33.34 36.05
C MET B 83 -24.71 -31.92 36.38
N GLU B 84 -25.66 -31.14 36.91
CA GLU B 84 -25.41 -29.75 37.31
C GLU B 84 -25.17 -29.74 38.82
N LEU B 85 -23.96 -30.13 39.20
CA LEU B 85 -23.61 -30.13 40.63
C LEU B 85 -23.50 -28.71 41.18
N GLY B 86 -23.17 -27.74 40.34
CA GLY B 86 -23.06 -26.37 40.81
C GLY B 86 -22.02 -26.26 41.90
N ASN B 87 -22.40 -25.62 43.00
CA ASN B 87 -21.51 -25.42 44.13
C ASN B 87 -21.71 -26.55 45.14
N VAL B 88 -20.64 -27.28 45.43
CA VAL B 88 -20.68 -28.41 46.34
C VAL B 88 -20.01 -27.98 47.64
N VAL B 89 -20.76 -28.04 48.74
CA VAL B 89 -20.23 -27.70 50.05
C VAL B 89 -20.44 -28.79 51.09
N SER B 90 -21.38 -29.71 50.89
CA SER B 90 -21.66 -30.78 51.83
C SER B 90 -21.73 -32.10 51.09
N THR B 91 -21.83 -33.19 51.86
CA THR B 91 -21.90 -34.53 51.30
C THR B 91 -23.22 -34.71 50.56
N GLN B 92 -23.17 -34.77 49.23
CA GLN B 92 -24.33 -34.99 48.40
C GLN B 92 -24.37 -36.44 47.93
N ILE B 93 -25.59 -36.95 47.74
CA ILE B 93 -25.82 -38.31 47.27
C ILE B 93 -26.79 -38.24 46.09
N ARG B 94 -26.44 -38.91 45.00
CA ARG B 94 -27.27 -38.93 43.81
C ARG B 94 -27.45 -40.37 43.33
N PRO B 95 -28.56 -40.66 42.65
CA PRO B 95 -28.78 -42.02 42.14
C PRO B 95 -28.30 -42.20 40.71
N ALA B 96 -27.71 -43.38 40.47
CA ALA B 96 -27.31 -43.81 39.14
C ALA B 96 -27.86 -45.19 38.89
N SER B 97 -28.59 -45.35 37.79
CA SER B 97 -29.25 -46.61 37.48
C SER B 97 -29.02 -46.96 36.02
N VAL B 98 -28.97 -48.27 35.74
CA VAL B 98 -28.82 -48.79 34.40
C VAL B 98 -29.76 -49.98 34.25
N TRP B 99 -30.52 -50.03 33.16
CA TRP B 99 -31.50 -51.08 32.90
C TRP B 99 -31.04 -51.89 31.70
N ASN B 100 -30.78 -53.19 31.94
CA ASN B 100 -30.40 -54.10 30.86
C ASN B 100 -31.62 -54.91 30.44
N ALA B 101 -31.98 -54.81 29.15
CA ALA B 101 -33.09 -55.57 28.60
C ALA B 101 -32.65 -56.82 27.83
N TYR B 102 -31.35 -57.09 27.78
CA TYR B 102 -30.90 -58.32 27.15
C TYR B 102 -31.42 -59.52 27.92
N PHE B 103 -31.72 -60.59 27.17
CA PHE B 103 -32.05 -61.86 27.78
C PHE B 103 -30.85 -62.50 28.48
N SER B 104 -29.65 -61.97 28.27
CA SER B 104 -28.44 -62.38 28.96
C SER B 104 -27.75 -61.16 29.55
N PRO B 105 -27.07 -61.30 30.68
CA PRO B 105 -26.46 -60.12 31.31
C PRO B 105 -25.39 -59.48 30.44
N ARG B 106 -25.25 -58.17 30.60
CA ARG B 106 -24.16 -57.39 29.99
C ARG B 106 -23.23 -56.98 31.13
N THR B 107 -22.10 -57.67 31.26
CA THR B 107 -21.18 -57.43 32.36
C THR B 107 -20.31 -56.22 32.05
N LEU B 108 -20.21 -55.31 33.01
CA LEU B 108 -19.36 -54.13 32.86
C LEU B 108 -17.90 -54.54 32.98
N THR B 109 -17.09 -54.13 32.00
CA THR B 109 -15.69 -54.51 32.00
C THR B 109 -14.98 -53.95 33.22
N ALA B 110 -15.16 -52.66 33.50
CA ALA B 110 -14.55 -52.01 34.65
C ALA B 110 -15.02 -50.56 34.67
N ILE B 111 -14.72 -49.88 35.77
CA ILE B 111 -15.00 -48.45 35.93
C ILE B 111 -13.65 -47.77 36.12
N ASP B 112 -13.07 -47.30 35.02
CA ASP B 112 -11.78 -46.60 35.07
C ASP B 112 -12.00 -45.22 35.68
N ARG B 113 -11.68 -45.09 36.95
CA ARG B 113 -11.90 -43.84 37.68
C ARG B 113 -10.76 -42.88 37.40
N GLU B 114 -11.06 -41.80 36.67
CA GLU B 114 -10.09 -40.75 36.38
C GLU B 114 -10.57 -39.47 37.05
N ALA B 115 -9.70 -38.89 37.88
CA ALA B 115 -10.01 -37.67 38.63
C ALA B 115 -11.29 -37.80 39.45
N ALA B 116 -11.70 -39.04 39.74
CA ALA B 116 -12.92 -39.31 40.48
C ALA B 116 -12.66 -39.66 41.95
N ASP B 117 -11.46 -39.36 42.44
CA ASP B 117 -11.14 -39.65 43.83
C ASP B 117 -12.12 -38.91 44.75
N GLY B 118 -12.52 -39.58 45.82
CA GLY B 118 -13.55 -39.06 46.69
C GLY B 118 -14.96 -39.41 46.30
N ILE B 119 -15.13 -40.22 45.25
CA ILE B 119 -16.45 -40.67 44.82
C ILE B 119 -16.51 -42.19 45.03
N THR B 120 -17.47 -42.64 45.83
CA THR B 120 -17.56 -44.03 46.21
C THR B 120 -19.01 -44.50 46.09
N LEU B 121 -19.16 -45.78 45.76
CA LEU B 121 -20.46 -46.44 45.72
C LEU B 121 -20.54 -47.45 46.85
N SER B 122 -21.58 -47.34 47.66
CA SER B 122 -21.78 -48.20 48.82
C SER B 122 -22.91 -49.19 48.56
N GLY B 123 -22.77 -50.38 49.14
CA GLY B 123 -23.76 -51.42 48.97
C GLY B 123 -23.68 -52.18 47.67
N GLN B 124 -22.63 -51.98 46.88
CA GLN B 124 -22.47 -52.64 45.60
C GLN B 124 -21.15 -53.39 45.57
N ALA B 125 -21.15 -54.51 44.83
CA ALA B 125 -19.96 -55.33 44.69
C ALA B 125 -19.02 -54.70 43.68
N SER B 126 -18.03 -55.47 43.22
CA SER B 126 -17.05 -54.93 42.28
C SER B 126 -17.75 -54.53 40.98
N PRO B 127 -17.15 -53.62 40.22
CA PRO B 127 -17.81 -53.09 39.01
C PRO B 127 -18.28 -54.21 38.08
N PRO B 128 -17.48 -55.27 37.87
CA PRO B 128 -17.97 -56.37 37.04
C PRO B 128 -19.08 -57.15 37.74
N LEU B 129 -20.31 -57.01 37.24
CA LEU B 129 -21.47 -57.64 37.86
C LEU B 129 -22.56 -57.74 36.81
N GLY B 130 -23.08 -58.95 36.60
CA GLY B 130 -24.09 -59.14 35.58
C GLY B 130 -25.40 -58.44 35.92
N PHE B 131 -26.10 -58.01 34.88
CA PHE B 131 -27.43 -57.42 35.00
C PHE B 131 -28.46 -58.44 34.55
N ALA B 132 -29.41 -58.76 35.43
CA ALA B 132 -30.47 -59.67 35.06
C ALA B 132 -31.41 -59.00 34.05
N ALA B 133 -32.06 -59.82 33.24
CA ALA B 133 -33.01 -59.30 32.26
C ALA B 133 -34.14 -58.56 32.99
N LEU B 134 -34.60 -57.47 32.39
CA LEU B 134 -35.69 -56.68 32.96
C LEU B 134 -35.37 -56.25 34.39
N GLU B 135 -34.09 -56.00 34.66
CA GLU B 135 -33.63 -55.60 35.98
C GLU B 135 -32.97 -54.23 35.89
N GLU B 136 -33.37 -53.33 36.79
CA GLU B 136 -32.77 -52.01 36.91
C GLU B 136 -32.01 -51.94 38.22
N ARG B 137 -30.70 -51.73 38.13
CA ARG B 137 -29.82 -51.65 39.29
C ARG B 137 -29.44 -50.19 39.49
N THR B 138 -29.95 -49.59 40.56
CA THR B 138 -29.72 -48.18 40.87
C THR B 138 -28.63 -48.09 41.93
N TRP B 139 -27.44 -47.66 41.51
CA TRP B 139 -26.36 -47.45 42.47
C TRP B 139 -26.59 -46.16 43.25
N THR B 140 -25.85 -46.02 44.34
CA THR B 140 -25.93 -44.85 45.21
C THR B 140 -24.65 -44.04 45.01
N VAL B 141 -24.72 -43.00 44.17
CA VAL B 141 -23.58 -42.16 43.87
C VAL B 141 -23.39 -41.21 45.06
N SER B 142 -22.48 -41.56 45.96
CA SER B 142 -22.20 -40.74 47.13
C SER B 142 -21.10 -39.75 46.78
N ILE B 143 -21.39 -38.46 46.95
CA ILE B 143 -20.43 -37.40 46.68
C ILE B 143 -19.91 -36.88 48.02
N GLY B 144 -18.61 -37.01 48.23
CA GLY B 144 -17.99 -36.60 49.47
C GLY B 144 -17.75 -35.10 49.53
N THR B 145 -17.07 -34.69 50.59
CA THR B 145 -16.78 -33.29 50.83
C THR B 145 -15.29 -32.95 50.66
N ASP B 146 -14.42 -33.94 50.59
CA ASP B 146 -12.98 -33.73 50.45
C ASP B 146 -12.56 -34.11 49.04
N GLY B 147 -11.81 -33.21 48.40
CA GLY B 147 -11.30 -33.46 47.07
C GLY B 147 -10.78 -32.19 46.42
N PRO B 148 -10.27 -32.31 45.20
CA PRO B 148 -9.77 -31.14 44.47
C PRO B 148 -10.90 -30.14 44.23
N PRO B 149 -10.57 -28.86 44.11
CA PRO B 149 -11.63 -27.84 43.98
C PRO B 149 -12.49 -28.02 42.74
N VAL B 150 -11.85 -28.23 41.60
CA VAL B 150 -12.56 -28.38 40.33
C VAL B 150 -12.84 -29.86 40.11
N VAL B 151 -14.12 -30.20 39.95
CA VAL B 151 -14.55 -31.57 39.71
C VAL B 151 -14.54 -31.80 38.21
N ASN B 152 -13.48 -32.42 37.70
CA ASN B 152 -13.35 -32.76 36.28
C ASN B 152 -13.25 -34.28 36.22
N ALA B 153 -14.40 -34.95 36.16
CA ALA B 153 -14.48 -36.40 36.20
C ALA B 153 -15.08 -36.93 34.90
N ARG B 154 -14.53 -38.05 34.42
CA ARG B 154 -15.03 -38.73 33.23
C ARG B 154 -15.06 -40.23 33.53
N ILE B 155 -16.20 -40.71 34.02
CA ILE B 155 -16.38 -42.12 34.32
C ILE B 155 -16.90 -42.82 33.06
N VAL B 156 -16.23 -43.90 32.68
CA VAL B 156 -16.52 -44.61 31.43
C VAL B 156 -17.22 -45.92 31.76
N TRP B 157 -18.39 -46.13 31.16
CA TRP B 157 -19.16 -47.36 31.30
C TRP B 157 -18.95 -48.16 30.01
N ARG B 158 -17.88 -48.95 29.97
CA ARG B 158 -17.46 -49.65 28.77
C ARG B 158 -17.93 -51.09 28.82
N LEU B 159 -18.61 -51.53 27.75
CA LEU B 159 -19.10 -52.90 27.63
C LEU B 159 -18.83 -53.39 26.21
N GLN B 160 -18.77 -54.71 26.08
CA GLN B 160 -18.50 -55.32 24.79
C GLN B 160 -19.64 -55.05 23.80
N GLY B 161 -19.27 -54.86 22.54
CA GLY B 161 -20.26 -54.67 21.49
C GLY B 161 -21.11 -53.43 21.65
N GLU B 162 -20.65 -52.45 22.44
CA GLU B 162 -21.40 -51.22 22.66
C GLU B 162 -20.39 -50.08 22.70
N PRO B 163 -20.67 -48.96 22.03
CA PRO B 163 -19.76 -47.82 22.12
C PRO B 163 -19.68 -47.30 23.55
N ASN B 164 -18.52 -46.75 23.89
CA ASN B 164 -18.30 -46.25 25.25
C ASN B 164 -19.36 -45.22 25.62
N LEU B 165 -19.96 -45.40 26.79
CA LEU B 165 -20.97 -44.49 27.32
C LEU B 165 -20.40 -43.85 28.58
N VAL B 166 -19.71 -42.73 28.40
CA VAL B 166 -19.00 -42.09 29.49
C VAL B 166 -19.96 -41.18 30.25
N LEU B 167 -20.03 -41.37 31.57
CA LEU B 167 -20.82 -40.53 32.46
C LEU B 167 -19.91 -39.45 33.01
N VAL B 168 -20.10 -38.21 32.55
CA VAL B 168 -19.24 -37.10 32.91
C VAL B 168 -19.86 -36.35 34.08
N ILE B 169 -19.11 -36.24 35.18
CA ILE B 169 -19.54 -35.52 36.37
C ILE B 169 -18.68 -34.25 36.46
N THR B 170 -19.35 -33.09 36.53
CA THR B 170 -18.66 -31.82 36.57
C THR B 170 -19.24 -30.96 37.68
N GLY B 171 -18.39 -30.12 38.27
CA GLY B 171 -18.80 -29.26 39.36
C GLY B 171 -17.60 -28.66 40.05
N ASN B 172 -17.83 -28.14 41.25
CA ASN B 172 -16.77 -27.54 42.04
C ASN B 172 -16.98 -27.86 43.50
N ARG B 173 -15.88 -27.92 44.25
CA ARG B 173 -15.91 -28.18 45.69
C ARG B 173 -15.60 -26.90 46.45
N ILE B 174 -16.43 -26.58 47.43
CA ILE B 174 -16.29 -25.37 48.24
C ILE B 174 -16.45 -25.74 49.70
N ILE B 175 -15.88 -24.91 50.56
CA ILE B 175 -15.99 -25.06 52.01
C ILE B 175 -16.64 -23.80 52.57
N ALA B 176 -17.66 -23.99 53.40
CA ALA B 176 -18.43 -22.87 53.94
C ALA B 176 -17.78 -22.31 55.19
N TRP B 177 -17.92 -21.00 55.37
CA TRP B 177 -17.41 -20.32 56.55
C TRP B 177 -18.44 -20.43 57.66
N THR B 178 -18.09 -21.15 58.72
CA THR B 178 -19.02 -21.48 59.80
C THR B 178 -18.54 -20.94 61.13
N PHE B 179 -18.05 -19.69 61.14
CA PHE B 179 -17.60 -19.03 62.35
C PHE B 179 -18.46 -17.79 62.58
N ALA B 180 -19.00 -17.68 63.79
CA ALA B 180 -19.86 -16.55 64.14
C ALA B 180 -19.01 -15.42 64.70
N PRO B 181 -18.92 -14.27 64.02
CA PRO B 181 -18.17 -13.15 64.58
C PRO B 181 -19.00 -12.37 65.59
N ASP B 182 -18.36 -12.02 66.71
CA ASP B 182 -19.06 -11.28 67.75
C ASP B 182 -19.49 -9.91 67.24
N TRP B 183 -20.58 -9.40 67.82
CA TRP B 183 -21.22 -8.17 67.35
C TRP B 183 -20.92 -6.98 68.25
N GLY B 184 -19.84 -7.05 69.03
CA GLY B 184 -19.47 -5.90 69.86
C GLY B 184 -19.12 -4.69 69.02
N ASP B 185 -18.33 -4.88 67.96
CA ASP B 185 -17.97 -3.82 67.05
C ASP B 185 -18.82 -3.91 65.79
N SER B 186 -19.25 -2.77 65.28
CA SER B 186 -20.11 -2.74 64.11
C SER B 186 -19.42 -3.42 62.93
N ILE B 187 -20.19 -4.20 62.17
CA ILE B 187 -19.70 -4.82 60.96
C ILE B 187 -19.83 -3.83 59.81
N VAL B 188 -18.73 -3.64 59.07
CA VAL B 188 -18.67 -2.66 57.99
C VAL B 188 -18.85 -3.38 56.67
N GLU B 189 -19.85 -2.96 55.89
CA GLU B 189 -20.08 -3.47 54.55
C GLU B 189 -19.72 -2.36 53.55
N ARG B 190 -18.90 -2.70 52.58
CA ARG B 190 -18.37 -1.74 51.62
C ARG B 190 -18.86 -2.08 50.22
N LEU B 191 -19.47 -1.10 49.56
CA LEU B 191 -19.90 -1.23 48.17
C LEU B 191 -19.01 -0.31 47.32
N SER B 192 -18.26 -0.91 46.40
CA SER B 192 -17.31 -0.18 45.58
C SER B 192 -17.61 -0.43 44.10
N ALA B 193 -17.49 0.63 43.30
CA ALA B 193 -17.68 0.55 41.86
C ALA B 193 -16.65 1.46 41.19
N SER B 194 -16.49 1.29 39.89
CA SER B 194 -15.53 2.05 39.10
C SER B 194 -16.25 2.95 38.12
N THR B 195 -15.90 4.23 38.13
CA THR B 195 -16.51 5.21 37.23
C THR B 195 -15.47 6.29 36.96
N ASN B 196 -14.77 6.17 35.82
CA ASN B 196 -13.77 7.14 35.42
C ASN B 196 -14.45 8.27 34.64
N ILE B 197 -14.34 9.49 35.16
CA ILE B 197 -15.03 10.65 34.60
C ILE B 197 -13.98 11.69 34.22
N LEU B 198 -14.12 12.28 33.04
CA LEU B 198 -13.23 13.32 32.55
C LEU B 198 -14.05 14.55 32.21
N GLN B 199 -13.58 15.71 32.67
CA GLN B 199 -14.26 16.98 32.46
C GLN B 199 -13.39 17.90 31.62
N SER B 200 -14.05 18.76 30.84
CA SER B 200 -13.36 19.67 29.95
C SER B 200 -12.95 20.93 30.72
N GLU B 201 -12.49 21.94 29.98
CA GLU B 201 -12.15 23.21 30.62
C GLU B 201 -13.36 23.80 31.33
N SER B 202 -14.51 23.79 30.67
CA SER B 202 -15.75 24.19 31.32
C SER B 202 -16.20 23.12 32.30
N ALA B 203 -17.03 23.52 33.26
CA ALA B 203 -17.53 22.62 34.29
C ALA B 203 -18.63 21.73 33.70
N VAL B 204 -18.19 20.82 32.82
CA VAL B 204 -19.07 19.82 32.22
C VAL B 204 -18.41 18.46 32.37
N THR B 205 -19.18 17.46 32.76
CA THR B 205 -18.67 16.14 33.07
C THR B 205 -19.37 15.08 32.23
N GLN B 206 -18.59 14.16 31.68
CA GLN B 206 -19.09 12.97 31.04
C GLN B 206 -18.68 11.76 31.85
N ARG B 207 -19.63 10.87 32.14
CA ARG B 207 -19.43 9.78 33.06
C ARG B 207 -19.50 8.44 32.33
N ARG B 208 -18.66 7.51 32.76
CA ARG B 208 -18.40 6.26 32.04
C ARG B 208 -18.42 5.07 33.00
N ALA B 209 -19.47 4.98 33.81
CA ALA B 209 -19.60 3.91 34.78
C ALA B 209 -19.16 2.57 34.19
N MET B 210 -18.19 1.93 34.84
CA MET B 210 -17.54 0.75 34.29
C MET B 210 -18.18 -0.55 34.78
N ARG B 211 -18.18 -0.75 36.10
CA ARG B 211 -18.67 -2.01 36.67
C ARG B 211 -20.16 -1.88 36.98
N LEU B 212 -20.95 -2.76 36.35
CA LEU B 212 -22.40 -2.73 36.56
C LEU B 212 -22.78 -3.28 37.92
N ALA B 213 -22.08 -4.31 38.38
CA ALA B 213 -22.34 -4.92 39.68
C ALA B 213 -21.24 -4.53 40.64
N PRO B 214 -21.49 -3.67 41.63
CA PRO B 214 -20.39 -3.25 42.52
C PRO B 214 -19.84 -4.41 43.31
N ARG B 215 -18.53 -4.38 43.55
CA ARG B 215 -17.87 -5.40 44.35
C ARG B 215 -18.13 -5.15 45.83
N ARG B 216 -18.57 -6.19 46.54
CA ARG B 216 -18.94 -6.07 47.94
C ARG B 216 -17.83 -6.64 48.82
N GLU B 217 -17.43 -5.87 49.83
CA GLU B 217 -16.42 -6.28 50.78
C GLU B 217 -16.98 -6.22 52.19
N PHE B 218 -16.65 -7.22 53.01
CA PHE B 218 -17.12 -7.31 54.38
C PHE B 218 -15.92 -7.28 55.31
N ASP B 219 -16.02 -6.50 56.39
CA ASP B 219 -14.99 -6.41 57.41
C ASP B 219 -15.61 -6.71 58.76
N ALA B 220 -15.00 -7.63 59.51
CA ALA B 220 -15.54 -8.02 60.80
C ALA B 220 -14.42 -8.61 61.64
N ASN B 221 -14.68 -8.68 62.95
CA ASN B 221 -13.78 -9.30 63.91
C ASN B 221 -14.47 -10.50 64.55
N MET B 222 -13.69 -11.50 64.93
CA MET B 222 -14.24 -12.74 65.45
C MET B 222 -13.34 -13.26 66.57
N TYR B 223 -13.81 -14.33 67.21
CA TYR B 223 -13.09 -14.96 68.31
C TYR B 223 -13.23 -16.47 68.17
N ALA B 224 -12.34 -17.19 68.85
CA ALA B 224 -12.36 -18.65 68.83
C ALA B 224 -11.68 -19.16 70.08
N VAL B 225 -12.40 -19.92 70.90
CA VAL B 225 -11.87 -20.37 72.19
C VAL B 225 -11.92 -21.89 72.31
N ASP B 226 -13.11 -22.46 72.23
CA ASP B 226 -13.34 -23.87 72.55
C ASP B 226 -13.66 -24.64 71.26
N ARG B 227 -12.66 -25.38 70.78
CA ARG B 227 -12.85 -26.28 69.64
C ARG B 227 -12.99 -25.54 68.32
N GLU B 228 -13.05 -24.20 68.37
CA GLU B 228 -13.08 -23.41 67.15
C GLU B 228 -11.73 -22.84 66.77
N ARG B 229 -10.82 -22.66 67.72
CA ARG B 229 -9.50 -22.14 67.39
C ARG B 229 -8.72 -23.12 66.52
N GLN B 230 -8.67 -24.39 66.94
CA GLN B 230 -7.94 -25.39 66.17
C GLN B 230 -8.59 -25.62 64.81
N LEU B 231 -9.92 -25.66 64.77
CA LEU B 231 -10.61 -25.83 63.50
C LEU B 231 -10.32 -24.65 62.56
N LEU B 232 -10.35 -23.43 63.10
CA LEU B 232 -10.04 -22.26 62.30
C LEU B 232 -8.61 -22.31 61.77
N ASP B 233 -7.66 -22.69 62.62
CA ASP B 233 -6.27 -22.76 62.18
C ASP B 233 -6.11 -23.79 61.08
N MET B 234 -6.72 -24.97 61.25
CA MET B 234 -6.60 -26.01 60.23
C MET B 234 -7.24 -25.55 58.92
N THR B 235 -8.42 -24.93 58.98
CA THR B 235 -9.08 -24.49 57.77
C THR B 235 -8.26 -23.42 57.05
N LEU B 236 -7.72 -22.46 57.81
CA LEU B 236 -6.92 -21.41 57.18
C LEU B 236 -5.65 -21.98 56.56
N PHE B 237 -4.98 -22.90 57.25
CA PHE B 237 -3.77 -23.49 56.70
C PHE B 237 -4.08 -24.29 55.44
N GLY B 238 -5.16 -25.08 55.46
CA GLY B 238 -5.47 -25.94 54.35
C GLY B 238 -6.18 -25.23 53.20
N TRP B 239 -7.38 -24.71 53.46
CA TRP B 239 -8.15 -24.10 52.38
C TRP B 239 -7.51 -22.82 51.90
N GLY B 240 -7.05 -21.98 52.81
CA GLY B 240 -6.30 -20.79 52.41
C GLY B 240 -7.09 -19.91 51.47
N ALA B 241 -6.43 -19.49 50.38
CA ALA B 241 -7.01 -18.55 49.43
C ALA B 241 -7.81 -19.33 48.39
N ARG B 242 -9.01 -19.74 48.78
CA ARG B 242 -9.93 -20.43 47.89
C ARG B 242 -11.35 -20.01 48.22
N ILE B 243 -12.25 -20.23 47.26
CA ILE B 243 -13.63 -19.76 47.41
C ILE B 243 -14.25 -20.34 48.66
N TRP B 244 -14.98 -19.51 49.39
CA TRP B 244 -15.75 -19.91 50.56
C TRP B 244 -17.24 -19.81 50.23
N ALA B 245 -18.06 -20.12 51.23
CA ALA B 245 -19.50 -19.90 51.19
C ALA B 245 -19.83 -19.05 52.41
N LEU B 246 -19.70 -17.74 52.26
CA LEU B 246 -19.83 -16.83 53.39
C LEU B 246 -21.29 -16.59 53.73
N PRO B 247 -21.75 -16.92 54.93
CA PRO B 247 -23.11 -16.52 55.33
C PRO B 247 -23.18 -15.01 55.59
N ILE B 248 -24.36 -14.46 55.35
CA ILE B 248 -24.59 -13.03 55.54
C ILE B 248 -24.96 -12.82 57.00
N TRP B 249 -23.97 -12.45 57.82
CA TRP B 249 -24.23 -12.25 59.25
C TRP B 249 -25.29 -11.19 59.51
N PRO B 250 -25.29 -10.03 58.84
CA PRO B 250 -26.32 -9.01 59.14
C PRO B 250 -27.73 -9.50 58.87
N ASP B 251 -27.92 -10.54 58.06
CA ASP B 251 -29.23 -11.07 57.73
C ASP B 251 -29.62 -12.26 58.60
N ILE B 252 -29.17 -12.26 59.87
CA ILE B 252 -29.53 -13.35 60.76
C ILE B 252 -31.05 -13.47 60.86
N GLN B 253 -31.51 -14.70 61.01
CA GLN B 253 -32.94 -14.97 61.08
C GLN B 253 -33.18 -16.20 61.94
N LEU B 254 -34.21 -16.14 62.76
CA LEU B 254 -34.57 -17.24 63.67
C LEU B 254 -35.85 -17.90 63.19
N LEU B 255 -35.86 -19.23 63.18
CA LEU B 255 -37.03 -19.98 62.74
C LEU B 255 -38.18 -19.80 63.72
N HIS B 256 -39.40 -19.72 63.18
CA HIS B 256 -40.59 -19.58 64.01
C HIS B 256 -41.22 -20.91 64.36
N GLN B 257 -41.06 -21.92 63.52
CA GLN B 257 -41.60 -23.25 63.74
C GLN B 257 -40.53 -24.28 63.42
N PRO B 258 -40.60 -25.46 64.04
CA PRO B 258 -39.58 -26.48 63.77
C PRO B 258 -39.63 -26.97 62.34
N LEU B 259 -38.47 -27.34 61.82
CA LEU B 259 -38.34 -27.86 60.46
C LEU B 259 -38.21 -29.38 60.52
N ALA B 260 -39.18 -30.07 59.94
CA ALA B 260 -39.16 -31.53 59.93
C ALA B 260 -38.06 -32.04 59.00
N ALA B 261 -37.41 -33.12 59.42
CA ALA B 261 -36.36 -33.72 58.60
C ALA B 261 -36.96 -34.21 57.28
N GLY B 262 -36.27 -33.90 56.18
CA GLY B 262 -36.72 -34.29 54.87
C GLY B 262 -37.76 -33.37 54.24
N SER B 263 -38.19 -32.34 54.95
CA SER B 263 -39.19 -31.43 54.41
C SER B 263 -38.60 -30.60 53.27
N LEU B 264 -39.44 -30.28 52.29
CA LEU B 264 -39.05 -29.48 51.14
C LEU B 264 -39.73 -28.11 51.29
N GLY B 265 -38.93 -27.10 51.60
CA GLY B 265 -39.45 -25.74 51.75
C GLY B 265 -39.34 -25.28 53.19
N ILE B 266 -38.76 -24.08 53.36
CA ILE B 266 -38.59 -23.48 54.68
C ILE B 266 -39.44 -22.21 54.73
N PRO B 267 -40.59 -22.21 55.41
CA PRO B 267 -41.42 -20.98 55.49
C PRO B 267 -40.80 -19.98 56.45
N CYS B 268 -40.25 -18.90 55.89
CA CYS B 268 -39.60 -17.88 56.69
C CYS B 268 -39.73 -16.54 55.98
N ASP B 269 -39.55 -15.46 56.75
CA ASP B 269 -39.65 -14.12 56.19
C ASP B 269 -38.54 -13.89 55.17
N THR B 270 -38.92 -13.29 54.03
CA THR B 270 -37.97 -12.96 52.97
C THR B 270 -38.16 -11.53 52.52
N ALA B 271 -38.61 -10.65 53.41
CA ALA B 271 -38.86 -9.25 53.10
C ALA B 271 -37.56 -8.47 53.25
N GLY B 272 -37.06 -7.95 52.14
CA GLY B 272 -35.82 -7.17 52.19
C GLY B 272 -34.62 -7.98 52.66
N LEU B 273 -34.50 -9.21 52.17
CA LEU B 273 -33.37 -10.07 52.51
C LEU B 273 -32.58 -10.40 51.25
N ASP B 274 -31.33 -10.80 51.45
CA ASP B 274 -30.43 -11.13 50.35
C ASP B 274 -30.65 -12.58 49.89
N PHE B 275 -31.90 -12.85 49.51
CA PHE B 275 -32.29 -14.15 48.98
C PHE B 275 -32.61 -14.01 47.50
N ARG B 276 -32.00 -14.87 46.69
CA ARG B 276 -32.18 -14.84 45.25
C ARG B 276 -32.47 -16.24 44.73
N ASP B 277 -33.22 -16.31 43.64
CA ASP B 277 -33.58 -17.58 43.05
C ASP B 277 -32.32 -18.33 42.60
N GLY B 278 -32.25 -19.61 42.94
CA GLY B 278 -31.08 -20.40 42.63
C GLY B 278 -29.88 -20.09 43.48
N GLY B 279 -30.08 -19.51 44.65
CA GLY B 279 -29.00 -19.18 45.56
C GLY B 279 -28.70 -20.29 46.54
N LEU B 280 -28.16 -19.91 47.70
CA LEU B 280 -27.80 -20.86 48.73
C LEU B 280 -28.29 -20.36 50.08
N ALA B 281 -28.57 -21.31 50.98
CA ALA B 281 -28.96 -21.00 52.34
C ALA B 281 -28.20 -21.94 53.27
N MET B 282 -27.98 -21.48 54.51
CA MET B 282 -27.15 -22.21 55.47
C MET B 282 -27.78 -22.11 56.85
N LEU B 283 -28.38 -23.20 57.30
CA LEU B 283 -28.85 -23.29 58.68
C LEU B 283 -27.67 -23.50 59.61
N ARG B 284 -27.80 -23.01 60.83
CA ARG B 284 -26.74 -23.09 61.82
C ARG B 284 -27.32 -23.42 63.19
N GLY B 285 -26.47 -23.96 64.05
CA GLY B 285 -26.84 -24.25 65.42
C GLY B 285 -25.99 -23.47 66.41
N GLU B 286 -25.96 -23.93 67.66
CA GLU B 286 -25.16 -23.24 68.67
C GLU B 286 -23.67 -23.33 68.34
N ASP B 287 -23.21 -24.48 67.89
CA ASP B 287 -21.80 -24.70 67.61
C ASP B 287 -21.53 -24.62 66.11
N ALA B 288 -20.25 -24.58 65.76
CA ALA B 288 -19.86 -24.49 64.36
C ALA B 288 -20.29 -25.72 63.58
N PHE B 289 -20.19 -26.90 64.20
CA PHE B 289 -20.48 -28.14 63.48
C PHE B 289 -21.93 -28.21 63.02
N THR B 290 -22.86 -27.76 63.88
CA THR B 290 -24.28 -27.87 63.56
C THR B 290 -24.62 -26.89 62.45
N TYR B 291 -24.69 -27.40 61.21
CA TYR B 291 -25.01 -26.58 60.05
C TYR B 291 -25.27 -27.50 58.87
N GLU B 292 -25.89 -26.93 57.84
CA GLU B 292 -26.17 -27.66 56.61
C GLU B 292 -26.58 -26.66 55.54
N VAL B 293 -26.08 -26.85 54.33
CA VAL B 293 -26.29 -25.92 53.23
C VAL B 293 -27.26 -26.55 52.23
N VAL B 294 -28.20 -25.74 51.75
CA VAL B 294 -29.20 -26.19 50.79
C VAL B 294 -29.29 -25.16 49.66
N GLU B 295 -29.83 -25.61 48.53
CA GLU B 295 -29.99 -24.78 47.34
C GLU B 295 -31.43 -24.29 47.27
N VAL B 296 -31.61 -22.98 47.20
CA VAL B 296 -32.93 -22.36 47.12
C VAL B 296 -33.27 -22.16 45.65
N LYS B 297 -34.47 -22.63 45.26
CA LYS B 297 -34.88 -22.50 43.86
C LYS B 297 -35.50 -21.13 43.59
N THR B 298 -36.53 -20.76 44.34
CA THR B 298 -37.22 -19.50 44.13
C THR B 298 -37.73 -18.98 45.46
N VAL B 299 -38.21 -17.74 45.44
CA VAL B 299 -38.74 -17.06 46.62
C VAL B 299 -40.24 -16.86 46.43
N THR B 300 -41.02 -17.34 47.39
CA THR B 300 -42.47 -17.23 47.36
C THR B 300 -43.01 -16.12 48.26
N ALA B 301 -42.12 -15.28 48.80
CA ALA B 301 -42.51 -14.17 49.68
C ALA B 301 -42.89 -14.67 51.07
N SER B 302 -42.92 -15.99 51.25
CA SER B 302 -43.17 -16.57 52.56
C SER B 302 -42.30 -17.77 52.88
N GLY B 303 -41.61 -18.36 51.91
CA GLY B 303 -40.77 -19.52 52.12
C GLY B 303 -39.70 -19.61 51.07
N LEU B 304 -38.90 -20.67 51.15
CA LEU B 304 -37.77 -20.89 50.25
C LEU B 304 -37.96 -22.24 49.58
N ASP B 305 -38.38 -22.23 48.32
CA ASP B 305 -38.52 -23.48 47.59
C ASP B 305 -37.17 -24.18 47.50
N LEU B 306 -37.17 -25.48 47.79
CA LEU B 306 -35.95 -26.27 47.87
C LEU B 306 -36.04 -27.45 46.91
N VAL B 307 -34.89 -27.87 46.39
CA VAL B 307 -34.82 -28.95 45.42
C VAL B 307 -34.41 -30.25 46.11
N ARG B 308 -33.61 -30.13 47.16
CA ARG B 308 -33.12 -31.28 47.89
C ARG B 308 -33.67 -31.27 49.31
N PRO B 309 -34.25 -32.36 49.80
CA PRO B 309 -34.80 -32.36 51.16
C PRO B 309 -33.69 -32.21 52.21
N VAL B 310 -34.06 -31.59 53.33
CA VAL B 310 -33.13 -31.42 54.44
C VAL B 310 -33.01 -32.75 55.18
N GLN B 311 -31.78 -33.16 55.47
CA GLN B 311 -31.53 -34.48 56.05
C GLN B 311 -31.42 -34.45 57.57
N ALA B 312 -31.67 -33.31 58.21
CA ALA B 312 -31.63 -33.24 59.66
C ALA B 312 -32.52 -32.10 60.12
N ALA B 313 -33.26 -32.33 61.20
CA ALA B 313 -34.26 -31.40 61.69
C ALA B 313 -33.68 -30.53 62.79
N TRP B 314 -33.83 -29.22 62.66
CA TRP B 314 -33.47 -28.26 63.69
C TRP B 314 -34.72 -27.53 64.15
N GLY B 315 -34.90 -27.45 65.46
CA GLY B 315 -36.07 -26.79 66.03
C GLY B 315 -35.90 -25.29 66.09
N THR B 316 -36.87 -24.65 66.73
CA THR B 316 -36.84 -23.20 66.88
C THR B 316 -35.57 -22.78 67.61
N GLY B 317 -34.95 -21.70 67.12
CA GLY B 317 -33.72 -21.17 67.67
C GLY B 317 -32.53 -21.27 66.72
N SER B 318 -32.56 -22.24 65.82
CA SER B 318 -31.48 -22.38 64.85
C SER B 318 -31.47 -21.18 63.90
N ARG B 319 -30.28 -20.72 63.57
CA ARG B 319 -30.11 -19.52 62.76
C ARG B 319 -30.17 -19.85 61.27
N LEU B 320 -30.71 -18.92 60.50
CA LEU B 320 -30.78 -19.03 59.04
C LEU B 320 -29.98 -17.87 58.45
N TYR B 321 -29.07 -18.20 57.53
CA TYR B 321 -28.16 -17.23 56.94
C TYR B 321 -28.21 -17.34 55.42
N PRO B 322 -28.44 -16.23 54.70
CA PRO B 322 -28.15 -16.25 53.26
C PRO B 322 -26.67 -16.48 53.01
N VAL B 323 -26.37 -17.17 51.91
CA VAL B 323 -25.01 -17.58 51.59
C VAL B 323 -24.63 -16.99 50.24
N ARG B 324 -23.44 -16.37 50.18
CA ARG B 324 -22.88 -15.86 48.95
C ARG B 324 -21.41 -16.25 48.87
N THR B 325 -20.96 -16.54 47.64
CA THR B 325 -19.56 -16.91 47.44
C THR B 325 -18.65 -15.75 47.85
N ALA B 326 -17.57 -16.08 48.54
CA ALA B 326 -16.63 -15.07 49.02
C ALA B 326 -15.23 -15.66 49.03
N GLN B 327 -14.24 -14.77 49.02
CA GLN B 327 -12.84 -15.14 49.06
C GLN B 327 -12.10 -14.23 50.03
N LEU B 328 -11.08 -14.80 50.68
CA LEU B 328 -10.28 -14.04 51.65
C LEU B 328 -9.39 -13.05 50.90
N THR B 329 -9.72 -11.76 50.99
CA THR B 329 -8.90 -10.75 50.31
C THR B 329 -7.48 -10.74 50.87
N GLU B 330 -7.34 -10.85 52.19
CA GLU B 330 -6.04 -10.92 52.84
C GLU B 330 -6.13 -11.86 54.02
N GLN B 331 -5.14 -12.72 54.17
CA GLN B 331 -5.17 -13.72 55.23
C GLN B 331 -5.12 -13.02 56.59
N PRO B 332 -6.05 -13.31 57.50
CA PRO B 332 -6.08 -12.56 58.77
C PRO B 332 -4.82 -12.79 59.59
N THR B 333 -4.44 -11.74 60.32
CA THR B 333 -3.31 -11.81 61.24
C THR B 333 -3.84 -12.20 62.62
N LEU B 334 -3.59 -13.45 63.01
CA LEU B 334 -4.14 -13.97 64.26
C LEU B 334 -3.31 -13.49 65.44
N THR B 335 -4.00 -13.02 66.48
CA THR B 335 -3.36 -12.55 67.70
C THR B 335 -3.74 -13.50 68.83
N ARG B 336 -2.73 -14.05 69.49
CA ARG B 336 -2.96 -15.01 70.57
C ARG B 336 -3.39 -14.29 71.84
N LEU B 337 -4.51 -14.72 72.41
CA LEU B 337 -4.99 -14.17 73.67
C LEU B 337 -4.56 -15.02 74.86
N THR B 338 -4.54 -16.34 74.69
CA THR B 338 -4.08 -17.25 75.74
C THR B 338 -3.66 -18.55 75.07
N ASP B 339 -3.52 -19.61 75.86
CA ASP B 339 -3.08 -20.90 75.32
C ASP B 339 -3.92 -21.30 74.11
N THR B 340 -5.24 -21.25 74.25
CA THR B 340 -6.19 -21.56 73.16
C THR B 340 -7.18 -20.41 73.05
N ALA B 341 -6.81 -19.39 72.29
CA ALA B 341 -7.67 -18.25 72.03
C ALA B 341 -7.03 -17.34 71.00
N GLN B 342 -7.77 -16.95 69.96
CA GLN B 342 -7.22 -16.09 68.93
C GLN B 342 -8.31 -15.22 68.35
N SER B 343 -8.08 -13.91 68.33
CA SER B 343 -8.97 -12.95 67.71
C SER B 343 -8.46 -12.62 66.32
N ALA B 344 -9.35 -12.64 65.34
CA ALA B 344 -8.98 -12.43 63.94
C ALA B 344 -9.83 -11.32 63.34
N ARG B 345 -9.25 -10.57 62.41
CA ARG B 345 -9.94 -9.54 61.66
C ARG B 345 -10.08 -10.05 60.23
N VAL B 346 -11.16 -10.77 59.96
CA VAL B 346 -11.37 -11.41 58.66
C VAL B 346 -12.10 -10.44 57.75
N SER B 347 -11.61 -10.34 56.51
CA SER B 347 -12.23 -9.51 55.48
C SER B 347 -12.54 -10.37 54.27
N PHE B 348 -13.77 -10.26 53.76
CA PHE B 348 -14.24 -11.10 52.67
C PHE B 348 -14.76 -10.25 51.54
N LEU B 349 -14.57 -10.75 50.31
CA LEU B 349 -15.04 -10.09 49.10
C LEU B 349 -15.85 -11.10 48.30
N VAL B 350 -17.02 -10.69 47.84
CA VAL B 350 -17.96 -11.58 47.16
C VAL B 350 -17.69 -11.54 45.65
N MET B 351 -17.54 -12.72 45.05
CA MET B 351 -17.29 -12.87 43.62
C MET B 351 -18.55 -13.23 42.86
N GLU B 352 -19.70 -12.74 43.29
CA GLU B 352 -20.94 -12.94 42.56
C GLU B 352 -21.72 -11.63 42.52
N PRO B 353 -22.34 -11.31 41.38
CA PRO B 353 -23.16 -10.08 41.33
C PRO B 353 -24.28 -10.14 42.37
N SER B 354 -24.55 -8.99 42.99
CA SER B 354 -25.57 -8.86 44.02
C SER B 354 -26.74 -8.09 43.44
N ALA B 355 -27.68 -8.82 42.82
CA ALA B 355 -28.85 -8.18 42.26
C ALA B 355 -29.72 -7.59 43.36
N TRP B 356 -30.25 -6.38 43.11
CA TRP B 356 -31.09 -5.70 44.08
C TRP B 356 -31.89 -4.64 43.35
N PRO B 357 -33.17 -4.45 43.66
CA PRO B 357 -33.95 -3.44 42.96
C PRO B 357 -33.36 -2.05 43.17
N GLU B 358 -33.45 -1.22 42.11
CA GLU B 358 -32.96 0.15 42.14
C GLU B 358 -34.17 1.08 42.10
N LEU B 359 -34.41 1.79 43.20
CA LEU B 359 -35.55 2.69 43.34
C LEU B 359 -35.04 4.05 43.79
N MET B 360 -35.57 5.10 43.19
CA MET B 360 -35.22 6.47 43.53
C MET B 360 -36.27 7.07 44.45
N PRO B 361 -35.98 8.22 45.06
CA PRO B 361 -36.98 8.87 45.91
C PRO B 361 -38.25 9.22 45.12
N ALA B 362 -39.38 9.16 45.83
CA ALA B 362 -40.66 9.38 45.18
C ALA B 362 -40.75 10.77 44.56
N THR B 363 -40.30 11.79 45.28
CA THR B 363 -40.42 13.16 44.78
C THR B 363 -39.60 13.32 43.51
N THR B 364 -40.10 14.13 42.59
CA THR B 364 -39.44 14.42 41.33
C THR B 364 -39.47 15.91 41.07
N TYR B 365 -38.36 16.43 40.51
CA TYR B 365 -38.24 17.85 40.20
C TYR B 365 -37.53 17.99 38.86
N ARG B 366 -38.19 18.63 37.90
CA ARG B 366 -37.63 18.81 36.57
C ARG B 366 -37.19 17.49 35.97
N GLY B 367 -37.99 16.45 36.20
CA GLY B 367 -37.69 15.14 35.68
C GLY B 367 -36.50 14.47 36.33
N ARG B 368 -36.14 14.88 37.55
CA ARG B 368 -35.01 14.30 38.26
C ARG B 368 -35.41 13.99 39.69
N PRO B 369 -34.72 13.03 40.33
CA PRO B 369 -35.03 12.72 41.73
C PRO B 369 -34.63 13.86 42.66
N VAL B 370 -35.29 13.91 43.81
CA VAL B 370 -35.00 14.88 44.86
C VAL B 370 -34.77 14.13 46.16
N LEU B 371 -33.68 14.46 46.85
CA LEU B 371 -33.32 13.82 48.11
C LEU B 371 -34.03 14.56 49.23
N GLU B 372 -35.10 13.97 49.75
CA GLU B 372 -35.88 14.58 50.82
C GLU B 372 -35.43 14.15 52.21
N GLN B 373 -34.52 13.19 52.31
CA GLN B 373 -34.05 12.73 53.60
C GLN B 373 -33.29 13.83 54.32
N ARG B 374 -33.54 13.98 55.62
CA ARG B 374 -32.86 14.99 56.42
C ARG B 374 -31.60 14.38 57.03
N PRO B 375 -30.41 14.92 56.76
CA PRO B 375 -29.19 14.29 57.25
C PRO B 375 -29.09 14.35 58.76
N ASP B 376 -28.44 13.34 59.34
CA ASP B 376 -28.17 13.33 60.76
C ASP B 376 -27.14 14.39 61.11
N GLU B 377 -27.36 15.08 62.23
CA GLU B 377 -26.49 16.15 62.68
C GLU B 377 -25.62 15.71 63.86
N SER B 378 -25.50 14.40 64.10
CA SER B 378 -24.69 13.94 65.22
C SER B 378 -23.23 14.37 65.08
N GLU B 379 -22.69 14.27 63.87
CA GLU B 379 -21.34 14.73 63.57
C GLU B 379 -21.42 15.98 62.72
N ASP B 380 -20.75 17.05 63.16
CA ASP B 380 -20.80 18.31 62.45
C ASP B 380 -20.30 18.15 61.02
N LEU B 381 -21.01 18.77 60.08
CA LEU B 381 -20.72 18.67 58.66
C LEU B 381 -20.50 20.06 58.09
N THR B 382 -19.61 20.16 57.10
CA THR B 382 -19.29 21.41 56.44
C THR B 382 -19.48 21.27 54.93
N SER B 383 -19.30 22.39 54.23
CA SER B 383 -19.46 22.44 52.78
C SER B 383 -18.32 23.24 52.17
N SER B 384 -18.07 23.00 50.89
CA SER B 384 -16.99 23.67 50.19
C SER B 384 -17.41 23.93 48.75
N TYR B 385 -16.74 24.88 48.12
CA TYR B 385 -17.00 25.29 46.75
C TYR B 385 -15.80 24.87 45.89
N GLN B 386 -15.84 23.65 45.38
CA GLN B 386 -14.75 23.16 44.55
C GLN B 386 -14.78 23.83 43.18
N ARG B 387 -13.61 24.23 42.70
CA ARG B 387 -13.49 24.94 41.44
C ARG B 387 -12.31 24.39 40.65
N LEU B 388 -12.40 24.48 39.33
CA LEU B 388 -11.29 24.14 38.45
C LEU B 388 -10.37 25.36 38.33
N LEU B 389 -9.68 25.64 39.43
CA LEU B 389 -8.89 26.86 39.60
C LEU B 389 -7.41 26.60 39.38
N SER B 390 -7.06 25.72 38.45
CA SER B 390 -5.66 25.39 38.19
C SER B 390 -5.02 26.51 37.37
N THR B 391 -3.80 26.27 36.88
CA THR B 391 -3.05 27.27 36.13
C THR B 391 -2.78 28.52 36.97
N LEU B 392 -2.42 28.31 38.24
CA LEU B 392 -2.09 29.44 39.10
C LEU B 392 -0.88 30.20 38.57
N ASP B 393 0.05 29.51 37.92
CA ASP B 393 1.18 30.13 37.25
C ASP B 393 1.98 31.02 38.22
N ASN B 394 2.57 30.37 39.21
CA ASN B 394 3.42 31.05 40.17
C ASN B 394 4.87 31.01 39.70
N GLY B 395 5.48 32.19 39.59
CA GLY B 395 6.87 32.29 39.18
C GLY B 395 7.76 32.66 40.35
N SER B 396 8.26 33.89 40.36
CA SER B 396 9.08 34.38 41.46
C SER B 396 8.56 35.70 42.00
N ALA B 397 7.98 36.52 41.13
CA ALA B 397 7.52 37.84 41.55
C ALA B 397 6.15 37.78 42.21
N ILE B 398 5.13 37.39 41.45
CA ILE B 398 3.76 37.32 41.97
C ILE B 398 2.98 36.31 41.13
N PRO B 399 2.08 35.52 41.74
CA PRO B 399 1.26 34.61 40.94
C PRO B 399 0.04 35.30 40.37
N ARG B 400 -0.72 34.59 39.54
CA ARG B 400 -1.96 35.13 38.98
C ARG B 400 -2.88 33.97 38.64
N VAL B 401 -4.07 33.96 39.24
CA VAL B 401 -5.03 32.88 39.08
C VAL B 401 -6.10 33.32 38.09
N THR B 402 -6.40 32.47 37.12
CA THR B 402 -7.40 32.74 36.10
C THR B 402 -8.54 31.74 36.24
N ASP B 403 -9.78 32.24 36.17
CA ASP B 403 -10.96 31.40 36.25
C ASP B 403 -11.22 30.77 34.89
N VAL B 404 -10.95 29.46 34.77
CA VAL B 404 -11.17 28.77 33.50
C VAL B 404 -12.65 28.77 33.14
N ALA B 405 -13.52 28.52 34.13
CA ALA B 405 -14.95 28.48 33.91
C ALA B 405 -15.73 29.50 34.71
N GLY B 406 -15.21 29.97 35.84
CA GLY B 406 -15.94 30.93 36.65
C GLY B 406 -17.23 30.37 37.21
N MET B 407 -17.24 29.09 37.59
CA MET B 407 -18.40 28.46 38.17
C MET B 407 -17.97 27.67 39.40
N ALA B 408 -18.86 27.63 40.40
CA ALA B 408 -18.61 26.95 41.66
C ALA B 408 -19.54 25.76 41.79
N LEU B 409 -18.98 24.59 42.06
CA LEU B 409 -19.75 23.38 42.28
C LEU B 409 -19.68 23.01 43.75
N PRO B 410 -20.76 23.18 44.52
CA PRO B 410 -20.68 22.91 45.96
C PRO B 410 -20.53 21.41 46.25
N VAL B 411 -19.95 21.13 47.41
CA VAL B 411 -19.78 19.77 47.92
C VAL B 411 -20.51 19.68 49.25
N ILE B 412 -21.34 18.65 49.40
CA ILE B 412 -22.19 18.49 50.57
C ILE B 412 -22.00 17.09 51.13
N GLY B 413 -21.98 16.99 52.46
CA GLY B 413 -21.92 15.70 53.14
C GLY B 413 -23.28 15.30 53.69
N HIS B 414 -23.46 14.00 53.87
CA HIS B 414 -24.75 13.46 54.30
C HIS B 414 -24.53 12.27 55.22
N ARG B 415 -25.37 12.16 56.24
CA ARG B 415 -25.38 11.02 57.15
C ARG B 415 -26.81 10.68 57.49
N TRP B 416 -27.06 9.42 57.84
CA TRP B 416 -28.41 8.95 58.12
C TRP B 416 -28.35 7.77 59.06
N ILE B 417 -29.51 7.48 59.68
CA ILE B 417 -29.65 6.36 60.60
C ILE B 417 -30.83 5.52 60.13
N GLY B 418 -30.64 4.20 60.03
CA GLY B 418 -31.67 3.33 59.52
C GLY B 418 -32.76 3.01 60.53
N MET B 419 -32.41 2.31 61.60
CA MET B 419 -33.37 1.92 62.62
C MET B 419 -34.56 1.19 62.02
N GLY B 420 -34.28 0.31 61.05
CA GLY B 420 -35.34 -0.44 60.41
C GLY B 420 -34.92 -1.12 59.12
N ARG B 421 -35.54 -2.26 58.82
CA ARG B 421 -35.21 -3.00 57.61
C ARG B 421 -35.62 -2.22 56.35
N ALA B 422 -36.80 -1.60 56.37
CA ALA B 422 -37.29 -0.92 55.19
C ALA B 422 -36.37 0.22 54.77
N GLU B 423 -35.93 1.03 55.75
CA GLU B 423 -35.05 2.15 55.42
C GLU B 423 -33.73 1.66 54.85
N ARG B 424 -33.18 0.59 55.43
CA ARG B 424 -31.92 0.04 54.93
C ARG B 424 -32.07 -0.51 53.52
N SER B 425 -33.19 -1.20 53.24
CA SER B 425 -33.42 -1.67 51.88
C SER B 425 -33.56 -0.52 50.91
N ALA B 426 -34.26 0.54 51.31
CA ALA B 426 -34.40 1.70 50.45
C ALA B 426 -33.05 2.35 50.18
N PHE B 427 -32.20 2.45 51.21
CA PHE B 427 -30.88 3.02 51.01
C PHE B 427 -30.04 2.16 50.08
N ARG B 428 -30.11 0.83 50.22
CA ARG B 428 -29.36 -0.04 49.33
C ARG B 428 -29.84 0.12 47.89
N SER B 429 -31.17 0.23 47.70
CA SER B 429 -31.69 0.45 46.35
C SER B 429 -31.21 1.78 45.79
N LEU B 430 -31.18 2.82 46.63
CA LEU B 430 -30.67 4.11 46.18
C LEU B 430 -29.20 4.01 45.77
N VAL B 431 -28.39 3.32 46.58
CA VAL B 431 -26.98 3.18 46.26
C VAL B 431 -26.81 2.45 44.93
N TYR B 432 -27.56 1.37 44.74
CA TYR B 432 -27.48 0.63 43.48
C TYR B 432 -27.90 1.51 42.31
N ALA B 433 -28.95 2.30 42.48
CA ALA B 433 -29.41 3.18 41.42
C ALA B 433 -28.38 4.25 41.10
N LEU B 434 -27.63 4.71 42.09
CA LEU B 434 -26.63 5.75 41.85
C LEU B 434 -25.55 5.27 40.90
N ARG B 435 -25.12 4.01 41.04
CA ARG B 435 -24.06 3.44 40.21
C ARG B 435 -22.78 4.29 40.32
N GLY B 436 -22.48 4.72 41.53
CA GLY B 436 -21.31 5.57 41.75
C GLY B 436 -21.67 7.02 41.52
N GLN B 437 -20.86 7.70 40.70
CA GLN B 437 -21.11 9.09 40.35
C GLN B 437 -21.96 9.23 39.10
N GLN B 438 -22.31 8.13 38.44
CA GLN B 438 -22.98 8.22 37.14
C GLN B 438 -24.32 8.94 37.24
N LYS B 439 -25.25 8.37 37.98
CA LYS B 439 -26.60 8.91 38.04
C LYS B 439 -26.65 10.10 38.99
N PRO B 440 -27.06 11.28 38.53
CA PRO B 440 -27.19 12.43 39.43
C PRO B 440 -28.58 12.52 40.05
N LEU B 441 -28.71 13.43 41.01
CA LEU B 441 -29.98 13.69 41.67
C LEU B 441 -29.85 14.95 42.51
N TRP B 442 -30.92 15.72 42.59
CA TRP B 442 -30.90 16.94 43.36
C TRP B 442 -30.58 16.66 44.82
N VAL B 443 -29.77 17.52 45.42
CA VAL B 443 -29.36 17.37 46.82
C VAL B 443 -29.66 18.68 47.54
N PRO B 444 -30.89 18.91 47.99
CA PRO B 444 -31.20 20.17 48.69
C PRO B 444 -30.37 20.31 49.95
N THR B 445 -29.96 21.55 50.23
CA THR B 445 -29.28 21.87 51.47
C THR B 445 -30.33 21.91 52.59
N HIS B 446 -29.92 22.34 53.78
CA HIS B 446 -30.83 22.51 54.90
C HIS B 446 -30.50 23.76 55.68
N ALA B 447 -30.10 24.82 54.98
CA ALA B 447 -29.76 26.09 55.60
C ALA B 447 -30.97 27.01 55.63
N ASP B 448 -30.76 28.23 56.10
CA ASP B 448 -31.80 29.26 56.22
C ASP B 448 -31.31 30.55 55.58
N ASP B 449 -30.77 30.44 54.36
CA ASP B 449 -30.15 31.59 53.72
C ASP B 449 -31.16 32.72 53.50
N LEU B 450 -32.36 32.37 53.04
CA LEU B 450 -33.37 33.36 52.66
C LEU B 450 -34.51 33.36 53.67
N THR B 451 -34.91 34.55 54.10
CA THR B 451 -36.03 34.73 55.02
C THR B 451 -36.94 35.81 54.47
N LEU B 452 -38.24 35.55 54.50
CA LEU B 452 -39.19 36.52 53.98
C LEU B 452 -39.32 37.72 54.91
N VAL B 453 -39.56 38.89 54.31
CA VAL B 453 -39.83 40.11 55.05
C VAL B 453 -41.15 40.75 54.66
N ALA B 454 -41.90 40.16 53.73
CA ALA B 454 -43.19 40.68 53.32
C ALA B 454 -43.98 39.57 52.66
N THR B 455 -45.27 39.49 52.99
CA THR B 455 -46.11 38.44 52.45
C THR B 455 -46.23 38.57 50.94
N VAL B 456 -46.41 37.43 50.28
CA VAL B 456 -46.49 37.36 48.82
C VAL B 456 -47.83 36.75 48.43
N SER B 457 -48.53 37.40 47.52
CA SER B 457 -49.80 36.87 47.04
C SER B 457 -49.57 35.62 46.21
N GLN B 458 -50.63 34.83 46.05
CA GLN B 458 -50.51 33.58 45.32
C GLN B 458 -50.08 33.81 43.87
N LEU B 459 -50.68 34.81 43.22
CA LEU B 459 -50.34 35.11 41.83
C LEU B 459 -49.08 35.92 41.68
N SER B 460 -48.57 36.52 42.76
CA SER B 460 -47.37 37.34 42.67
C SER B 460 -46.13 36.48 42.50
N THR B 461 -45.17 37.01 41.73
CA THR B 461 -43.88 36.38 41.51
C THR B 461 -42.76 37.34 41.86
N ALA B 462 -42.93 38.07 42.96
CA ALA B 462 -41.98 39.10 43.36
C ALA B 462 -41.54 38.89 44.81
N LEU B 463 -41.14 37.67 45.15
CA LEU B 463 -40.75 37.34 46.51
C LEU B 463 -39.77 38.36 47.06
N ASP B 464 -40.06 38.87 48.25
CA ASP B 464 -39.22 39.85 48.92
C ASP B 464 -38.44 39.17 50.03
N VAL B 465 -37.12 39.34 50.02
CA VAL B 465 -36.24 38.72 50.99
C VAL B 465 -35.23 39.75 51.49
N ARG B 466 -34.66 39.46 52.65
CA ARG B 466 -33.66 40.35 53.23
C ARG B 466 -32.45 40.45 52.30
N ASN B 467 -31.92 41.66 52.15
CA ASN B 467 -30.81 41.90 51.24
C ASN B 467 -29.55 41.23 51.78
N ILE B 468 -29.07 40.22 51.07
CA ILE B 468 -27.86 39.50 51.46
C ILE B 468 -26.85 39.58 50.32
N GLY B 469 -26.91 40.65 49.54
CA GLY B 469 -26.03 40.77 48.39
C GLY B 469 -26.33 39.79 47.28
N TYR B 470 -27.54 39.24 47.24
CA TYR B 470 -27.87 38.23 46.25
C TYR B 470 -27.74 38.77 44.84
N ALA B 471 -28.25 39.98 44.60
CA ALA B 471 -28.26 40.52 43.25
C ALA B 471 -26.85 40.68 42.70
N ARG B 472 -25.94 41.20 43.52
CA ARG B 472 -24.57 41.39 43.06
C ARG B 472 -23.86 40.06 42.80
N PHE B 473 -24.19 39.03 43.58
CA PHE B 473 -23.53 37.73 43.48
C PHE B 473 -24.34 36.74 42.65
N ALA B 474 -25.61 36.54 43.00
CA ALA B 474 -26.49 35.59 42.33
C ALA B 474 -27.52 36.36 41.51
N ASN B 475 -27.40 36.30 40.19
CA ASN B 475 -28.32 36.98 39.29
C ASN B 475 -28.79 36.05 38.18
N GLY B 476 -28.85 34.75 38.45
CA GLY B 476 -29.31 33.78 37.48
C GLY B 476 -28.18 33.06 36.79
N ARG B 477 -27.89 31.84 37.25
CA ARG B 477 -26.81 31.03 36.69
C ARG B 477 -26.87 29.65 37.32
N PRO B 478 -26.31 28.62 36.67
CA PRO B 478 -26.42 27.26 37.24
C PRO B 478 -25.83 27.19 38.63
N GLY B 479 -26.63 26.71 39.57
CA GLY B 479 -26.23 26.64 40.96
C GLY B 479 -26.78 27.78 41.77
N ARG B 480 -27.49 27.47 42.86
CA ARG B 480 -28.06 28.49 43.75
C ARG B 480 -29.15 29.29 43.04
N ARG B 481 -29.99 28.62 42.26
CA ARG B 481 -31.12 29.24 41.60
C ARG B 481 -32.38 28.41 41.73
N ASP B 482 -32.52 27.71 42.85
CA ASP B 482 -33.70 26.90 43.13
C ASP B 482 -34.10 27.09 44.59
N ILE B 483 -35.39 26.90 44.86
CA ILE B 483 -35.98 27.27 46.14
C ILE B 483 -36.92 26.17 46.60
N ARG B 484 -36.91 25.88 47.90
CA ARG B 484 -37.90 25.03 48.56
C ARG B 484 -38.52 25.81 49.70
N ILE B 485 -39.83 26.08 49.61
CA ILE B 485 -40.48 26.91 50.61
C ILE B 485 -40.54 26.19 51.96
N GLU B 486 -41.00 24.94 51.95
CA GLU B 486 -41.07 24.11 53.16
C GLU B 486 -41.92 24.81 54.24
N LEU B 487 -43.21 24.94 53.92
CA LEU B 487 -44.15 25.57 54.84
C LEU B 487 -44.21 24.82 56.16
N TYR B 488 -44.86 25.44 57.14
CA TYR B 488 -44.97 24.84 58.47
C TYR B 488 -45.73 23.53 58.43
N ASP B 489 -46.84 23.48 57.68
CA ASP B 489 -47.67 22.29 57.68
C ASP B 489 -46.90 21.07 57.15
N GLY B 490 -46.10 21.27 56.11
CA GLY B 490 -45.32 20.18 55.54
C GLY B 490 -45.26 20.25 54.03
N THR B 491 -46.19 20.97 53.41
CA THR B 491 -46.18 21.11 51.96
C THR B 491 -44.99 21.94 51.53
N VAL B 492 -44.26 21.45 50.53
CA VAL B 492 -43.05 22.11 50.03
C VAL B 492 -43.26 22.43 48.55
N TYR B 493 -42.92 23.65 48.16
CA TYR B 493 -43.04 24.10 46.79
C TYR B 493 -41.64 24.27 46.20
N HIS B 494 -41.42 23.68 45.02
CA HIS B 494 -40.16 23.80 44.30
C HIS B 494 -40.32 24.87 43.23
N ARG B 495 -39.48 25.89 43.29
CA ARG B 495 -39.52 27.00 42.35
C ARG B 495 -38.17 27.14 41.65
N ARG B 496 -38.10 28.10 40.72
CA ARG B 496 -36.91 28.31 39.91
C ARG B 496 -36.67 29.81 39.79
N ILE B 497 -35.56 30.27 40.34
CA ILE B 497 -35.23 31.69 40.26
C ILE B 497 -34.99 32.07 38.80
N LEU B 498 -35.44 33.26 38.44
CA LEU B 498 -35.26 33.79 37.10
C LEU B 498 -34.32 34.98 37.04
N THR B 499 -34.45 35.93 37.97
CA THR B 499 -33.56 37.07 38.02
C THR B 499 -33.82 37.84 39.31
N SER B 500 -32.77 38.38 39.90
CA SER B 500 -32.84 39.11 41.16
C SER B 500 -32.48 40.57 40.91
N THR B 501 -33.27 41.47 41.48
CA THR B 501 -33.06 42.91 41.34
C THR B 501 -32.97 43.54 42.72
N GLU B 502 -31.99 44.43 42.88
CA GLU B 502 -31.81 45.12 44.15
C GLU B 502 -32.88 46.19 44.32
N LEU B 503 -33.51 46.20 45.48
CA LEU B 503 -34.56 47.17 45.81
C LEU B 503 -34.18 48.12 46.93
N ASP B 504 -33.50 47.63 47.96
CA ASP B 504 -33.12 48.46 49.09
C ASP B 504 -31.90 47.82 49.75
N ALA B 505 -31.23 48.62 50.59
CA ALA B 505 -30.06 48.12 51.31
C ALA B 505 -30.42 46.98 52.26
N ASP B 506 -31.71 46.82 52.59
CA ASP B 506 -32.14 45.77 53.51
C ASP B 506 -33.11 44.77 52.90
N THR B 507 -33.75 45.10 51.78
CA THR B 507 -34.75 44.23 51.17
C THR B 507 -34.52 44.15 49.67
N GLU B 508 -34.96 43.03 49.09
CA GLU B 508 -34.84 42.78 47.66
C GLU B 508 -36.18 42.28 47.12
N ARG B 509 -36.24 42.05 45.82
CA ARG B 509 -37.45 41.59 45.15
C ARG B 509 -37.13 40.45 44.18
N VAL B 510 -36.40 39.46 44.68
CA VAL B 510 -36.02 38.32 43.84
C VAL B 510 -37.27 37.71 43.21
N ALA B 511 -37.16 37.34 41.94
CA ALA B 511 -38.28 36.82 41.17
C ALA B 511 -38.26 35.29 41.17
N ILE B 512 -39.36 34.72 40.70
CA ILE B 512 -39.51 33.28 40.59
C ILE B 512 -39.99 32.92 39.18
N ASP B 513 -40.26 31.65 38.94
CA ASP B 513 -40.66 31.20 37.62
C ASP B 513 -42.16 31.30 37.40
N ALA B 514 -42.97 30.73 38.28
CA ALA B 514 -44.42 30.74 38.07
C ALA B 514 -45.13 30.45 39.38
N ALA B 515 -45.89 31.43 39.87
CA ALA B 515 -46.83 31.23 40.97
C ALA B 515 -46.15 30.76 42.25
N LEU B 516 -46.92 30.67 43.34
CA LEU B 516 -46.41 30.17 44.60
C LEU B 516 -47.32 29.08 45.16
N GLY B 517 -48.62 29.16 44.85
CA GLY B 517 -49.61 28.19 45.30
C GLY B 517 -50.66 28.78 46.20
N ARG B 518 -50.29 29.76 47.02
CA ARG B 518 -51.21 30.41 47.94
C ARG B 518 -50.51 31.63 48.53
N LEU B 519 -51.24 32.39 49.33
CA LEU B 519 -50.68 33.52 50.04
C LEU B 519 -50.02 33.03 51.32
N VAL B 520 -48.71 33.27 51.46
CA VAL B 520 -47.94 32.82 52.61
C VAL B 520 -47.32 34.05 53.26
N GLU B 521 -47.60 34.23 54.55
CA GLU B 521 -47.00 35.32 55.30
C GLU B 521 -45.59 34.96 55.74
N PRO B 522 -44.76 35.95 56.07
CA PRO B 522 -43.41 35.64 56.56
C PRO B 522 -43.42 34.74 57.78
N THR B 523 -44.46 34.80 58.61
CA THR B 523 -44.53 33.98 59.81
C THR B 523 -44.77 32.51 59.50
N ASP B 524 -45.08 32.16 58.27
CA ASP B 524 -45.43 30.79 57.89
C ASP B 524 -44.39 30.19 56.95
N VAL B 525 -43.12 30.50 57.18
CA VAL B 525 -42.02 29.94 56.41
C VAL B 525 -40.94 29.47 57.38
N ALA B 526 -40.46 28.25 57.18
CA ALA B 526 -39.43 27.69 58.06
C ALA B 526 -38.03 27.96 57.51
N ARG B 527 -37.75 27.52 56.28
CA ARG B 527 -36.45 27.72 55.68
C ARG B 527 -36.60 27.68 54.17
N ILE B 528 -35.49 27.92 53.47
CA ILE B 528 -35.45 27.97 52.02
C ILE B 528 -34.54 26.92 51.43
N CYS B 529 -33.35 26.74 52.01
CA CYS B 529 -32.49 25.59 51.73
C CYS B 529 -32.25 25.42 50.23
N PHE B 530 -31.48 26.36 49.69
CA PHE B 530 -31.10 26.35 48.27
C PHE B 530 -30.87 24.93 47.77
N MET B 531 -31.51 24.59 46.66
CA MET B 531 -31.31 23.31 46.01
C MET B 531 -30.15 23.39 45.03
N ALA B 532 -29.62 22.21 44.67
CA ALA B 532 -28.54 22.13 43.71
C ALA B 532 -28.35 20.70 43.22
N LEU B 533 -28.26 20.50 41.91
CA LEU B 533 -28.01 19.18 41.37
C LEU B 533 -26.61 18.72 41.76
N CYS B 534 -26.51 17.49 42.24
CA CYS B 534 -25.24 16.96 42.70
C CYS B 534 -25.22 15.46 42.50
N SER B 535 -24.01 14.90 42.51
CA SER B 535 -23.80 13.46 42.44
C SER B 535 -22.73 13.08 43.44
N ALA B 536 -22.58 11.78 43.67
CA ALA B 536 -21.62 11.31 44.65
C ALA B 536 -20.22 11.77 44.30
N ALA B 537 -19.42 12.03 45.33
CA ALA B 537 -18.03 12.43 45.14
C ALA B 537 -17.06 11.26 45.27
N SER B 538 -17.40 10.25 46.06
CA SER B 538 -16.59 9.05 46.20
C SER B 538 -17.46 7.83 45.93
N ASP B 539 -16.99 6.95 45.03
CA ASP B 539 -17.79 5.80 44.65
C ASP B 539 -18.00 4.85 45.82
N VAL B 540 -16.94 4.61 46.62
CA VAL B 540 -17.03 3.66 47.70
C VAL B 540 -18.02 4.15 48.74
N VAL B 541 -18.91 3.27 49.18
CA VAL B 541 -19.89 3.56 50.22
C VAL B 541 -19.74 2.51 51.32
N GLU B 542 -19.63 2.97 52.56
CA GLU B 542 -19.45 2.10 53.71
C GLU B 542 -20.77 2.05 54.48
N ILE B 543 -21.39 0.86 54.53
CA ILE B 543 -22.62 0.64 55.27
C ILE B 543 -22.22 -0.09 56.55
N GLU B 544 -22.20 0.64 57.66
CA GLU B 544 -21.71 0.10 58.93
C GLU B 544 -22.88 -0.56 59.65
N HIS B 545 -22.97 -1.87 59.52
CA HIS B 545 -23.98 -2.63 60.25
C HIS B 545 -23.58 -2.73 61.72
N VAL B 546 -24.52 -2.42 62.61
CA VAL B 546 -24.27 -2.35 64.05
C VAL B 546 -24.92 -3.53 64.78
N THR B 547 -26.26 -3.61 64.74
CA THR B 547 -26.99 -4.61 65.50
C THR B 547 -27.42 -5.79 64.64
N ASP B 548 -28.18 -5.54 63.58
CA ASP B 548 -28.79 -6.60 62.79
C ASP B 548 -29.57 -5.93 61.65
N SER B 549 -30.03 -6.76 60.71
CA SER B 549 -30.86 -6.25 59.63
C SER B 549 -32.03 -5.43 60.18
N GLU B 550 -32.65 -5.90 61.25
CA GLU B 550 -33.73 -5.15 61.91
C GLU B 550 -33.14 -4.39 63.10
N GLY B 551 -32.35 -3.38 62.77
CA GLY B 551 -31.68 -2.61 63.80
C GLY B 551 -31.10 -1.32 63.26
N VAL B 552 -30.25 -0.70 64.07
CA VAL B 552 -29.65 0.57 63.74
C VAL B 552 -28.48 0.35 62.79
N ALA B 553 -28.21 1.35 61.95
CA ALA B 553 -27.08 1.32 61.04
C ALA B 553 -26.63 2.75 60.77
N THR B 554 -25.38 2.89 60.35
CA THR B 554 -24.78 4.18 60.09
C THR B 554 -24.03 4.15 58.77
N ALA B 555 -24.03 5.29 58.08
CA ALA B 555 -23.29 5.44 56.83
C ALA B 555 -23.10 6.92 56.56
N ALA B 556 -22.15 7.21 55.67
CA ALA B 556 -21.82 8.58 55.29
C ALA B 556 -21.76 8.69 53.76
N LEU B 557 -22.34 9.76 53.24
CA LEU B 557 -22.35 10.03 51.81
C LEU B 557 -21.96 11.48 51.56
N THR B 558 -21.28 11.70 50.44
CA THR B 558 -20.85 13.04 50.03
C THR B 558 -21.32 13.28 48.61
N PHE B 559 -21.92 14.44 48.38
CA PHE B 559 -22.44 14.82 47.06
C PHE B 559 -21.76 16.09 46.59
N LYS B 560 -21.43 16.12 45.30
CA LYS B 560 -20.75 17.26 44.69
C LYS B 560 -21.57 17.76 43.50
N GLY B 561 -21.64 19.07 43.36
CA GLY B 561 -22.39 19.65 42.25
C GLY B 561 -21.78 19.26 40.91
N VAL B 562 -22.66 19.07 39.92
CA VAL B 562 -22.25 18.70 38.57
C VAL B 562 -23.21 19.35 37.58
N ARG B 563 -22.67 19.82 36.47
CA ARG B 563 -23.47 20.40 35.40
C ARG B 563 -24.08 19.27 34.58
N ASP B 564 -25.38 19.08 34.70
CA ASP B 564 -26.07 17.99 34.02
C ASP B 564 -27.49 18.46 33.70
N ASP B 565 -28.37 17.50 33.37
CA ASP B 565 -29.76 17.80 33.04
C ASP B 565 -29.85 18.60 31.75
N GLU B 566 -29.29 18.01 30.68
CA GLU B 566 -29.33 18.52 29.31
C GLU B 566 -28.48 19.77 29.11
N PHE B 567 -27.75 20.23 30.13
CA PHE B 567 -26.93 21.42 30.00
C PHE B 567 -25.73 21.36 30.93
N GLY C 2 51.74 -5.15 -57.47
CA GLY C 2 51.48 -5.28 -58.89
C GLY C 2 50.45 -4.29 -59.39
N ALA C 3 49.19 -4.53 -59.06
CA ALA C 3 48.10 -3.65 -59.45
C ALA C 3 47.03 -3.72 -58.37
N LYS C 4 45.99 -2.90 -58.54
CA LYS C 4 44.93 -2.87 -57.56
C LYS C 4 44.29 -4.25 -57.44
N PRO C 5 44.15 -4.81 -56.23
CA PRO C 5 43.52 -6.13 -56.11
C PRO C 5 42.11 -6.16 -56.66
N LYS C 6 41.66 -7.34 -57.11
CA LYS C 6 40.30 -7.47 -57.62
C LYS C 6 39.29 -6.95 -56.62
N ALA C 7 39.52 -7.20 -55.33
CA ALA C 7 38.67 -6.66 -54.28
C ALA C 7 39.52 -6.47 -53.03
N GLN C 8 39.07 -5.57 -52.15
CA GLN C 8 39.76 -5.29 -50.91
C GLN C 8 38.78 -5.45 -49.74
N THR C 9 39.23 -6.14 -48.70
CA THR C 9 38.41 -6.34 -47.50
C THR C 9 38.68 -5.18 -46.56
N VAL C 10 37.85 -4.15 -46.64
CA VAL C 10 38.03 -2.97 -45.82
C VAL C 10 37.40 -3.12 -44.44
N GLY C 11 36.39 -3.96 -44.29
CA GLY C 11 35.73 -4.13 -43.01
C GLY C 11 34.83 -5.35 -43.00
N TRP C 12 34.40 -5.72 -41.80
CA TRP C 12 33.53 -6.86 -41.59
C TRP C 12 32.18 -6.41 -41.08
N ARG C 13 31.13 -7.12 -41.47
CA ARG C 13 29.79 -6.90 -40.96
C ARG C 13 29.45 -8.01 -39.99
N TYR C 14 29.09 -7.63 -38.76
CA TYR C 14 28.87 -8.58 -37.68
C TYR C 14 27.38 -8.78 -37.45
N TYR C 15 26.96 -10.04 -37.37
CA TYR C 15 25.58 -10.41 -37.13
C TYR C 15 25.48 -11.18 -35.82
N PHE C 16 24.54 -10.80 -34.96
CA PHE C 16 24.31 -11.45 -33.69
C PHE C 16 22.82 -11.63 -33.46
N ASP C 17 22.46 -12.73 -32.80
CA ASP C 17 21.08 -13.01 -32.44
C ASP C 17 21.00 -13.08 -30.92
N ILE C 18 20.30 -12.11 -30.32
CA ILE C 18 20.26 -11.94 -28.88
C ILE C 18 18.82 -12.02 -28.41
N HIS C 19 18.61 -12.73 -27.31
CA HIS C 19 17.31 -12.81 -26.65
C HIS C 19 17.40 -12.10 -25.30
N PHE C 20 16.50 -11.16 -25.07
CA PHE C 20 16.50 -10.36 -23.86
C PHE C 20 15.07 -10.09 -23.41
N ALA C 21 14.93 -9.75 -22.13
CA ALA C 21 13.63 -9.44 -21.54
C ALA C 21 13.66 -8.04 -20.95
N LEU C 22 12.56 -7.33 -21.09
CA LEU C 22 12.44 -5.97 -20.58
C LEU C 22 11.82 -5.91 -19.19
N GLY C 23 11.53 -7.06 -18.57
CA GLY C 23 10.93 -7.12 -17.25
C GLY C 23 9.63 -7.90 -17.28
N LYS C 24 8.67 -7.43 -16.48
CA LYS C 24 7.37 -8.09 -16.41
C LYS C 24 6.53 -7.65 -17.62
N LYS C 25 5.25 -7.98 -17.59
CA LYS C 25 4.38 -7.73 -18.73
C LYS C 25 4.40 -6.25 -19.11
N VAL C 26 4.49 -5.98 -20.41
CA VAL C 26 4.50 -4.63 -20.95
C VAL C 26 3.35 -4.51 -21.94
N ASP C 27 2.85 -3.28 -22.10
CA ASP C 27 1.71 -3.04 -22.97
C ASP C 27 2.12 -2.66 -24.38
N GLU C 28 3.08 -1.75 -24.52
CA GLU C 28 3.42 -1.20 -25.82
C GLU C 28 4.87 -0.76 -25.83
N VAL C 29 5.55 -1.01 -26.94
CA VAL C 29 6.92 -0.55 -27.16
C VAL C 29 6.87 0.51 -28.26
N CYS C 30 7.39 1.70 -27.97
CA CYS C 30 7.24 2.85 -28.85
C CYS C 30 8.43 3.07 -29.76
N ALA C 31 9.66 3.06 -29.23
CA ALA C 31 10.82 3.40 -30.05
C ALA C 31 12.07 2.77 -29.45
N ILE C 32 13.11 2.71 -30.28
CA ILE C 32 14.43 2.25 -29.87
C ILE C 32 15.44 3.31 -30.24
N ARG C 33 16.27 3.71 -29.28
CA ARG C 33 17.27 4.74 -29.48
C ARG C 33 18.64 4.20 -29.10
N ALA C 34 19.62 4.40 -29.97
CA ALA C 34 20.99 3.93 -29.74
C ALA C 34 21.97 5.01 -30.16
N SER C 35 22.91 5.33 -29.27
CA SER C 35 23.96 6.31 -29.56
C SER C 35 23.37 7.66 -29.95
N GLY C 36 22.21 8.01 -29.40
CA GLY C 36 21.61 9.30 -29.65
C GLY C 36 20.89 9.42 -30.99
N LYS C 37 20.76 8.32 -31.74
CA LYS C 37 20.09 8.34 -33.03
C LYS C 37 18.85 7.45 -32.97
N THR C 38 17.73 7.97 -33.45
CA THR C 38 16.46 7.24 -33.43
C THR C 38 16.51 6.14 -34.48
N ALA C 39 16.72 4.90 -34.03
CA ALA C 39 16.80 3.78 -34.96
C ALA C 39 15.42 3.41 -35.49
N TRP C 40 14.42 3.37 -34.63
CA TRP C 40 13.07 2.98 -35.03
C TRP C 40 12.06 3.65 -34.11
N LYS C 41 10.95 4.10 -34.69
CA LYS C 41 9.87 4.71 -33.95
C LYS C 41 8.54 4.16 -34.46
N GLY C 42 7.63 3.86 -33.55
CA GLY C 42 6.35 3.32 -33.94
C GLY C 42 5.55 2.86 -32.73
N SER C 43 4.79 1.78 -32.94
CA SER C 43 3.96 1.23 -31.87
C SER C 43 3.46 -0.16 -32.23
N ILE C 44 3.65 -1.11 -31.31
CA ILE C 44 3.15 -2.48 -31.48
C ILE C 44 2.48 -2.90 -30.18
N THR C 45 1.31 -3.53 -30.30
CA THR C 45 0.52 -3.93 -29.15
C THR C 45 0.24 -5.43 -29.12
N SER C 46 0.79 -6.20 -30.06
CA SER C 46 0.57 -7.63 -30.09
C SER C 46 1.85 -8.31 -30.55
N ASN C 47 1.99 -9.58 -30.16
CA ASN C 47 3.18 -10.34 -30.53
C ASN C 47 3.30 -10.39 -32.05
N GLY C 48 4.46 -10.03 -32.56
CA GLY C 48 4.65 -9.99 -33.99
C GLY C 48 6.05 -9.52 -34.34
N GLN C 49 6.26 -9.35 -35.65
CA GLN C 49 7.54 -8.94 -36.19
C GLN C 49 7.54 -7.45 -36.52
N VAL C 50 8.72 -6.85 -36.46
CA VAL C 50 8.91 -5.45 -36.81
C VAL C 50 10.13 -5.34 -37.73
N ARG C 51 9.97 -4.59 -38.82
CA ARG C 51 11.05 -4.40 -39.79
C ARG C 51 11.78 -3.11 -39.44
N ILE C 52 12.92 -3.26 -38.77
CA ILE C 52 13.79 -2.13 -38.44
C ILE C 52 14.80 -1.96 -39.57
N ASN C 53 14.77 -0.80 -40.22
CA ASN C 53 15.61 -0.52 -41.38
C ASN C 53 16.51 0.67 -41.06
N ALA C 54 17.75 0.38 -40.67
CA ALA C 54 18.74 1.42 -40.45
C ALA C 54 20.13 0.85 -40.68
N PRO C 55 20.40 0.28 -41.86
CA PRO C 55 21.73 -0.29 -42.11
C PRO C 55 22.85 0.75 -42.12
N GLU C 56 22.53 2.03 -42.33
CA GLU C 56 23.54 3.07 -42.44
C GLU C 56 23.46 4.06 -41.29
N LEU C 57 22.95 3.63 -40.13
CA LEU C 57 22.77 4.56 -39.02
C LEU C 57 24.10 5.15 -38.57
N PHE C 58 25.14 4.33 -38.47
CA PHE C 58 26.46 4.78 -38.03
C PHE C 58 27.40 5.06 -39.20
N GLY C 59 26.86 5.54 -40.32
CA GLY C 59 27.66 5.80 -41.49
C GLY C 59 27.86 4.62 -42.41
N GLY C 60 27.28 3.46 -42.09
CA GLY C 60 27.42 2.31 -42.95
C GLY C 60 28.85 1.80 -42.99
N ASP C 61 29.23 1.28 -44.16
CA ASP C 61 30.59 0.75 -44.32
C ASP C 61 31.63 1.84 -44.12
N LYS C 62 31.39 3.03 -44.65
CA LYS C 62 32.31 4.14 -44.47
C LYS C 62 32.34 4.66 -43.04
N GLY C 63 31.39 4.25 -42.20
CA GLY C 63 31.35 4.66 -40.81
C GLY C 63 31.60 3.52 -39.85
N GLU C 64 30.63 3.26 -38.98
CA GLU C 64 30.73 2.16 -38.01
C GLU C 64 29.62 1.13 -38.17
N GLY C 65 28.77 1.28 -39.19
CA GLY C 65 27.70 0.33 -39.43
C GLY C 65 26.32 0.90 -39.21
N GLY C 66 25.41 0.09 -38.67
CA GLY C 66 24.06 0.54 -38.45
C GLY C 66 23.25 -0.53 -37.75
N LEU C 67 21.93 -0.38 -37.80
CA LEU C 67 21.00 -1.33 -37.20
C LEU C 67 20.04 -1.81 -38.29
N ASP C 68 20.22 -3.06 -38.72
CA ASP C 68 19.36 -3.68 -39.72
C ASP C 68 19.07 -5.10 -39.31
N GLY C 69 17.79 -5.45 -39.22
CA GLY C 69 17.43 -6.78 -38.81
C GLY C 69 15.93 -6.90 -38.63
N THR C 70 15.52 -7.98 -37.97
CA THR C 70 14.11 -8.27 -37.69
C THR C 70 13.94 -8.44 -36.20
N LEU C 71 12.95 -7.75 -35.63
CA LEU C 71 12.68 -7.77 -34.20
C LEU C 71 11.34 -8.43 -33.96
N ASP C 72 11.32 -9.43 -33.07
CA ASP C 72 10.09 -10.11 -32.68
C ASP C 72 9.90 -9.93 -31.19
N VAL C 73 8.68 -9.55 -30.79
CA VAL C 73 8.35 -9.21 -29.41
C VAL C 73 7.32 -10.20 -28.90
N LEU C 74 7.60 -10.79 -27.73
CA LEU C 74 6.67 -11.66 -27.03
C LEU C 74 6.37 -11.03 -25.68
N PHE C 75 5.18 -10.44 -25.54
CA PHE C 75 4.84 -9.72 -24.33
C PHE C 75 4.55 -10.63 -23.15
N GLY C 76 4.24 -11.90 -23.40
CA GLY C 76 3.98 -12.84 -22.32
C GLY C 76 2.52 -12.84 -21.87
N GLU C 77 1.60 -13.01 -22.81
CA GLU C 77 0.19 -13.08 -22.47
C GLU C 77 -0.09 -14.35 -21.68
N GLU C 78 -1.34 -14.45 -21.19
CA GLU C 78 -1.76 -15.66 -20.48
C GLU C 78 -1.75 -16.87 -21.41
N ASP C 79 -2.17 -16.67 -22.67
CA ASP C 79 -2.24 -17.74 -23.65
C ASP C 79 -1.09 -17.69 -24.65
N GLN C 80 -0.03 -16.93 -24.36
CA GLN C 80 1.08 -16.81 -25.30
C GLN C 80 1.67 -18.18 -25.61
N GLY C 81 1.89 -18.45 -26.90
CA GLY C 81 2.46 -19.70 -27.32
C GLY C 81 3.97 -19.62 -27.52
N VAL C 82 4.56 -20.77 -27.83
CA VAL C 82 6.00 -20.86 -28.06
C VAL C 82 6.30 -20.42 -29.49
N LEU C 83 7.29 -19.55 -29.64
CA LEU C 83 7.69 -19.09 -30.96
C LEU C 83 8.55 -20.16 -31.63
N PRO C 84 8.14 -20.71 -32.78
CA PRO C 84 8.95 -21.77 -33.40
C PRO C 84 10.37 -21.33 -33.72
N ARG C 85 10.56 -20.10 -34.17
CA ARG C 85 11.89 -19.66 -34.59
C ARG C 85 12.86 -19.65 -33.42
N LEU C 86 12.44 -19.12 -32.27
CA LEU C 86 13.32 -19.03 -31.12
C LEU C 86 13.75 -20.40 -30.65
N ALA C 87 12.77 -21.31 -30.49
CA ALA C 87 13.10 -22.66 -30.02
C ALA C 87 13.98 -23.38 -31.03
N ALA C 88 13.69 -23.24 -32.33
CA ALA C 88 14.50 -23.90 -33.34
C ALA C 88 15.92 -23.40 -33.32
N MET C 89 16.11 -22.08 -33.21
CA MET C 89 17.47 -21.52 -33.20
C MET C 89 18.22 -21.93 -31.95
N LEU C 90 17.62 -21.73 -30.78
CA LEU C 90 18.29 -22.05 -29.53
C LEU C 90 18.33 -23.55 -29.27
N GLY C 91 17.24 -24.25 -29.54
CA GLY C 91 17.17 -25.68 -29.31
C GLY C 91 16.99 -26.01 -27.84
N GLY C 92 17.01 -27.30 -27.55
CA GLY C 92 16.84 -27.77 -26.19
C GLY C 92 15.41 -27.59 -25.71
N LEU C 93 15.25 -27.65 -24.40
CA LEU C 93 13.95 -27.48 -23.76
C LEU C 93 13.63 -25.99 -23.71
N VAL C 94 12.82 -25.53 -24.64
CA VAL C 94 12.48 -24.11 -24.78
C VAL C 94 11.06 -23.92 -24.24
N PRO C 95 10.87 -23.25 -23.11
CA PRO C 95 9.52 -22.98 -22.62
C PRO C 95 8.87 -21.85 -23.41
N ALA C 96 7.66 -21.50 -22.99
CA ALA C 96 6.90 -20.44 -23.66
C ALA C 96 7.29 -19.04 -23.18
N PHE C 97 8.13 -18.93 -22.16
CA PHE C 97 8.53 -17.63 -21.62
C PHE C 97 7.31 -16.81 -21.24
N ARG C 98 6.32 -17.47 -20.65
CA ARG C 98 5.06 -16.84 -20.31
C ARG C 98 5.21 -15.93 -19.10
N GLY C 99 4.44 -14.85 -19.08
CA GLY C 99 4.36 -13.95 -17.95
C GLY C 99 5.39 -12.83 -17.95
N VAL C 100 6.30 -12.80 -18.92
CA VAL C 100 7.34 -11.78 -18.98
C VAL C 100 7.48 -11.33 -20.43
N THR C 101 7.67 -10.03 -20.63
CA THR C 101 7.88 -9.48 -21.95
C THR C 101 9.30 -9.81 -22.41
N THR C 102 9.42 -10.40 -23.60
CA THR C 102 10.70 -10.76 -24.16
C THR C 102 10.74 -10.38 -25.64
N CYS C 103 11.94 -10.14 -26.14
CA CYS C 103 12.15 -9.74 -27.52
C CYS C 103 13.27 -10.59 -28.12
N PHE C 104 13.19 -10.80 -29.44
CA PHE C 104 14.15 -11.63 -30.17
C PHE C 104 14.62 -10.84 -31.38
N TYR C 105 15.87 -10.39 -31.36
CA TYR C 105 16.45 -9.61 -32.43
C TYR C 105 17.42 -10.46 -33.23
N SER C 106 17.42 -10.28 -34.55
CA SER C 106 18.31 -11.02 -35.43
C SER C 106 18.64 -10.15 -36.64
N GLY C 107 19.91 -9.77 -36.76
CA GLY C 107 20.35 -8.96 -37.87
C GLY C 107 21.63 -8.23 -37.54
N LEU C 108 21.97 -7.28 -38.42
CA LEU C 108 23.19 -6.51 -38.25
C LEU C 108 23.11 -5.66 -36.99
N VAL C 109 24.22 -5.59 -36.26
CA VAL C 109 24.33 -4.78 -35.05
C VAL C 109 25.38 -3.68 -35.20
N THR C 110 26.49 -3.98 -35.85
CA THR C 110 27.57 -3.01 -36.04
C THR C 110 28.47 -3.50 -37.16
N SER C 111 29.49 -2.70 -37.47
CA SER C 111 30.43 -3.02 -38.53
C SER C 111 31.76 -2.33 -38.24
N VAL C 112 32.79 -2.75 -38.97
CA VAL C 112 34.12 -2.17 -38.87
C VAL C 112 34.75 -2.57 -37.54
N ASN C 113 34.14 -2.16 -36.43
CA ASN C 113 34.67 -2.50 -35.11
C ASN C 113 33.78 -3.53 -34.43
N PRO C 114 34.36 -4.42 -33.61
CA PRO C 114 33.54 -5.47 -32.98
C PRO C 114 32.92 -5.04 -31.66
N TYR C 115 32.90 -3.74 -31.39
CA TYR C 115 32.40 -3.24 -30.11
C TYR C 115 30.98 -2.68 -30.28
N PRO C 116 29.94 -3.48 -30.05
CA PRO C 116 28.58 -2.96 -30.17
C PRO C 116 28.28 -1.91 -29.11
N LYS C 117 27.36 -1.01 -29.45
CA LYS C 117 27.01 0.10 -28.58
C LYS C 117 25.78 -0.24 -27.73
N LYS C 118 25.72 0.36 -26.55
CA LYS C 118 24.58 0.17 -25.67
C LYS C 118 23.32 0.79 -26.28
N TRP C 119 22.18 0.20 -25.96
CA TRP C 119 20.89 0.61 -26.49
C TRP C 119 20.03 1.24 -25.41
N GLU C 120 19.01 1.97 -25.85
CA GLU C 120 18.00 2.53 -24.97
C GLU C 120 16.65 2.37 -25.65
N ILE C 121 15.70 1.74 -24.95
CA ILE C 121 14.39 1.42 -25.50
C ILE C 121 13.33 2.05 -24.62
N LEU C 122 12.40 2.77 -25.24
CA LEU C 122 11.26 3.34 -24.54
C LEU C 122 10.08 2.37 -24.64
N ARG C 123 9.36 2.22 -23.53
CA ARG C 123 8.27 1.26 -23.47
C ARG C 123 7.19 1.78 -22.53
N ARG C 124 5.95 1.81 -23.03
CA ARG C 124 4.80 2.16 -22.21
C ARG C 124 4.12 0.90 -21.68
N GLY C 125 3.46 1.06 -20.55
CA GLY C 125 2.80 -0.08 -19.92
C GLY C 125 1.70 0.36 -19.00
N GLY C 126 0.93 -0.62 -18.54
CA GLY C 126 -0.15 -0.37 -17.60
C GLY C 126 -1.41 -1.17 -17.89
N ASN C 127 -1.67 -1.45 -19.16
CA ASN C 127 -2.86 -2.22 -19.53
C ASN C 127 -2.62 -3.72 -19.46
N ARG C 128 -1.45 -4.18 -19.90
CA ARG C 128 -1.13 -5.60 -19.82
C ARG C 128 -0.97 -6.08 -18.38
N LEU C 129 -0.90 -5.17 -17.42
CA LEU C 129 -0.91 -5.52 -16.01
C LEU C 129 -2.35 -5.84 -15.62
N TRP C 130 -2.62 -5.93 -14.32
CA TRP C 130 -3.94 -6.29 -13.80
C TRP C 130 -4.32 -7.72 -14.14
N ASP C 131 -3.34 -8.57 -14.44
CA ASP C 131 -3.60 -9.97 -14.77
C ASP C 131 -4.59 -10.08 -15.91
N GLY C 132 -5.87 -10.29 -15.61
CA GLY C 132 -6.88 -10.47 -16.63
C GLY C 132 -8.08 -9.56 -16.47
N ASN C 133 -8.24 -8.97 -15.28
CA ASN C 133 -9.40 -8.13 -14.97
C ASN C 133 -8.95 -6.71 -14.64
N PRO C 134 -8.94 -5.80 -15.61
CA PRO C 134 -8.65 -4.40 -15.29
C PRO C 134 -9.74 -3.80 -14.41
N TRP C 135 -9.33 -2.84 -13.59
CA TRP C 135 -10.22 -2.18 -12.64
C TRP C 135 -10.46 -0.75 -13.10
N TYR C 136 -11.72 -0.40 -13.33
CA TYR C 136 -12.12 0.93 -13.76
C TYR C 136 -11.25 1.41 -14.93
N PRO C 137 -11.20 0.64 -16.02
CA PRO C 137 -10.28 1.00 -17.12
C PRO C 137 -10.62 2.31 -17.80
N GLU C 138 -11.84 2.84 -17.63
CA GLU C 138 -12.21 4.08 -18.32
C GLU C 138 -11.30 5.24 -17.91
N LYS C 139 -10.68 5.16 -16.73
CA LYS C 139 -9.83 6.23 -16.23
C LYS C 139 -8.44 5.73 -15.87
N GLN C 140 -8.01 4.61 -16.47
CA GLN C 140 -6.71 4.03 -16.11
C GLN C 140 -5.56 4.94 -16.53
N PHE C 141 -5.65 5.54 -17.71
CA PHE C 141 -4.55 6.30 -18.28
C PHE C 141 -4.93 7.78 -18.41
N VAL C 142 -3.91 8.64 -18.31
CA VAL C 142 -4.06 10.07 -18.48
C VAL C 142 -3.19 10.51 -19.66
N TRP C 143 -3.79 11.23 -20.60
CA TRP C 143 -3.10 11.65 -21.80
C TRP C 143 -2.54 13.06 -21.62
N LEU C 144 -1.27 13.23 -21.97
CA LEU C 144 -0.59 14.52 -21.83
C LEU C 144 0.18 14.83 -23.10
N ALA C 145 0.37 16.12 -23.36
CA ALA C 145 1.18 16.61 -24.47
C ALA C 145 0.69 16.02 -25.80
N ASP C 146 -0.57 16.31 -26.12
CA ASP C 146 -1.17 15.89 -27.38
C ASP C 146 -1.04 14.38 -27.58
N GLY C 147 -1.19 13.63 -26.48
CA GLY C 147 -1.12 12.19 -26.53
C GLY C 147 0.26 11.60 -26.56
N GLN C 148 1.31 12.43 -26.51
CA GLN C 148 2.67 11.91 -26.56
C GLN C 148 2.98 11.05 -25.33
N ILE C 149 2.54 11.49 -24.16
CA ILE C 149 2.83 10.81 -22.90
C ILE C 149 1.55 10.14 -22.41
N LYS C 150 1.60 8.81 -22.28
CA LYS C 150 0.45 8.04 -21.79
C LYS C 150 0.68 7.74 -20.31
N ALA C 151 0.44 8.75 -19.49
CA ALA C 151 0.62 8.62 -18.06
C ALA C 151 -0.48 7.76 -17.44
N MET C 152 -0.17 7.17 -16.29
CA MET C 152 -1.10 6.31 -15.57
C MET C 152 -1.58 7.01 -14.30
N ASN C 153 -2.82 6.73 -13.92
CA ASN C 153 -3.39 7.32 -12.72
C ASN C 153 -2.72 6.73 -11.49
N PRO C 154 -2.19 7.54 -10.57
CA PRO C 154 -1.56 6.97 -9.37
C PRO C 154 -2.49 6.10 -8.55
N ALA C 155 -3.78 6.42 -8.52
CA ALA C 155 -4.72 5.59 -7.78
C ALA C 155 -4.72 4.16 -8.31
N HIS C 156 -4.66 4.01 -9.64
CA HIS C 156 -4.57 2.68 -10.23
C HIS C 156 -3.28 1.99 -9.81
N ILE C 157 -2.17 2.74 -9.72
CA ILE C 157 -0.91 2.16 -9.28
C ILE C 157 -1.06 1.59 -7.88
N LEU C 158 -1.63 2.38 -6.97
CA LEU C 158 -1.79 1.92 -5.59
C LEU C 158 -2.73 0.73 -5.52
N TYR C 159 -3.83 0.76 -6.28
CA TYR C 159 -4.77 -0.34 -6.27
C TYR C 159 -4.12 -1.62 -6.78
N LEU C 160 -3.33 -1.53 -7.85
CA LEU C 160 -2.63 -2.70 -8.36
C LEU C 160 -1.63 -3.23 -7.33
N VAL C 161 -0.88 -2.33 -6.69
CA VAL C 161 0.10 -2.77 -5.71
C VAL C 161 -0.57 -3.50 -4.57
N TYR C 162 -1.69 -2.95 -4.08
CA TYR C 162 -2.37 -3.59 -2.95
C TYR C 162 -3.00 -4.92 -3.35
N THR C 163 -3.74 -4.93 -4.47
CA THR C 163 -4.49 -6.11 -4.87
C THR C 163 -3.79 -6.96 -5.93
N GLY C 164 -2.68 -6.49 -6.49
CA GLY C 164 -1.99 -7.24 -7.51
C GLY C 164 -1.56 -8.61 -7.04
N ARG C 165 -1.91 -9.64 -7.81
CA ARG C 165 -1.53 -11.00 -7.43
C ARG C 165 -0.02 -11.18 -7.45
N ASP C 166 0.69 -10.45 -8.31
CA ASP C 166 2.13 -10.54 -8.41
C ASP C 166 2.86 -9.66 -7.40
N PHE C 167 2.16 -8.76 -6.70
CA PHE C 167 2.78 -7.87 -5.74
C PHE C 167 2.39 -8.19 -4.30
N ARG C 168 1.10 -8.19 -3.98
CA ARG C 168 0.66 -8.46 -2.62
C ARG C 168 -0.48 -9.47 -2.61
N GLY C 169 -1.32 -9.44 -3.64
CA GLY C 169 -2.41 -10.41 -3.75
C GLY C 169 -3.44 -10.32 -2.65
N LEU C 170 -3.82 -9.10 -2.26
CA LEU C 170 -4.92 -8.93 -1.32
C LEU C 170 -6.25 -9.06 -2.03
N ALA C 171 -7.24 -9.61 -1.33
CA ALA C 171 -8.56 -9.78 -1.90
C ALA C 171 -9.14 -8.42 -2.31
N ARG C 172 -9.77 -8.39 -3.49
CA ARG C 172 -10.38 -7.16 -3.96
C ARG C 172 -11.53 -6.71 -3.08
N THR C 173 -12.08 -7.62 -2.25
CA THR C 173 -13.20 -7.28 -1.39
C THR C 173 -12.78 -6.42 -0.21
N ARG C 174 -11.49 -6.33 0.08
CA ARG C 174 -11.00 -5.60 1.24
C ARG C 174 -10.83 -4.10 0.97
N MET C 175 -11.09 -3.64 -0.24
CA MET C 175 -10.89 -2.25 -0.62
C MET C 175 -12.24 -1.55 -0.76
N ASP C 176 -12.36 -0.37 -0.14
CA ASP C 176 -13.57 0.42 -0.23
C ASP C 176 -13.67 1.00 -1.64
N GLU C 177 -14.56 0.43 -2.46
CA GLU C 177 -14.61 0.81 -3.87
C GLU C 177 -14.96 2.28 -4.04
N ALA C 178 -15.87 2.80 -3.22
CA ALA C 178 -16.35 4.17 -3.42
C ALA C 178 -15.21 5.17 -3.31
N SER C 179 -14.41 5.06 -2.25
CA SER C 179 -13.34 6.04 -2.03
C SER C 179 -12.31 5.99 -3.15
N TRP C 180 -11.89 4.79 -3.54
CA TRP C 180 -10.89 4.66 -4.60
C TRP C 180 -11.42 5.17 -5.93
N ARG C 181 -12.69 4.87 -6.24
CA ARG C 181 -13.26 5.37 -7.49
C ARG C 181 -13.35 6.88 -7.49
N ALA C 182 -13.75 7.47 -6.36
CA ALA C 182 -13.81 8.93 -6.28
C ALA C 182 -12.42 9.53 -6.45
N ALA C 183 -11.41 8.94 -5.82
CA ALA C 183 -10.05 9.44 -5.96
C ALA C 183 -9.58 9.36 -7.39
N ALA C 184 -9.85 8.24 -8.06
CA ALA C 184 -9.44 8.09 -9.45
C ALA C 184 -10.16 9.11 -10.34
N ASP C 185 -11.46 9.31 -10.11
CA ASP C 185 -12.18 10.30 -10.90
C ASP C 185 -11.60 11.69 -10.71
N THR C 186 -11.31 12.07 -9.46
CA THR C 186 -10.76 13.38 -9.19
C THR C 186 -9.40 13.54 -9.86
N LEU C 187 -8.55 12.52 -9.75
CA LEU C 187 -7.22 12.61 -10.35
C LEU C 187 -7.30 12.73 -11.87
N TYR C 188 -8.19 11.95 -12.49
CA TYR C 188 -8.36 12.05 -13.94
C TYR C 188 -8.85 13.43 -14.33
N ALA C 189 -9.80 13.99 -13.57
CA ALA C 189 -10.28 15.33 -13.86
C ALA C 189 -9.15 16.35 -13.76
N GLU C 190 -8.31 16.22 -12.74
CA GLU C 190 -7.16 17.11 -12.59
C GLU C 190 -6.05 16.82 -13.59
N GLY C 191 -6.12 15.70 -14.30
CA GLY C 191 -5.08 15.36 -15.25
C GLY C 191 -3.73 15.19 -14.58
N PHE C 192 -3.70 14.47 -13.46
CA PHE C 192 -2.52 14.34 -12.62
C PHE C 192 -2.01 12.90 -12.75
N GLY C 193 -1.14 12.68 -13.73
CA GLY C 193 -0.58 11.36 -13.95
C GLY C 193 0.90 11.29 -13.64
N LEU C 194 1.43 10.08 -13.47
CA LEU C 194 2.83 9.89 -13.14
C LEU C 194 3.35 8.63 -13.80
N CYS C 195 4.68 8.57 -13.94
CA CYS C 195 5.36 7.41 -14.49
C CYS C 195 6.49 6.99 -13.55
N PHE C 196 6.66 5.69 -13.39
CA PHE C 196 7.62 5.14 -12.44
C PHE C 196 8.25 3.88 -13.02
N GLU C 197 9.38 3.49 -12.43
CA GLU C 197 10.06 2.26 -12.80
C GLU C 197 10.55 1.57 -11.54
N TRP C 198 10.49 0.24 -11.53
CA TRP C 198 10.82 -0.56 -10.35
C TRP C 198 12.18 -1.20 -10.54
N THR C 199 13.20 -0.65 -9.87
CA THR C 199 14.50 -1.29 -9.80
C THR C 199 15.13 -1.21 -8.42
N ARG C 200 14.49 -0.54 -7.46
CA ARG C 200 15.06 -0.42 -6.12
C ARG C 200 14.93 -1.69 -5.31
N SER C 201 13.90 -2.50 -5.57
CA SER C 201 13.68 -3.75 -4.84
C SER C 201 13.53 -3.48 -3.34
N ASP C 202 12.78 -2.43 -3.01
CA ASP C 202 12.56 -2.03 -1.62
C ASP C 202 11.16 -2.46 -1.18
N SER C 203 10.85 -2.20 0.08
CA SER C 203 9.57 -2.60 0.64
C SER C 203 8.43 -1.81 0.00
N PHE C 204 7.24 -2.42 0.01
CA PHE C 204 6.06 -1.74 -0.51
C PHE C 204 5.83 -0.41 0.17
N LYS C 205 6.20 -0.31 1.45
CA LYS C 205 5.93 0.91 2.21
C LYS C 205 6.64 2.11 1.59
N ASN C 206 7.90 1.93 1.18
CA ASN C 206 8.65 3.06 0.62
C ASN C 206 8.00 3.57 -0.66
N PHE C 207 7.68 2.67 -1.58
CA PHE C 207 7.07 3.08 -2.84
C PHE C 207 5.70 3.71 -2.59
N CYS C 208 4.90 3.13 -1.70
CA CYS C 208 3.59 3.69 -1.40
C CYS C 208 3.72 5.07 -0.79
N GLU C 209 4.71 5.28 0.08
CA GLU C 209 4.94 6.60 0.66
C GLU C 209 5.34 7.60 -0.41
N THR C 210 6.20 7.19 -1.34
CA THR C 210 6.56 8.08 -2.44
C THR C 210 5.33 8.48 -3.24
N VAL C 211 4.47 7.51 -3.56
CA VAL C 211 3.27 7.82 -4.33
C VAL C 211 2.36 8.77 -3.57
N LYS C 212 2.16 8.50 -2.27
CA LYS C 212 1.31 9.37 -1.47
C LYS C 212 1.85 10.79 -1.42
N SER C 213 3.16 10.93 -1.20
CA SER C 213 3.75 12.26 -1.18
C SER C 213 3.60 12.96 -2.52
N HIS C 214 3.74 12.21 -3.61
CA HIS C 214 3.56 12.79 -4.93
C HIS C 214 2.14 13.31 -5.11
N ILE C 215 1.14 12.52 -4.70
CA ILE C 215 -0.25 12.91 -4.91
C ILE C 215 -0.86 13.63 -3.71
N GLY C 216 -0.29 13.47 -2.52
CA GLY C 216 -0.85 14.07 -1.33
C GLY C 216 -2.11 13.38 -0.87
N ALA C 217 -2.00 12.11 -0.51
CA ALA C 217 -3.14 11.33 -0.06
C ALA C 217 -2.72 10.43 1.09
N GLU C 218 -3.71 10.00 1.88
CA GLU C 218 -3.50 9.12 3.02
C GLU C 218 -4.22 7.81 2.78
N VAL C 219 -3.54 6.70 3.03
CA VAL C 219 -4.12 5.36 2.92
C VAL C 219 -4.08 4.74 4.31
N TYR C 220 -5.26 4.41 4.83
CA TYR C 220 -5.39 3.85 6.17
C TYR C 220 -6.42 2.73 6.16
N PRO C 221 -6.28 1.74 7.05
CA PRO C 221 -7.32 0.72 7.19
C PRO C 221 -8.45 1.22 8.06
N ASN C 222 -9.64 1.36 7.48
CA ASN C 222 -10.77 1.90 8.21
C ASN C 222 -11.04 1.08 9.45
N ARG C 223 -11.15 1.76 10.60
CA ARG C 223 -11.37 1.05 11.86
C ARG C 223 -12.75 0.41 11.90
N GLN C 224 -13.76 1.07 11.34
CA GLN C 224 -15.13 0.59 11.42
C GLN C 224 -15.38 -0.57 10.47
N THR C 225 -15.25 -0.32 9.17
CA THR C 225 -15.56 -1.34 8.17
C THR C 225 -14.39 -2.27 7.87
N GLY C 226 -13.16 -1.86 8.22
CA GLY C 226 -12.00 -2.73 8.07
C GLY C 226 -11.36 -2.71 6.69
N GLN C 227 -11.93 -2.02 5.72
CA GLN C 227 -11.36 -1.96 4.39
C GLN C 227 -10.35 -0.82 4.28
N ILE C 228 -9.54 -0.88 3.22
CA ILE C 228 -8.55 0.17 2.97
C ILE C 228 -9.24 1.35 2.32
N SER C 229 -9.05 2.53 2.90
CA SER C 229 -9.68 3.76 2.42
C SER C 229 -8.60 4.77 2.07
N ILE C 230 -8.89 5.58 1.05
CA ILE C 230 -7.97 6.60 0.56
C ILE C 230 -8.68 7.95 0.62
N ARG C 231 -8.01 8.94 1.20
CA ARG C 231 -8.53 10.29 1.30
C ARG C 231 -7.55 11.27 0.68
N LEU C 232 -8.05 12.15 -0.17
CA LEU C 232 -7.24 13.17 -0.80
C LEU C 232 -7.28 14.46 0.01
N LEU C 233 -6.14 15.14 0.11
CA LEU C 233 -6.03 16.39 0.84
C LEU C 233 -6.36 17.53 -0.13
N ARG C 234 -7.65 17.84 -0.23
CA ARG C 234 -8.12 18.88 -1.13
C ARG C 234 -9.18 19.72 -0.41
N ASP C 235 -9.33 20.96 -0.88
CA ASP C 235 -10.35 21.86 -0.35
C ASP C 235 -11.69 21.61 -1.05
N ASP C 236 -12.20 20.40 -0.89
CA ASP C 236 -13.43 19.94 -1.50
C ASP C 236 -14.48 19.60 -0.45
N TYR C 237 -14.60 20.43 0.58
CA TYR C 237 -15.48 20.17 1.70
C TYR C 237 -16.40 21.37 1.93
N ASN C 238 -17.58 21.08 2.49
CA ASN C 238 -18.51 22.10 2.92
C ASN C 238 -18.30 22.40 4.39
N VAL C 239 -18.32 23.68 4.74
CA VAL C 239 -18.06 24.07 6.12
C VAL C 239 -19.15 23.54 7.05
N ALA C 240 -20.40 23.57 6.59
CA ALA C 240 -21.52 23.20 7.46
C ALA C 240 -21.48 21.73 7.84
N ASP C 241 -21.33 20.84 6.85
CA ASP C 241 -21.49 19.42 7.11
C ASP C 241 -20.39 18.87 7.99
N LEU C 242 -19.22 19.50 8.00
CA LEU C 242 -18.13 19.00 8.82
C LEU C 242 -18.50 19.09 10.30
N PRO C 243 -18.14 18.10 11.11
CA PRO C 243 -18.49 18.16 12.53
C PRO C 243 -17.74 19.26 13.26
N LEU C 244 -18.37 19.78 14.31
CA LEU C 244 -17.78 20.81 15.15
C LEU C 244 -17.55 20.26 16.55
N PHE C 245 -16.41 20.62 17.14
CA PHE C 245 -16.05 20.19 18.48
C PHE C 245 -15.77 21.40 19.35
N ASP C 246 -16.34 21.41 20.55
CA ASP C 246 -16.23 22.54 21.46
C ASP C 246 -16.07 22.02 22.88
N GLU C 247 -15.66 22.91 23.78
CA GLU C 247 -15.48 22.52 25.18
C GLU C 247 -16.74 21.89 25.74
N ASP C 248 -17.91 22.41 25.36
CA ASP C 248 -19.19 21.84 25.77
C ASP C 248 -19.75 20.85 24.76
N SER C 249 -19.08 20.66 23.63
CA SER C 249 -19.58 19.79 22.56
C SER C 249 -18.72 18.55 22.34
N GLY C 250 -17.72 18.31 23.20
CA GLY C 250 -16.94 17.10 23.11
C GLY C 250 -15.44 17.32 23.15
N LEU C 251 -15.00 18.51 23.50
CA LEU C 251 -13.57 18.82 23.65
C LEU C 251 -13.24 18.89 25.13
N LEU C 252 -12.20 18.18 25.54
CA LEU C 252 -11.80 18.15 26.95
C LEU C 252 -10.76 19.22 27.25
N GLU C 253 -9.60 19.14 26.59
CA GLU C 253 -8.52 20.08 26.85
C GLU C 253 -7.61 20.14 25.63
N ILE C 254 -7.18 21.35 25.29
CA ILE C 254 -6.20 21.58 24.23
C ILE C 254 -4.96 22.15 24.87
N THR C 255 -3.83 21.46 24.70
CA THR C 255 -2.58 21.80 25.37
C THR C 255 -1.57 22.46 24.44
N GLN C 256 -1.24 21.81 23.34
CA GLN C 256 -0.20 22.30 22.44
C GLN C 256 -0.76 23.41 21.55
N GLU C 257 0.04 24.45 21.33
CA GLU C 257 -0.35 25.57 20.49
C GLU C 257 0.50 25.66 19.22
N LYS C 258 1.81 25.59 19.35
CA LYS C 258 2.73 25.61 18.21
C LYS C 258 2.46 26.83 17.33
N THR C 259 2.70 28.01 17.91
CA THR C 259 2.49 29.26 17.19
C THR C 259 3.30 29.28 15.90
N GLY C 260 4.48 28.68 15.90
CA GLY C 260 5.32 28.67 14.72
C GLY C 260 6.09 29.97 14.55
N SER C 261 6.73 30.10 13.39
CA SER C 261 7.50 31.28 13.06
C SER C 261 7.40 31.54 11.57
N THR C 262 7.68 32.78 11.17
CA THR C 262 7.60 33.19 9.78
C THR C 262 8.92 33.71 9.22
N SER C 263 9.77 34.33 10.05
CA SER C 263 11.05 34.83 9.57
C SER C 263 11.91 33.71 8.98
N LEU C 264 11.76 32.49 9.47
CA LEU C 264 12.46 31.33 8.93
C LEU C 264 11.66 30.80 7.74
N ALA C 265 12.00 29.59 7.29
CA ALA C 265 11.37 28.95 6.14
C ALA C 265 11.99 29.49 4.86
N PRO C 266 11.93 28.76 3.76
CA PRO C 266 12.67 29.16 2.56
C PRO C 266 11.96 30.26 1.78
N SER C 267 12.73 30.89 0.89
CA SER C 267 12.20 31.86 -0.05
C SER C 267 12.24 31.37 -1.49
N GLN C 268 13.12 30.43 -1.82
CA GLN C 268 13.23 29.87 -3.16
C GLN C 268 13.23 28.35 -3.06
N LEU C 269 12.52 27.72 -3.98
CA LEU C 269 12.38 26.26 -4.00
C LEU C 269 12.74 25.75 -5.40
N ILE C 270 13.59 24.74 -5.45
CA ILE C 270 14.02 24.13 -6.71
C ILE C 270 13.38 22.75 -6.79
N VAL C 271 12.64 22.50 -7.87
CA VAL C 271 11.99 21.22 -8.12
C VAL C 271 12.65 20.58 -9.33
N LYS C 272 13.12 19.34 -9.15
CA LYS C 272 13.77 18.58 -10.21
C LYS C 272 12.85 17.44 -10.63
N TYR C 273 12.61 17.35 -11.94
CA TYR C 273 11.72 16.33 -12.49
C TYR C 273 12.36 15.74 -13.73
N ILE C 274 11.84 14.59 -14.16
CA ILE C 274 12.33 13.87 -15.33
C ILE C 274 11.27 13.93 -16.41
N ASP C 275 11.66 14.34 -17.61
CA ASP C 275 10.77 14.37 -18.76
C ASP C 275 10.81 13.02 -19.44
N GLN C 276 9.63 12.38 -19.57
CA GLN C 276 9.58 11.03 -20.11
C GLN C 276 9.74 10.98 -21.62
N ILE C 277 9.62 12.11 -22.32
CA ILE C 277 9.82 12.11 -23.76
C ILE C 277 11.25 11.71 -24.09
N ASP C 278 12.22 12.27 -23.37
CA ASP C 278 13.63 11.97 -23.58
C ASP C 278 14.32 11.38 -22.36
N GLY C 279 13.70 11.44 -21.18
CA GLY C 279 14.35 10.93 -19.99
C GLY C 279 15.48 11.77 -19.47
N ALA C 280 15.53 13.05 -19.85
CA ALA C 280 16.58 13.95 -19.42
C ALA C 280 16.15 14.72 -18.18
N GLN C 281 17.08 14.90 -17.26
CA GLN C 281 16.79 15.63 -16.03
C GLN C 281 16.41 17.07 -16.36
N ARG C 282 15.32 17.55 -15.75
CA ARG C 282 14.88 18.92 -15.90
C ARG C 282 14.43 19.44 -14.55
N GLN C 283 14.46 20.76 -14.40
CA GLN C 283 14.09 21.39 -13.14
C GLN C 283 13.29 22.66 -13.40
N ILE C 284 12.51 23.04 -12.40
CA ILE C 284 11.76 24.29 -12.41
C ILE C 284 12.02 25.01 -11.09
N ILE C 285 11.81 26.32 -11.11
CA ILE C 285 12.10 27.18 -9.97
C ILE C 285 10.79 27.80 -9.50
N VAL C 286 10.53 27.70 -8.20
CA VAL C 286 9.38 28.32 -7.56
C VAL C 286 9.90 29.33 -6.54
N ASN C 287 9.42 30.57 -6.63
CA ASN C 287 9.89 31.65 -5.79
C ASN C 287 8.77 32.17 -4.91
N ASN C 288 9.14 32.65 -3.72
CA ASN C 288 8.23 33.27 -2.77
C ASN C 288 8.70 34.70 -2.58
N ASN C 289 8.17 35.62 -3.38
CA ASN C 289 8.64 37.00 -3.36
C ASN C 289 8.39 37.64 -1.99
N ALA C 290 7.22 37.39 -1.40
CA ALA C 290 6.89 38.02 -0.12
C ALA C 290 7.89 37.62 0.96
N VAL C 291 8.12 36.31 1.11
CA VAL C 291 9.08 35.85 2.10
C VAL C 291 10.49 36.25 1.70
N ALA C 292 10.78 36.25 0.38
CA ALA C 292 12.12 36.60 -0.07
C ALA C 292 12.50 38.01 0.33
N ALA C 293 11.56 38.95 0.21
CA ALA C 293 11.87 40.33 0.57
C ALA C 293 12.24 40.46 2.04
N SER C 294 11.50 39.77 2.92
CA SER C 294 11.80 39.85 4.35
C SER C 294 13.14 39.18 4.67
N GLN C 295 13.44 38.05 4.02
CA GLN C 295 14.66 37.31 4.32
C GLN C 295 15.88 38.19 4.10
N GLY C 296 16.78 38.22 5.10
CA GLY C 296 18.01 38.96 4.96
C GLY C 296 18.95 38.36 3.93
N ARG C 297 19.06 37.04 3.92
CA ARG C 297 19.94 36.32 3.00
C ARG C 297 19.16 35.23 2.29
N ARG C 298 19.61 34.91 1.07
CA ARG C 298 18.92 33.93 0.25
C ARG C 298 19.00 32.54 0.85
N SER C 299 17.91 31.78 0.72
CA SER C 299 17.86 30.40 1.16
C SER C 299 17.20 29.56 0.07
N SER C 300 17.67 28.33 -0.09
CA SER C 300 17.17 27.46 -1.14
C SER C 300 17.20 26.01 -0.67
N GLU C 301 16.26 25.22 -1.18
CA GLU C 301 16.20 23.78 -0.94
C GLU C 301 15.88 23.09 -2.25
N GLU C 302 16.32 21.83 -2.36
CA GLU C 302 16.12 21.02 -3.55
C GLU C 302 15.23 19.83 -3.22
N ILE C 303 14.17 19.66 -4.00
CA ILE C 303 13.24 18.55 -3.85
C ILE C 303 13.13 17.84 -5.19
N GLU C 304 13.20 16.52 -5.17
CA GLU C 304 13.16 15.70 -6.38
C GLU C 304 11.81 15.02 -6.49
N PHE C 305 11.15 15.20 -7.64
CA PHE C 305 9.85 14.62 -7.93
C PHE C 305 9.93 13.80 -9.20
N LEU C 306 10.94 12.92 -9.28
CA LEU C 306 11.23 12.20 -10.51
C LEU C 306 10.00 11.54 -11.13
N GLY C 307 8.94 11.31 -10.34
CA GLY C 307 7.74 10.73 -10.89
C GLY C 307 6.96 11.65 -11.81
N VAL C 308 7.20 12.96 -11.71
CA VAL C 308 6.45 13.94 -12.50
C VAL C 308 6.94 13.92 -13.94
N PRO C 309 6.07 13.71 -14.94
CA PRO C 309 6.52 13.68 -16.33
C PRO C 309 6.46 15.00 -17.07
N THR C 310 5.83 16.03 -16.50
CA THR C 310 5.67 17.31 -17.19
C THR C 310 6.01 18.44 -16.23
N GLY C 311 6.61 19.51 -16.79
CA GLY C 311 7.01 20.63 -15.96
C GLY C 311 5.84 21.35 -15.32
N GLU C 312 4.72 21.47 -16.05
CA GLU C 312 3.56 22.16 -15.49
C GLU C 312 3.03 21.44 -14.26
N LEU C 313 2.95 20.12 -14.31
CA LEU C 313 2.51 19.36 -13.15
C LEU C 313 3.46 19.53 -11.97
N ALA C 314 4.77 19.53 -12.25
CA ALA C 314 5.75 19.74 -11.20
C ALA C 314 5.57 21.11 -10.56
N GLY C 315 5.32 22.13 -11.38
CA GLY C 315 5.06 23.45 -10.82
C GLY C 315 3.78 23.50 -10.02
N ARG C 316 2.75 22.79 -10.46
CA ARG C 316 1.50 22.73 -9.70
C ARG C 316 1.74 22.17 -8.31
N VAL C 317 2.49 21.07 -8.21
CA VAL C 317 2.74 20.51 -6.89
C VAL C 317 3.73 21.37 -6.09
N GLY C 318 4.67 22.02 -6.77
CA GLY C 318 5.62 22.87 -6.06
C GLY C 318 4.96 24.07 -5.45
N GLU C 319 3.95 24.64 -6.12
CA GLU C 319 3.20 25.73 -5.51
C GLU C 319 2.50 25.27 -4.24
N ARG C 320 1.93 24.07 -4.25
CA ARG C 320 1.32 23.52 -3.04
C ARG C 320 2.35 23.39 -1.93
N GLU C 321 3.53 22.84 -2.26
CA GLU C 321 4.55 22.67 -1.23
C GLU C 321 5.00 24.01 -0.67
N MET C 322 5.19 25.00 -1.54
CA MET C 322 5.61 26.32 -1.08
C MET C 322 4.55 26.93 -0.16
N ARG C 323 3.28 26.86 -0.57
CA ARG C 323 2.21 27.40 0.27
C ARG C 323 2.17 26.71 1.62
N LEU C 324 2.32 25.38 1.63
CA LEU C 324 2.31 24.66 2.89
C LEU C 324 3.46 25.07 3.78
N LYS C 325 4.66 25.19 3.21
CA LYS C 325 5.86 25.37 4.01
C LYS C 325 6.10 26.82 4.41
N THR C 326 5.43 27.79 3.76
CA THR C 326 5.63 29.19 4.09
C THR C 326 4.38 29.90 4.59
N THR C 327 3.26 29.20 4.72
CA THR C 327 2.04 29.83 5.23
C THR C 327 1.96 29.83 6.75
N GLY C 328 2.84 29.11 7.44
CA GLY C 328 2.86 29.12 8.89
C GLY C 328 1.71 28.35 9.51
N LEU C 329 1.70 27.03 9.32
CA LEU C 329 0.63 26.21 9.87
C LEU C 329 0.63 26.27 11.39
N LYS C 330 -0.57 26.21 11.97
CA LYS C 330 -0.75 26.11 13.40
C LYS C 330 -1.12 24.68 13.75
N ARG C 331 -0.36 24.06 14.64
CA ARG C 331 -0.55 22.69 15.05
C ARG C 331 -1.12 22.64 16.46
N TYR C 332 -2.14 21.81 16.66
CA TYR C 332 -2.80 21.68 17.95
C TYR C 332 -2.85 20.22 18.36
N LYS C 333 -2.75 19.99 19.67
CA LYS C 333 -2.84 18.66 20.26
C LYS C 333 -4.01 18.68 21.25
N GLY C 334 -5.20 18.34 20.76
CA GLY C 334 -6.40 18.42 21.55
C GLY C 334 -6.76 17.11 22.21
N VAL C 335 -7.59 17.21 23.25
CA VAL C 335 -8.09 16.07 23.99
C VAL C 335 -9.61 16.08 23.87
N PHE C 336 -10.18 14.95 23.44
CA PHE C 336 -11.60 14.87 23.15
C PHE C 336 -12.22 13.69 23.90
N ASP C 337 -13.53 13.77 24.08
CA ASP C 337 -14.31 12.68 24.67
C ASP C 337 -14.85 11.79 23.55
N ARG C 338 -15.82 10.94 23.85
CA ARG C 338 -16.30 9.96 22.87
C ARG C 338 -16.88 10.60 21.62
N ARG C 339 -17.24 11.89 21.67
CA ARG C 339 -17.83 12.52 20.50
C ARG C 339 -16.93 12.46 19.28
N ALA C 340 -15.62 12.32 19.47
CA ALA C 340 -14.67 12.19 18.37
C ALA C 340 -14.32 10.74 18.07
N ARG C 341 -15.26 9.83 18.29
CA ARG C 341 -14.98 8.41 18.12
C ARG C 341 -14.93 7.99 16.66
N SER C 342 -15.75 8.60 15.81
CA SER C 342 -15.90 8.16 14.42
C SER C 342 -14.88 8.78 13.48
N LEU C 343 -13.99 9.64 13.97
CA LEU C 343 -13.03 10.29 13.10
C LEU C 343 -11.98 9.29 12.61
N ASN C 344 -11.43 9.57 11.43
CA ASN C 344 -10.42 8.75 10.79
C ASN C 344 -9.30 9.65 10.29
N PRO C 345 -8.12 9.09 10.03
CA PRO C 345 -6.99 9.93 9.57
C PRO C 345 -7.34 10.71 8.32
N GLY C 346 -6.91 11.96 8.28
CA GLY C 346 -7.15 12.82 7.15
C GLY C 346 -8.51 13.48 7.11
N GLN C 347 -9.38 13.19 8.08
CA GLN C 347 -10.72 13.76 8.10
C GLN C 347 -10.68 15.16 8.69
N PRO C 348 -11.11 16.19 7.97
CA PRO C 348 -11.13 17.54 8.54
C PRO C 348 -12.36 17.78 9.41
N PHE C 349 -12.18 18.62 10.42
CA PHE C 349 -13.28 18.96 11.31
C PHE C 349 -12.95 20.29 11.99
N LEU C 350 -13.98 20.88 12.59
CA LEU C 350 -13.88 22.21 13.20
C LEU C 350 -13.70 22.09 14.70
N ILE C 351 -12.98 23.06 15.27
CA ILE C 351 -12.76 23.15 16.71
C ILE C 351 -12.92 24.61 17.14
N ARG C 352 -13.62 24.81 18.24
CA ARG C 352 -13.83 26.14 18.81
C ARG C 352 -13.57 26.09 20.30
N SER C 353 -12.86 27.10 20.80
CA SER C 353 -12.59 27.22 22.24
C SER C 353 -12.48 28.70 22.56
N THR C 354 -13.58 29.31 23.01
CA THR C 354 -13.56 30.74 23.30
C THR C 354 -12.55 31.11 24.38
N PRO C 355 -12.39 30.38 25.48
CA PRO C 355 -11.43 30.83 26.50
C PRO C 355 -10.02 30.99 25.96
N ARG C 356 -9.60 30.12 25.04
CA ARG C 356 -8.28 30.20 24.46
C ARG C 356 -8.17 31.27 23.38
N GLY C 357 -9.28 31.89 22.99
CA GLY C 357 -9.25 32.88 21.94
C GLY C 357 -9.06 32.32 20.55
N ILE C 358 -9.38 31.04 20.36
CA ILE C 358 -9.25 30.39 19.06
C ILE C 358 -10.63 30.37 18.41
N PRO C 359 -10.85 31.10 17.31
CA PRO C 359 -12.16 31.05 16.65
C PRO C 359 -12.38 29.73 15.92
N GLU C 360 -13.53 29.57 15.29
CA GLU C 360 -13.79 28.36 14.51
C GLU C 360 -12.70 28.16 13.48
N THR C 361 -11.99 27.03 13.59
CA THR C 361 -10.84 26.74 12.75
C THR C 361 -11.00 25.36 12.14
N VAL C 362 -10.55 25.20 10.90
CA VAL C 362 -10.61 23.94 10.18
C VAL C 362 -9.25 23.27 10.31
N VAL C 363 -9.24 22.04 10.84
CA VAL C 363 -8.02 21.28 11.05
C VAL C 363 -8.22 19.89 10.49
N ARG C 364 -7.11 19.23 10.16
CA ARG C 364 -7.10 17.88 9.61
C ARG C 364 -6.47 16.93 10.62
N VAL C 365 -7.12 15.77 10.80
CA VAL C 365 -6.68 14.83 11.81
C VAL C 365 -5.31 14.26 11.46
N GLY C 366 -4.51 14.01 12.49
CA GLY C 366 -3.20 13.40 12.33
C GLY C 366 -3.09 12.09 13.07
N ARG C 367 -2.18 12.04 14.05
CA ARG C 367 -2.03 10.84 14.87
C ARG C 367 -3.24 10.67 15.78
N ILE C 368 -3.67 9.43 15.97
CA ILE C 368 -4.84 9.10 16.78
C ILE C 368 -4.42 8.14 17.87
N GLU C 369 -4.82 8.44 19.10
CA GLU C 369 -4.61 7.52 20.23
C GLU C 369 -5.84 7.62 21.13
N ASP C 370 -6.68 6.60 21.11
CA ASP C 370 -7.90 6.55 21.89
C ASP C 370 -7.85 5.39 22.87
N ASN C 371 -8.58 5.56 23.98
CA ASN C 371 -8.63 4.57 25.05
C ASN C 371 -10.10 4.39 25.44
N PHE C 372 -10.75 3.38 24.85
CA PHE C 372 -12.17 3.18 25.09
C PHE C 372 -12.43 2.59 26.47
N LEU C 373 -11.54 1.75 26.97
CA LEU C 373 -11.72 1.07 28.25
C LEU C 373 -10.56 1.41 29.18
N GLY C 374 -10.89 1.71 30.43
CA GLY C 374 -9.89 2.10 31.41
C GLY C 374 -9.86 3.59 31.67
N ASP C 375 -8.86 4.27 31.10
CA ASP C 375 -8.74 5.70 31.33
C ASP C 375 -9.86 6.49 30.66
N GLY C 376 -10.35 6.03 29.51
CA GLY C 376 -11.36 6.77 28.79
C GLY C 376 -10.86 8.00 28.08
N LYS C 377 -9.56 8.06 27.79
CA LYS C 377 -8.94 9.24 27.20
C LYS C 377 -8.83 9.06 25.70
N ILE C 378 -9.43 9.98 24.95
CA ILE C 378 -9.31 10.01 23.49
C ILE C 378 -8.55 11.28 23.13
N THR C 379 -7.30 11.11 22.70
CA THR C 379 -6.41 12.22 22.40
C THR C 379 -6.08 12.20 20.91
N LEU C 380 -6.21 13.36 20.27
CA LEU C 380 -5.98 13.50 18.83
C LEU C 380 -4.96 14.59 18.58
N THR C 381 -4.15 14.39 17.54
CA THR C 381 -3.21 15.40 17.06
C THR C 381 -3.68 15.89 15.70
N VAL C 382 -3.86 17.19 15.58
CA VAL C 382 -4.45 17.80 14.38
C VAL C 382 -3.53 18.91 13.88
N VAL C 383 -3.69 19.22 12.60
CA VAL C 383 -2.95 20.30 11.95
C VAL C 383 -3.94 21.18 11.20
N GLN C 384 -3.58 22.45 11.03
CA GLN C 384 -4.44 23.36 10.30
C GLN C 384 -4.55 22.93 8.84
N ASP C 385 -5.73 23.13 8.27
CA ASP C 385 -6.00 22.69 6.89
C ASP C 385 -5.39 23.69 5.92
N GLN C 386 -4.28 23.29 5.28
CA GLN C 386 -3.64 24.12 4.28
C GLN C 386 -3.18 23.32 3.07
N PHE C 387 -3.81 22.18 2.80
CA PHE C 387 -3.43 21.30 1.71
C PHE C 387 -4.37 21.51 0.54
N ASN C 388 -3.82 21.83 -0.63
CA ASN C 388 -4.62 22.02 -1.83
C ASN C 388 -3.71 21.97 -3.03
N LEU C 389 -4.18 21.34 -4.10
CA LEU C 389 -3.40 21.17 -5.32
C LEU C 389 -3.98 22.05 -6.42
N PRO C 390 -3.39 23.21 -6.70
CA PRO C 390 -3.96 24.08 -7.74
C PRO C 390 -3.88 23.42 -9.11
N ALA C 391 -4.88 23.72 -9.93
CA ALA C 391 -4.96 23.17 -11.28
C ALA C 391 -4.24 24.04 -12.32
N THR C 392 -3.73 25.20 -11.91
CA THR C 392 -3.03 26.09 -12.83
C THR C 392 -1.78 26.64 -12.14
N THR C 393 -0.67 26.66 -12.87
CA THR C 393 0.59 27.18 -12.37
C THR C 393 1.01 28.39 -13.20
N GLY C 394 2.03 29.09 -12.70
CA GLY C 394 2.52 30.29 -13.36
C GLY C 394 3.72 30.03 -14.25
N VAL C 395 4.70 29.29 -13.72
CA VAL C 395 5.91 29.00 -14.49
C VAL C 395 5.59 28.06 -15.64
N ALA C 396 6.35 28.18 -16.72
CA ALA C 396 6.21 27.32 -17.88
C ALA C 396 7.55 26.67 -18.22
N PRO C 397 7.54 25.46 -18.76
CA PRO C 397 8.80 24.79 -19.08
C PRO C 397 9.28 25.17 -20.46
N PRO C 398 10.52 25.67 -20.60
CA PRO C 398 11.02 26.05 -21.92
C PRO C 398 11.50 24.84 -22.70
N PRO C 399 11.81 25.01 -23.98
CA PRO C 399 12.12 23.86 -24.85
C PRO C 399 13.34 23.06 -24.40
N PRO C 400 14.42 23.72 -23.88
CA PRO C 400 15.74 23.08 -23.96
C PRO C 400 15.76 21.60 -23.62
N GLY C 401 16.12 20.79 -24.61
CA GLY C 401 16.29 19.36 -24.43
C GLY C 401 17.70 18.92 -24.76
N TRP C 402 17.88 18.27 -25.91
CA TRP C 402 19.20 17.90 -26.40
C TRP C 402 19.59 18.59 -27.69
N THR C 403 18.62 19.11 -28.45
CA THR C 403 18.90 19.78 -29.71
C THR C 403 19.69 18.83 -30.63
N PRO C 404 19.06 17.76 -31.12
CA PRO C 404 19.80 16.77 -31.91
C PRO C 404 20.39 17.40 -33.16
N PRO C 405 21.59 16.99 -33.55
CA PRO C 405 22.16 17.51 -34.81
C PRO C 405 21.27 17.19 -36.00
N ASP C 406 21.20 18.14 -36.94
CA ASP C 406 20.39 17.96 -38.14
C ASP C 406 21.32 17.51 -39.27
N ARG C 407 21.57 16.20 -39.30
CA ARG C 407 22.42 15.63 -40.34
C ARG C 407 21.64 15.55 -41.66
N THR C 408 20.59 14.73 -41.69
CA THR C 408 19.59 14.71 -42.77
C THR C 408 20.21 15.07 -44.12
N PRO C 409 21.04 14.19 -44.68
CA PRO C 409 21.82 14.56 -45.88
C PRO C 409 21.03 15.26 -46.96
N ARG C 410 21.60 16.34 -47.50
CA ARG C 410 21.02 17.10 -48.60
C ARG C 410 21.77 16.78 -49.89
N ALA C 411 21.11 17.07 -51.01
CA ALA C 411 21.75 16.92 -52.30
C ALA C 411 22.72 18.07 -52.55
N ILE C 412 23.76 17.78 -53.34
CA ILE C 412 24.79 18.77 -53.64
C ILE C 412 24.23 19.81 -54.61
N THR C 413 24.42 21.08 -54.28
CA THR C 413 23.93 22.17 -55.12
C THR C 413 24.97 22.70 -56.09
N VAL C 414 26.25 22.71 -55.68
CA VAL C 414 27.34 23.20 -56.51
C VAL C 414 28.21 22.01 -56.89
N ARG C 415 28.52 21.89 -58.18
CA ARG C 415 29.25 20.74 -58.71
C ARG C 415 29.69 21.07 -60.12
N ARG C 416 30.39 20.13 -60.74
CA ARG C 416 30.86 20.29 -62.12
C ARG C 416 31.49 18.99 -62.59
N LEU C 417 31.48 18.79 -63.90
CA LEU C 417 32.18 17.70 -64.55
C LEU C 417 33.23 18.28 -65.50
N ILE C 418 34.36 17.58 -65.62
CA ILE C 418 35.46 18.01 -66.46
C ILE C 418 36.11 16.79 -67.11
N GLU C 419 36.97 17.06 -68.09
CA GLU C 419 37.79 16.05 -68.74
C GLU C 419 39.23 16.23 -68.29
N ALA C 420 39.86 15.15 -67.86
CA ALA C 420 41.21 15.23 -67.33
C ALA C 420 42.20 15.52 -68.45
N PRO C 421 42.97 16.60 -68.39
CA PRO C 421 43.98 16.86 -69.42
C PRO C 421 45.20 15.94 -69.22
N TYR C 422 46.12 16.02 -70.17
CA TYR C 422 47.31 15.17 -70.12
C TYR C 422 48.17 15.44 -68.90
N ARG C 423 48.03 16.61 -68.26
CA ARG C 423 48.90 16.96 -67.15
C ARG C 423 48.78 15.97 -66.01
N GLU C 424 47.55 15.62 -65.64
CA GLU C 424 47.35 14.71 -64.52
C GLU C 424 47.70 13.28 -64.90
N LEU C 425 47.31 12.85 -66.11
CA LEU C 425 47.64 11.50 -66.55
C LEU C 425 49.14 11.29 -66.58
N ALA C 426 49.90 12.33 -66.92
CA ALA C 426 51.36 12.20 -66.93
C ALA C 426 51.89 11.89 -65.55
N GLY C 427 51.37 12.55 -64.52
CA GLY C 427 51.85 12.38 -63.17
C GLY C 427 51.15 11.32 -62.34
N VAL C 428 50.16 10.64 -62.89
CA VAL C 428 49.41 9.65 -62.12
C VAL C 428 49.43 8.29 -62.80
N ILE C 429 49.91 8.24 -64.04
CA ILE C 429 49.98 6.99 -64.81
C ILE C 429 51.44 6.73 -65.17
N ASP C 430 51.87 5.48 -64.96
CA ASP C 430 53.26 5.13 -65.22
C ASP C 430 53.56 5.23 -66.71
N PRO C 431 54.81 5.52 -67.09
CA PRO C 431 55.11 5.68 -68.51
C PRO C 431 54.81 4.45 -69.35
N ALA C 432 55.01 3.25 -68.81
CA ALA C 432 54.83 2.04 -69.60
C ALA C 432 53.39 1.92 -70.09
N ASN C 433 52.42 2.17 -69.20
CA ASN C 433 51.02 2.13 -69.61
C ASN C 433 50.62 3.39 -70.36
N LEU C 434 51.21 4.53 -70.02
CA LEU C 434 50.83 5.79 -70.67
C LEU C 434 51.18 5.78 -72.15
N GLN C 435 52.38 5.29 -72.50
CA GLN C 435 52.83 5.34 -73.88
C GLN C 435 51.91 4.53 -74.79
N LEU C 436 51.29 3.47 -74.28
CA LEU C 436 50.37 2.67 -75.07
C LEU C 436 49.00 3.31 -75.22
N LEU C 437 48.73 4.42 -74.52
CA LEU C 437 47.44 5.06 -74.61
C LEU C 437 47.27 5.73 -75.97
N ASP C 438 46.13 5.47 -76.62
CA ASP C 438 45.87 6.06 -77.92
C ASP C 438 45.50 7.54 -77.77
N VAL C 439 45.56 8.26 -78.90
CA VAL C 439 45.27 9.68 -78.89
C VAL C 439 43.81 9.96 -78.56
N SER C 440 42.93 8.99 -78.74
CA SER C 440 41.49 9.19 -78.53
C SER C 440 41.06 8.90 -77.09
N ALA C 441 41.98 8.51 -76.22
CA ALA C 441 41.62 8.18 -74.84
C ALA C 441 41.12 9.42 -74.11
N SER C 442 40.14 9.22 -73.22
CA SER C 442 39.58 10.29 -72.42
C SER C 442 39.25 9.76 -71.03
N TYR C 443 39.32 10.64 -70.05
CA TYR C 443 39.01 10.32 -68.66
C TYR C 443 38.06 11.35 -68.09
N LEU C 444 37.25 10.93 -67.14
CA LEU C 444 36.22 11.76 -66.55
C LEU C 444 36.53 12.05 -65.08
N ALA C 445 36.23 13.28 -64.67
CA ALA C 445 36.43 13.70 -63.29
C ALA C 445 35.28 14.62 -62.89
N ALA C 446 35.04 14.70 -61.59
CA ALA C 446 33.95 15.50 -61.05
C ALA C 446 34.43 16.28 -59.84
N LEU C 447 33.81 17.44 -59.63
CA LEU C 447 34.12 18.31 -58.50
C LEU C 447 32.82 18.75 -57.85
N ALA C 448 32.86 18.95 -56.53
CA ALA C 448 31.66 19.27 -55.77
C ALA C 448 32.03 20.12 -54.56
N GLU C 449 31.01 20.78 -54.01
CA GLU C 449 31.14 21.60 -52.82
C GLU C 449 30.27 21.03 -51.71
N ALA C 450 30.80 21.05 -50.49
CA ALA C 450 30.06 20.50 -49.35
C ALA C 450 28.81 21.34 -49.10
N PRO C 451 27.63 20.73 -49.04
CA PRO C 451 26.43 21.52 -48.71
C PRO C 451 26.33 21.86 -47.24
N THR C 452 26.83 20.99 -46.36
CA THR C 452 26.80 21.22 -44.92
C THR C 452 28.11 20.74 -44.30
N SER C 453 28.42 21.31 -43.14
CA SER C 453 29.65 20.94 -42.43
C SER C 453 29.60 19.52 -41.89
N LEU C 454 28.44 18.88 -41.86
CA LEU C 454 28.29 17.54 -41.32
C LEU C 454 28.48 16.45 -42.38
N SER C 455 28.82 16.83 -43.61
CA SER C 455 29.10 15.86 -44.68
C SER C 455 30.61 15.76 -44.88
N GLN C 456 31.12 14.54 -44.90
CA GLN C 456 32.55 14.32 -45.07
C GLN C 456 32.94 14.14 -46.53
N SER C 457 32.18 13.35 -47.29
CA SER C 457 32.53 13.05 -48.67
C SER C 457 31.26 12.72 -49.43
N TYR C 458 31.41 12.45 -50.72
CA TYR C 458 30.31 12.10 -51.59
C TYR C 458 30.70 10.92 -52.46
N THR C 459 29.70 10.19 -52.94
CA THR C 459 29.91 9.03 -53.79
C THR C 459 29.64 9.39 -55.24
N LEU C 460 30.41 8.79 -56.14
CA LEU C 460 30.29 9.05 -57.58
C LEU C 460 29.56 7.89 -58.25
N THR C 461 28.50 8.23 -58.99
CA THR C 461 27.71 7.25 -59.73
C THR C 461 27.56 7.74 -61.16
N ASP C 462 27.78 6.84 -62.11
CA ASP C 462 27.73 7.21 -63.52
C ASP C 462 27.30 6.01 -64.35
N ARG C 463 26.87 6.29 -65.58
CA ARG C 463 26.49 5.25 -66.52
C ARG C 463 26.72 5.78 -67.94
N VAL C 464 26.84 4.85 -68.88
CA VAL C 464 27.07 5.20 -70.27
C VAL C 464 25.71 5.49 -70.93
N GLY C 465 25.62 6.62 -71.61
CA GLY C 465 24.39 6.97 -72.29
C GLY C 465 23.29 7.34 -71.31
N SER C 466 22.06 7.31 -71.82
CA SER C 466 20.88 7.65 -71.04
C SER C 466 20.16 6.42 -70.50
N SER C 467 20.73 5.24 -70.68
CA SER C 467 20.11 4.00 -70.21
C SER C 467 21.16 3.13 -69.55
N GLY C 468 20.70 2.27 -68.64
CA GLY C 468 21.56 1.39 -67.89
C GLY C 468 21.52 1.68 -66.40
N ALA C 469 22.23 0.85 -65.65
CA ALA C 469 22.29 0.95 -64.20
C ALA C 469 23.59 1.61 -63.77
N PHE C 470 23.49 2.55 -62.85
CA PHE C 470 24.68 3.23 -62.35
C PHE C 470 25.61 2.24 -61.65
N VAL C 471 26.91 2.40 -61.89
CA VAL C 471 27.93 1.57 -61.26
C VAL C 471 28.80 2.48 -60.39
N ASP C 472 28.92 2.13 -59.11
CA ASP C 472 29.72 2.94 -58.20
C ASP C 472 31.15 3.02 -58.68
N ARG C 473 31.72 4.22 -58.69
CA ARG C 473 33.08 4.45 -59.15
C ARG C 473 34.03 4.91 -58.06
N GLY C 474 33.51 5.30 -56.89
CA GLY C 474 34.34 5.72 -55.78
C GLY C 474 33.80 6.96 -55.11
N THR C 475 34.58 7.48 -54.16
CA THR C 475 34.24 8.67 -53.40
C THR C 475 35.36 9.68 -53.51
N GLY C 476 34.99 10.96 -53.38
CA GLY C 476 35.96 12.03 -53.44
C GLY C 476 35.67 13.10 -52.41
N ASP C 477 36.69 13.90 -52.12
CA ASP C 477 36.58 14.97 -51.15
C ASP C 477 36.05 16.24 -51.80
N TRP C 478 35.75 17.23 -50.96
CA TRP C 478 35.20 18.48 -51.44
C TRP C 478 36.29 19.35 -52.04
N CYS C 479 35.97 20.01 -53.16
CA CYS C 479 36.93 20.84 -53.86
C CYS C 479 36.80 22.29 -53.42
N PRO C 480 37.86 22.90 -52.86
CA PRO C 480 37.76 24.32 -52.51
C PRO C 480 37.43 25.17 -53.72
N THR C 481 36.61 26.19 -53.51
CA THR C 481 36.14 27.02 -54.62
C THR C 481 35.74 28.39 -54.08
N GLY C 482 35.59 29.34 -55.00
CA GLY C 482 35.20 30.69 -54.64
C GLY C 482 34.61 31.40 -55.83
N LEU C 483 34.12 32.62 -55.57
CA LEU C 483 33.47 33.44 -56.59
C LEU C 483 34.29 34.69 -56.83
N LEU C 484 34.43 35.06 -58.11
CA LEU C 484 35.20 36.25 -58.48
C LEU C 484 34.38 37.50 -58.20
N ALA C 485 34.96 38.43 -57.43
CA ALA C 485 34.27 39.67 -57.12
C ALA C 485 34.29 40.64 -58.30
N ALA C 486 35.34 40.60 -59.11
CA ALA C 486 35.49 41.49 -60.25
C ALA C 486 35.89 40.70 -61.48
N GLU C 487 35.62 41.28 -62.65
CA GLU C 487 35.94 40.62 -63.91
C GLU C 487 37.44 40.40 -64.04
N LEU C 488 37.81 39.32 -64.73
CA LEU C 488 39.20 39.00 -64.97
C LEU C 488 39.56 39.38 -66.40
N PRO C 489 40.32 40.43 -66.63
CA PRO C 489 40.59 40.86 -68.01
C PRO C 489 41.52 39.88 -68.73
N LEU C 490 41.50 39.98 -70.06
CA LEU C 490 42.35 39.16 -70.91
C LEU C 490 43.78 39.71 -70.84
N ALA C 491 44.62 39.08 -70.02
CA ALA C 491 46.00 39.52 -69.90
C ALA C 491 46.84 38.36 -69.39
N ALA C 492 47.97 38.12 -70.03
CA ALA C 492 48.86 37.05 -69.61
C ALA C 492 49.62 37.47 -68.35
N GLY C 493 50.23 36.48 -67.70
CA GLY C 493 51.01 36.73 -66.51
C GLY C 493 50.15 36.78 -65.26
N PRO C 494 50.79 36.99 -64.11
CA PRO C 494 50.04 37.02 -62.85
C PRO C 494 49.01 38.13 -62.83
N ASN C 495 47.89 37.85 -62.17
CA ASN C 495 46.81 38.82 -62.02
C ASN C 495 46.21 38.68 -60.62
N VAL C 496 45.97 39.82 -59.98
CA VAL C 496 45.42 39.84 -58.63
C VAL C 496 43.91 39.88 -58.71
N VAL C 497 43.26 38.93 -58.05
CA VAL C 497 41.80 38.83 -58.06
C VAL C 497 41.32 38.54 -56.64
N THR C 498 40.25 39.21 -56.23
CA THR C 498 39.64 38.99 -54.93
C THR C 498 38.50 37.99 -55.06
N LEU C 499 38.40 37.08 -54.10
CA LEU C 499 37.40 36.03 -54.10
C LEU C 499 36.37 36.28 -53.00
N THR C 500 35.12 35.99 -53.30
CA THR C 500 34.02 36.13 -52.35
C THR C 500 33.36 34.77 -52.15
N ASN C 501 32.84 34.56 -50.94
CA ASN C 501 32.20 33.30 -50.58
C ASN C 501 33.16 32.12 -50.70
N ALA C 502 34.44 32.38 -50.45
CA ALA C 502 35.45 31.32 -50.58
C ALA C 502 35.20 30.23 -49.54
N THR C 503 35.44 28.99 -49.93
CA THR C 503 35.26 27.83 -49.06
C THR C 503 36.56 27.05 -49.02
N ARG C 504 36.98 26.64 -47.82
CA ARG C 504 38.20 25.85 -47.64
C ARG C 504 39.41 26.59 -48.22
N LEU C 505 39.40 27.92 -48.11
CA LEU C 505 40.53 28.71 -48.58
C LEU C 505 41.81 28.38 -47.82
N GLU C 506 41.69 27.95 -46.56
CA GLU C 506 42.87 27.67 -45.76
C GLU C 506 43.68 26.51 -46.34
N ASP C 507 43.02 25.49 -46.87
CA ASP C 507 43.71 24.30 -47.35
C ASP C 507 44.36 24.49 -48.71
N VAL C 508 44.12 25.62 -49.38
CA VAL C 508 44.74 25.86 -50.68
C VAL C 508 46.24 25.99 -50.52
N THR C 509 46.99 25.52 -51.50
CA THR C 509 48.44 25.56 -51.49
C THR C 509 48.95 26.15 -52.81
N VAL C 510 50.09 26.83 -52.73
CA VAL C 510 50.67 27.45 -53.92
C VAL C 510 51.15 26.36 -54.87
N GLY C 511 51.11 26.67 -56.17
CA GLY C 511 51.52 25.73 -57.19
C GLY C 511 50.41 24.80 -57.69
N GLN C 512 49.24 24.83 -57.06
CA GLN C 512 48.15 23.96 -57.48
C GLN C 512 47.58 24.42 -58.82
N ALA C 513 46.86 23.51 -59.46
CA ALA C 513 46.19 23.78 -60.72
C ALA C 513 44.73 24.12 -60.45
N ALA C 514 44.31 25.30 -60.90
CA ALA C 514 42.95 25.78 -60.73
C ALA C 514 42.31 25.99 -62.10
N VAL C 515 41.04 25.61 -62.23
CA VAL C 515 40.32 25.69 -63.49
C VAL C 515 39.06 26.52 -63.27
N VAL C 516 38.83 27.48 -64.16
CA VAL C 516 37.62 28.31 -64.15
C VAL C 516 37.07 28.34 -65.56
N ASP C 517 35.76 28.15 -65.69
CA ASP C 517 35.12 28.10 -67.01
C ASP C 517 35.79 27.04 -67.87
N ASP C 518 36.73 27.46 -68.73
CA ASP C 518 37.50 26.53 -69.55
C ASP C 518 38.98 26.91 -69.57
N GLU C 519 39.45 27.65 -68.58
CA GLU C 519 40.84 28.08 -68.49
C GLU C 519 41.47 27.49 -67.25
N ILE C 520 42.68 26.96 -67.39
CA ILE C 520 43.44 26.39 -66.28
C ILE C 520 44.51 27.41 -65.88
N VAL C 521 44.58 27.72 -64.58
CA VAL C 521 45.48 28.73 -64.07
C VAL C 521 46.25 28.16 -62.90
N ARG C 522 47.37 28.81 -62.59
CA ARG C 522 48.25 28.43 -61.49
C ARG C 522 48.25 29.53 -60.44
N VAL C 523 48.15 29.14 -59.18
CA VAL C 523 48.13 30.09 -58.08
C VAL C 523 49.57 30.45 -57.69
N ASP C 524 49.84 31.74 -57.56
CA ASP C 524 51.16 32.23 -57.19
C ASP C 524 51.25 32.69 -55.74
N ALA C 525 50.21 33.32 -55.22
CA ALA C 525 50.20 33.80 -53.85
C ALA C 525 48.78 33.68 -53.31
N VAL C 526 48.68 33.62 -51.98
CA VAL C 526 47.40 33.43 -51.29
C VAL C 526 47.35 34.36 -50.09
N ASN C 527 46.18 34.95 -49.86
CA ASN C 527 45.92 35.76 -48.68
C ASN C 527 44.72 35.16 -47.96
N TYR C 528 44.98 34.50 -46.83
CA TYR C 528 43.92 33.78 -46.12
C TYR C 528 42.82 34.72 -45.67
N ALA C 529 43.19 35.83 -45.02
CA ALA C 529 42.19 36.70 -44.42
C ALA C 529 41.33 37.37 -45.47
N SER C 530 41.95 37.99 -46.47
CA SER C 530 41.23 38.76 -47.47
C SER C 530 40.81 37.95 -48.69
N GLY C 531 41.26 36.70 -48.80
CA GLY C 531 40.88 35.88 -49.94
C GLY C 531 41.35 36.43 -51.27
N THR C 532 42.53 37.05 -51.30
CA THR C 532 43.11 37.57 -52.54
C THR C 532 44.24 36.65 -52.97
N VAL C 533 44.17 36.18 -54.21
CA VAL C 533 45.16 35.24 -54.75
C VAL C 533 45.63 35.75 -56.11
N THR C 534 46.84 35.35 -56.48
CA THR C 534 47.43 35.69 -57.76
C THR C 534 47.39 34.47 -58.66
N LEU C 535 46.82 34.63 -59.86
CA LEU C 535 46.60 33.53 -60.79
C LEU C 535 47.40 33.76 -62.05
N ALA C 536 48.11 32.72 -62.49
CA ALA C 536 48.81 32.76 -63.77
C ALA C 536 47.84 32.37 -64.89
N ARG C 537 47.74 33.23 -65.90
CA ARG C 537 46.77 33.06 -66.97
C ARG C 537 47.38 32.30 -68.13
N GLY C 538 46.57 31.47 -68.79
CA GLY C 538 47.02 30.73 -69.94
C GLY C 538 48.07 29.69 -69.60
N CYS C 539 47.68 28.66 -68.85
CA CYS C 539 48.58 27.59 -68.45
C CYS C 539 48.05 26.26 -68.95
N ALA C 540 48.97 25.30 -69.06
CA ALA C 540 48.66 23.93 -69.51
C ALA C 540 48.11 24.02 -70.92
N ASP C 541 46.91 23.56 -71.21
CA ASP C 541 46.35 23.54 -72.57
C ASP C 541 45.19 24.52 -72.71
N THR C 542 45.32 25.70 -72.10
CA THR C 542 44.26 26.69 -72.10
C THR C 542 44.80 28.05 -72.51
N VAL C 543 43.88 28.95 -72.85
CA VAL C 543 44.24 30.32 -73.22
C VAL C 543 43.33 31.29 -72.47
N PRO C 544 43.82 32.49 -72.22
CA PRO C 544 43.03 33.46 -71.45
C PRO C 544 41.72 33.80 -72.14
N ALA C 545 40.70 34.04 -71.34
CA ALA C 545 39.38 34.42 -71.85
C ALA C 545 38.68 35.29 -70.83
N LYS C 546 37.70 36.05 -71.30
CA LYS C 546 36.95 36.94 -70.43
C LYS C 546 36.08 36.13 -69.47
N HIS C 547 36.14 36.47 -68.18
CA HIS C 547 35.34 35.82 -67.16
C HIS C 547 34.59 36.91 -66.38
N LEU C 548 33.27 36.93 -66.54
CA LEU C 548 32.46 37.93 -65.86
C LEU C 548 32.43 37.66 -64.37
N ALA C 549 32.06 38.69 -63.60
CA ALA C 549 31.93 38.54 -62.16
C ALA C 549 30.92 37.45 -61.85
N GLY C 550 31.24 36.63 -60.85
CA GLY C 550 30.40 35.51 -60.47
C GLY C 550 30.86 34.17 -61.02
N ALA C 551 31.90 34.14 -61.83
CA ALA C 551 32.44 32.87 -62.31
C ALA C 551 33.01 32.07 -61.15
N ARG C 552 32.89 30.75 -61.24
CA ARG C 552 33.30 29.85 -60.18
C ARG C 552 34.70 29.32 -60.46
N VAL C 553 35.57 29.40 -59.46
CA VAL C 553 36.94 28.93 -59.56
C VAL C 553 37.06 27.65 -58.74
N TRP C 554 37.64 26.62 -59.36
CA TRP C 554 37.80 25.31 -58.73
C TRP C 554 39.28 24.99 -58.63
N PHE C 555 39.73 24.64 -57.42
CA PHE C 555 41.10 24.17 -57.21
C PHE C 555 41.09 22.64 -57.18
N TYR C 556 40.95 22.08 -58.38
CA TYR C 556 40.74 20.63 -58.51
C TYR C 556 41.99 19.83 -58.19
N ASP C 557 43.16 20.46 -58.13
CA ASP C 557 44.39 19.72 -57.88
C ASP C 557 44.33 19.01 -56.53
N THR C 558 44.37 17.68 -56.55
CA THR C 558 44.31 16.82 -55.38
C THR C 558 42.96 16.87 -54.68
N PHE C 559 41.90 17.29 -55.37
CA PHE C 559 40.56 17.38 -54.78
C PHE C 559 39.49 16.93 -55.76
N GLU C 560 39.81 16.01 -56.67
CA GLU C 560 38.90 15.58 -57.72
C GLU C 560 38.57 14.11 -57.57
N ALA C 561 37.33 13.76 -57.95
CA ALA C 561 36.88 12.37 -58.00
C ALA C 561 37.03 11.87 -59.42
N VAL C 562 37.79 10.79 -59.59
CA VAL C 562 38.18 10.30 -60.91
C VAL C 562 37.63 8.88 -61.08
N ASP C 563 37.05 8.62 -62.25
CA ASP C 563 36.62 7.28 -62.63
C ASP C 563 37.72 6.64 -63.45
N GLU C 564 38.24 5.51 -62.96
CA GLU C 564 39.41 4.90 -63.58
C GLU C 564 39.11 4.29 -64.95
N THR C 565 37.84 4.02 -65.26
CA THR C 565 37.50 3.41 -66.52
C THR C 565 37.80 4.37 -67.68
N VAL C 566 38.26 3.80 -68.79
CA VAL C 566 38.62 4.57 -69.97
C VAL C 566 37.43 4.63 -70.92
N TYR C 567 37.10 5.82 -71.39
CA TYR C 567 35.98 6.03 -72.29
C TYR C 567 36.45 6.73 -73.56
N SER C 568 35.93 6.28 -74.70
CA SER C 568 36.30 6.86 -75.98
C SER C 568 35.59 8.19 -76.20
N GLN C 569 36.14 8.99 -77.10
CA GLN C 569 35.58 10.30 -77.40
C GLN C 569 34.21 10.16 -78.06
N GLY C 570 33.36 11.15 -77.82
CA GLY C 570 32.05 11.21 -78.44
C GLY C 570 30.94 10.55 -77.64
N VAL C 571 31.26 9.90 -76.53
CA VAL C 571 30.24 9.22 -75.73
C VAL C 571 29.68 10.20 -74.70
N THR C 572 28.36 10.15 -74.51
CA THR C 572 27.67 11.01 -73.55
C THR C 572 27.36 10.20 -72.30
N LEU C 573 27.69 10.77 -71.15
CA LEU C 573 27.52 10.11 -69.86
C LEU C 573 26.48 10.84 -69.02
N GLN C 574 25.86 10.10 -68.11
CA GLN C 574 24.98 10.66 -67.10
C GLN C 574 25.48 10.21 -65.73
N ALA C 575 25.83 11.17 -64.88
CA ALA C 575 26.41 10.87 -63.57
C ALA C 575 25.72 11.70 -62.51
N ARG C 576 25.74 11.18 -61.28
CA ARG C 576 25.16 11.84 -60.14
C ARG C 576 26.12 11.74 -58.96
N LEU C 577 26.06 12.73 -58.08
CA LEU C 577 26.88 12.78 -56.87
C LEU C 577 25.99 12.61 -55.66
N LEU C 578 26.31 11.63 -54.81
CA LEU C 578 25.53 11.31 -53.63
C LEU C 578 26.34 11.69 -52.39
N THR C 579 25.75 12.53 -51.54
CA THR C 579 26.42 12.95 -50.31
C THR C 579 26.48 11.81 -49.31
N ASN C 580 27.53 11.81 -48.50
CA ASN C 580 27.75 10.79 -47.47
C ASN C 580 27.93 11.48 -46.13
N THR C 581 27.22 10.96 -45.11
CA THR C 581 27.31 11.48 -43.75
C THR C 581 27.34 10.31 -42.78
N SER C 582 27.66 10.61 -41.53
CA SER C 582 27.66 9.57 -40.50
C SER C 582 26.29 8.94 -40.33
N GLU C 583 25.22 9.65 -40.72
CA GLU C 583 23.87 9.11 -40.62
C GLU C 583 23.54 8.18 -41.78
N GLY C 584 24.32 8.21 -42.85
CA GLY C 584 24.11 7.32 -43.98
C GLY C 584 24.42 8.02 -45.28
N GLN C 585 23.85 7.50 -46.36
CA GLN C 585 24.08 8.00 -47.71
C GLN C 585 22.80 8.59 -48.27
N LEU C 586 22.97 9.60 -49.11
CA LEU C 586 21.82 10.25 -49.74
C LEU C 586 21.13 9.30 -50.71
N ALA C 587 19.80 9.32 -50.69
CA ALA C 587 19.02 8.47 -51.58
C ALA C 587 19.18 8.96 -53.02
N PRO C 588 19.44 8.09 -53.99
CA PRO C 588 19.69 8.58 -55.36
C PRO C 588 18.56 9.41 -55.93
N ALA C 589 17.31 9.15 -55.51
CA ALA C 589 16.18 9.86 -56.10
C ALA C 589 16.31 11.37 -55.95
N LEU C 590 16.99 11.84 -54.91
CA LEU C 590 17.13 13.26 -54.64
C LEU C 590 18.39 13.87 -55.25
N ALA C 591 19.19 13.08 -55.96
CA ALA C 591 20.46 13.55 -56.49
C ALA C 591 20.26 14.18 -57.87
N ALA C 592 20.90 15.32 -58.08
CA ALA C 592 20.82 16.00 -59.37
C ALA C 592 21.55 15.21 -60.45
N THR C 593 21.09 15.36 -61.69
CA THR C 593 21.66 14.68 -62.83
C THR C 593 22.33 15.69 -63.76
N ASP C 594 23.33 15.21 -64.51
CA ASP C 594 24.03 16.04 -65.47
C ASP C 594 24.61 15.17 -66.56
N SER C 595 24.97 15.81 -67.68
CA SER C 595 25.52 15.12 -68.84
C SER C 595 26.73 15.87 -69.35
N LEU C 596 27.67 15.12 -69.92
CA LEU C 596 28.88 15.68 -70.50
C LEU C 596 29.22 14.92 -71.77
N THR C 597 29.82 15.63 -72.73
CA THR C 597 30.23 15.06 -74.00
C THR C 597 31.75 15.07 -74.08
N LEU C 598 32.35 13.89 -74.19
CA LEU C 598 33.80 13.79 -74.24
C LEU C 598 34.33 14.32 -75.57
N THR C 599 35.55 14.86 -75.52
CA THR C 599 36.16 15.47 -76.70
C THR C 599 37.63 15.09 -76.88
N GLY C 600 38.13 14.10 -76.14
CA GLY C 600 39.53 13.72 -76.28
C GLY C 600 40.46 14.85 -75.93
N ARG C 601 40.22 15.50 -74.78
CA ARG C 601 40.99 16.68 -74.41
C ARG C 601 42.48 16.36 -74.33
N GLN C 602 42.84 15.22 -73.75
CA GLN C 602 44.25 14.86 -73.66
C GLN C 602 44.87 14.63 -75.04
N GLY C 603 44.07 14.13 -75.99
CA GLY C 603 44.62 13.84 -77.30
C GLY C 603 45.06 15.08 -78.07
N LYS C 604 44.27 16.15 -78.00
CA LYS C 604 44.54 17.32 -78.82
C LYS C 604 45.85 17.98 -78.39
N PRO C 605 46.63 18.52 -79.33
CA PRO C 605 47.88 19.17 -78.95
C PRO C 605 47.63 20.51 -78.26
N TYR C 606 48.61 20.93 -77.45
CA TYR C 606 48.50 22.21 -76.78
C TYR C 606 48.57 23.36 -77.80
N PRO C 607 47.89 24.47 -77.53
CA PRO C 607 47.98 25.62 -78.43
C PRO C 607 49.27 26.37 -78.21
N PRO C 608 49.58 27.34 -79.08
CA PRO C 608 50.80 28.13 -78.88
C PRO C 608 50.74 28.94 -77.58
N GLY C 609 51.91 29.27 -77.05
CA GLY C 609 52.01 29.93 -75.77
C GLY C 609 52.11 31.44 -75.89
N GLN C 610 53.32 31.97 -75.69
CA GLN C 610 53.51 33.42 -75.70
C GLN C 610 53.02 34.01 -77.01
N PHE C 611 51.94 34.79 -76.95
CA PHE C 611 51.30 35.37 -78.13
C PHE C 611 51.48 36.89 -78.05
N ARG C 612 52.59 37.36 -78.60
CA ARG C 612 52.95 38.77 -78.57
C ARG C 612 52.95 39.32 -79.99
N ILE C 613 52.30 40.47 -80.19
CA ILE C 613 52.20 41.11 -81.50
C ILE C 613 53.00 42.40 -81.45
N ASN C 614 54.02 42.50 -82.30
CA ASN C 614 54.85 43.70 -82.38
C ASN C 614 55.40 44.09 -81.01
N GLY C 615 55.73 43.09 -80.19
CA GLY C 615 56.23 43.33 -78.87
C GLY C 615 55.17 43.66 -77.83
N SER C 616 53.89 43.61 -78.18
CA SER C 616 52.80 43.89 -77.27
C SER C 616 51.87 42.70 -77.19
N ALA C 617 51.30 42.48 -76.01
CA ALA C 617 50.38 41.39 -75.76
C ALA C 617 48.94 41.90 -75.92
N TYR C 618 48.21 41.29 -76.86
CA TYR C 618 46.84 41.69 -77.15
C TYR C 618 46.72 43.19 -77.40
N PRO C 619 47.50 43.74 -78.33
CA PRO C 619 47.42 45.18 -78.60
C PRO C 619 46.29 45.53 -79.57
N THR C 620 45.69 46.68 -79.33
CA THR C 620 44.73 47.27 -80.25
C THR C 620 45.34 48.34 -81.15
N LYS C 621 46.65 48.55 -81.04
CA LYS C 621 47.34 49.60 -81.79
C LYS C 621 48.64 49.02 -82.34
N VAL C 622 48.74 48.94 -83.66
CA VAL C 622 49.95 48.50 -84.34
C VAL C 622 50.26 49.51 -85.43
N TYR C 623 51.53 49.94 -85.51
CA TYR C 623 51.96 50.96 -86.45
C TYR C 623 52.53 50.28 -87.69
N GLY C 624 51.65 49.92 -88.62
CA GLY C 624 52.07 49.44 -89.92
C GLY C 624 52.43 47.98 -89.98
N ALA C 625 53.73 47.68 -90.09
CA ALA C 625 54.18 46.31 -90.28
C ALA C 625 53.65 45.42 -89.16
N LEU C 626 53.16 44.24 -89.56
CA LEU C 626 52.52 43.30 -88.65
C LEU C 626 53.51 42.18 -88.31
N SER C 627 53.82 42.04 -87.03
CA SER C 627 54.68 40.97 -86.54
C SER C 627 53.96 40.23 -85.43
N VAL C 628 53.82 38.92 -85.59
CA VAL C 628 53.16 38.06 -84.62
C VAL C 628 54.12 36.96 -84.19
N SER C 629 54.24 36.77 -82.88
CA SER C 629 55.15 35.79 -82.32
C SER C 629 54.35 34.78 -81.49
N TRP C 630 54.71 33.50 -81.63
CA TRP C 630 54.05 32.43 -80.92
C TRP C 630 55.09 31.46 -80.39
N ALA C 631 54.71 30.71 -79.36
CA ALA C 631 55.58 29.74 -78.73
C ALA C 631 55.14 28.33 -79.06
N LYS C 632 56.10 27.41 -79.09
CA LYS C 632 55.84 26.00 -79.41
C LYS C 632 55.79 25.21 -78.12
N ARG C 633 54.71 24.47 -77.91
CA ARG C 633 54.49 23.68 -76.71
C ARG C 633 54.42 22.20 -77.08
N ASP C 634 55.17 21.38 -76.36
CA ASP C 634 55.11 19.92 -76.49
C ASP C 634 54.55 19.35 -75.20
N ARG C 635 53.41 18.66 -75.30
CA ARG C 635 52.76 18.13 -74.10
C ARG C 635 53.63 17.09 -73.41
N ILE C 636 54.30 16.23 -74.19
CA ILE C 636 55.07 15.15 -73.59
C ILE C 636 56.21 15.69 -72.76
N GLY C 637 56.93 16.70 -73.27
CA GLY C 637 58.04 17.25 -72.53
C GLY C 637 57.62 17.94 -71.24
N GLN C 638 56.53 18.71 -71.31
CA GLN C 638 56.07 19.42 -70.12
C GLN C 638 55.65 18.46 -69.02
N ALA C 639 54.95 17.39 -69.38
CA ALA C 639 54.51 16.36 -68.44
C ALA C 639 53.60 17.03 -67.41
N ASP C 640 53.90 17.00 -66.12
CA ASP C 640 53.02 17.53 -65.09
C ASP C 640 53.33 18.98 -64.72
N GLN C 641 54.30 19.61 -65.38
CA GLN C 641 54.68 20.97 -65.04
C GLN C 641 53.73 21.98 -65.67
N LEU C 642 53.33 22.97 -64.87
CA LEU C 642 52.47 24.05 -65.34
C LEU C 642 53.35 25.18 -65.87
N ILE C 643 53.24 25.46 -67.17
CA ILE C 643 54.01 26.53 -67.81
C ILE C 643 53.02 27.50 -68.43
N ASP C 644 53.14 28.77 -68.07
CA ASP C 644 52.24 29.81 -68.54
C ASP C 644 52.71 30.34 -69.89
N THR C 645 52.02 31.35 -70.42
CA THR C 645 52.35 31.90 -71.72
C THR C 645 53.60 32.75 -71.71
N THR C 646 53.96 33.33 -70.57
CA THR C 646 55.11 34.22 -70.50
C THR C 646 56.43 33.50 -70.70
N VAL C 647 56.45 32.18 -70.57
CA VAL C 647 57.68 31.41 -70.71
C VAL C 647 58.00 31.23 -72.19
N GLY C 648 59.28 31.10 -72.50
CA GLY C 648 59.73 30.98 -73.87
C GLY C 648 59.45 29.61 -74.45
N ASN C 649 60.09 29.35 -75.59
CA ASN C 649 59.87 28.10 -76.31
C ASN C 649 60.33 26.92 -75.46
N ILE C 650 59.59 25.82 -75.56
CA ILE C 650 59.93 24.58 -74.85
C ILE C 650 60.07 23.46 -75.88
N GLY C 651 60.36 23.82 -77.13
CA GLY C 651 60.53 22.87 -78.18
C GLY C 651 59.21 22.41 -78.76
N PRO C 652 59.24 21.88 -79.98
CA PRO C 652 58.01 21.38 -80.60
C PRO C 652 57.75 19.91 -80.25
N GLU C 653 56.60 19.42 -80.71
CA GLU C 653 56.23 18.03 -80.55
C GLU C 653 56.39 17.30 -81.88
N ASP C 654 56.68 15.99 -81.78
CA ASP C 654 56.88 15.18 -82.98
C ASP C 654 55.66 15.22 -83.88
N GLY C 655 55.82 15.77 -85.07
CA GLY C 655 54.72 15.86 -86.03
C GLY C 655 53.72 16.95 -85.74
N ALA C 656 54.04 17.89 -84.87
CA ALA C 656 53.14 18.99 -84.52
C ALA C 656 53.60 20.26 -85.23
N THR C 657 52.65 20.95 -85.86
CA THR C 657 52.91 22.20 -86.57
C THR C 657 51.92 23.27 -86.10
N VAL C 658 52.02 24.45 -86.70
CA VAL C 658 51.19 25.59 -86.35
C VAL C 658 50.43 26.03 -87.59
N THR C 659 49.15 26.34 -87.41
CA THR C 659 48.29 26.81 -88.49
C THR C 659 47.66 28.12 -88.09
N LEU C 660 47.59 29.05 -89.05
CA LEU C 660 47.02 30.37 -88.83
C LEU C 660 45.96 30.65 -89.88
N GLN C 661 44.84 31.22 -89.44
CA GLN C 661 43.75 31.62 -90.32
C GLN C 661 43.61 33.13 -90.30
N VAL C 662 43.50 33.73 -91.48
CA VAL C 662 43.36 35.16 -91.64
C VAL C 662 41.94 35.44 -92.15
N TYR C 663 41.22 36.28 -91.42
CA TYR C 663 39.85 36.63 -91.75
C TYR C 663 39.73 38.13 -91.97
N SER C 664 38.65 38.53 -92.63
CA SER C 664 38.32 39.94 -92.86
C SER C 664 37.23 40.43 -91.93
N GLY C 665 37.24 39.93 -90.69
CA GLY C 665 36.19 40.24 -89.73
C GLY C 665 35.10 39.18 -89.69
N THR C 666 34.58 38.81 -90.86
CA THR C 666 33.56 37.77 -90.95
C THR C 666 33.96 36.70 -91.96
N THR C 667 34.63 37.12 -93.03
CA THR C 667 34.98 36.23 -94.14
C THR C 667 36.42 35.76 -94.02
N LEU C 668 36.67 34.55 -94.51
CA LEU C 668 38.01 33.97 -94.55
C LEU C 668 38.67 34.36 -95.87
N LYS C 669 39.85 34.97 -95.78
CA LYS C 669 40.58 35.43 -96.96
C LYS C 669 41.85 34.62 -97.22
N ARG C 670 42.69 34.45 -96.20
CA ARG C 670 43.94 33.72 -96.34
C ARG C 670 44.09 32.73 -95.19
N THR C 671 44.82 31.65 -95.46
CA THR C 671 45.04 30.60 -94.46
C THR C 671 46.43 30.04 -94.67
N TYR C 672 47.28 30.16 -93.66
CA TYR C 672 48.64 29.66 -93.71
C TYR C 672 48.76 28.47 -92.76
N ALA C 673 49.18 27.33 -93.28
CA ALA C 673 49.33 26.11 -92.51
C ALA C 673 50.77 25.62 -92.59
N GLY C 674 51.11 24.68 -91.72
CA GLY C 674 52.44 24.11 -91.71
C GLY C 674 53.52 25.03 -91.18
N LEU C 675 53.15 26.03 -90.41
CA LEU C 675 54.12 26.98 -89.88
C LEU C 675 54.96 26.30 -88.81
N THR C 676 56.29 26.41 -88.94
CA THR C 676 57.22 25.82 -87.99
C THR C 676 58.10 26.84 -87.29
N SER C 677 58.08 28.10 -87.73
CA SER C 677 58.90 29.14 -87.13
C SER C 677 58.20 29.67 -85.88
N SER C 678 58.79 30.70 -85.27
CA SER C 678 58.21 31.36 -84.09
C SER C 678 57.62 32.72 -84.42
N SER C 679 57.59 33.10 -85.69
CA SER C 679 57.05 34.39 -86.08
C SER C 679 56.56 34.31 -87.52
N TRP C 680 55.60 35.17 -87.85
CA TRP C 680 55.03 35.22 -89.18
C TRP C 680 54.68 36.65 -89.53
N SER C 681 54.92 37.04 -90.77
CA SER C 681 54.64 38.37 -91.27
C SER C 681 53.74 38.28 -92.49
N TYR C 682 52.80 39.21 -92.60
CA TYR C 682 51.89 39.21 -93.74
C TYR C 682 52.68 39.53 -95.02
N PRO C 683 52.71 38.64 -96.01
CA PRO C 683 53.48 38.94 -97.22
C PRO C 683 52.94 40.16 -97.93
N LEU C 684 53.85 40.92 -98.53
CA LEU C 684 53.45 42.14 -99.25
C LEU C 684 52.58 41.82 -100.46
N ALA C 685 52.65 40.58 -100.96
CA ALA C 685 51.91 40.25 -102.18
C ALA C 685 50.41 40.41 -101.99
N GLU C 686 49.88 39.98 -100.85
CA GLU C 686 48.44 40.01 -100.62
C GLU C 686 47.96 41.33 -100.03
N ASP C 687 48.86 42.24 -99.68
CA ASP C 687 48.43 43.51 -99.09
C ASP C 687 47.58 44.31 -100.06
N MET C 688 48.00 44.41 -101.31
CA MET C 688 47.22 45.16 -102.29
C MET C 688 45.97 44.38 -102.70
N ALA C 689 46.09 43.06 -102.84
CA ALA C 689 44.94 42.25 -103.23
C ALA C 689 43.81 42.39 -102.21
N ASP C 690 44.11 42.17 -100.93
CA ASP C 690 43.13 42.38 -99.88
C ASP C 690 43.00 43.85 -99.50
N GLY C 691 43.95 44.69 -99.90
CA GLY C 691 43.90 46.09 -99.57
C GLY C 691 44.13 46.32 -98.09
N PRO C 692 43.81 47.53 -97.61
CA PRO C 692 43.92 47.79 -96.17
C PRO C 692 42.86 47.04 -95.39
N LEU C 693 43.29 46.37 -94.33
CA LEU C 693 42.38 45.68 -93.41
C LEU C 693 42.50 46.37 -92.05
N GLN C 694 41.69 47.42 -91.86
CA GLN C 694 41.69 48.10 -90.57
C GLN C 694 41.26 47.17 -89.45
N ASP C 695 40.22 46.37 -89.70
CA ASP C 695 39.73 45.38 -88.74
C ASP C 695 40.25 44.02 -89.18
N VAL C 696 41.20 43.47 -88.41
CA VAL C 696 41.84 42.20 -88.73
C VAL C 696 41.59 41.24 -87.58
N ARG C 697 41.13 40.04 -87.90
CA ARG C 697 40.93 38.99 -86.92
C ARG C 697 42.06 37.98 -87.02
N LEU C 698 42.74 37.74 -85.90
CA LEU C 698 43.86 36.81 -85.85
C LEU C 698 43.41 35.55 -85.11
N VAL C 699 43.54 34.40 -85.78
CA VAL C 699 43.18 33.11 -85.21
C VAL C 699 44.43 32.24 -85.23
N LEU C 700 44.80 31.70 -84.06
CA LEU C 700 46.00 30.89 -83.92
C LEU C 700 45.64 29.58 -83.25
N ARG C 701 46.18 28.48 -83.79
CA ARG C 701 45.95 27.16 -83.23
C ARG C 701 47.06 26.24 -83.69
N SER C 702 47.19 25.10 -83.01
CA SER C 702 48.16 24.07 -83.35
C SER C 702 47.42 22.84 -83.87
N VAL C 703 47.96 22.23 -84.92
CA VAL C 703 47.35 21.05 -85.54
C VAL C 703 48.42 20.01 -85.81
N ARG C 704 48.09 18.75 -85.56
CA ARG C 704 48.96 17.63 -85.90
C ARG C 704 48.10 16.48 -86.39
N ASP C 705 48.42 15.96 -87.57
CA ASP C 705 47.65 14.87 -88.17
C ASP C 705 46.17 15.22 -88.24
N GLY C 706 45.87 16.48 -88.52
CA GLY C 706 44.49 16.92 -88.62
C GLY C 706 43.76 17.01 -87.30
N ILE C 707 44.48 17.12 -86.20
CA ILE C 707 43.88 17.23 -84.87
C ILE C 707 44.06 18.67 -84.39
N ASP C 708 42.97 19.40 -84.30
CA ASP C 708 43.01 20.80 -83.88
C ASP C 708 42.88 20.91 -82.37
N SER C 709 43.56 21.92 -81.82
CA SER C 709 43.53 22.13 -80.38
C SER C 709 42.12 22.51 -79.92
N TRP C 710 41.79 22.12 -78.69
CA TRP C 710 40.44 22.37 -78.18
C TRP C 710 40.16 23.86 -78.11
N GLN C 711 41.12 24.65 -77.64
CA GLN C 711 40.99 26.10 -77.54
C GLN C 711 41.90 26.77 -78.57
N GLN C 712 41.68 28.06 -78.75
CA GLN C 712 42.42 28.83 -79.73
C GLN C 712 42.38 30.30 -79.35
N HIS C 713 43.27 31.07 -79.97
CA HIS C 713 43.28 32.52 -79.81
C HIS C 713 42.42 33.18 -80.87
N ASP C 714 41.76 34.27 -80.49
CA ASP C 714 40.92 35.02 -81.44
C ASP C 714 40.74 36.43 -80.92
N ILE C 715 41.22 37.41 -81.66
CA ILE C 715 41.06 38.82 -81.31
C ILE C 715 41.00 39.63 -82.60
N THR C 716 40.22 40.70 -82.57
CA THR C 716 40.13 41.64 -83.69
C THR C 716 40.95 42.87 -83.34
N ILE C 717 42.02 43.11 -84.11
CA ILE C 717 42.94 44.20 -83.84
C ILE C 717 42.70 45.33 -84.83
N GLU C 718 43.13 46.52 -84.46
CA GLU C 718 42.99 47.72 -85.29
C GLU C 718 44.37 48.19 -85.71
N ARG C 719 44.52 48.52 -87.00
CA ARG C 719 45.79 48.92 -87.55
C ARG C 719 45.86 50.44 -87.70
N HIS C 720 47.04 51.00 -87.45
CA HIS C 720 47.28 52.42 -87.62
C HIS C 720 48.61 52.62 -88.34
N GLY C 721 48.74 53.77 -88.99
CA GLY C 721 49.93 54.09 -89.75
C GLY C 721 49.54 54.77 -91.04
N LEU C 722 50.53 54.97 -91.91
CA LEU C 722 50.27 55.56 -93.22
C LEU C 722 49.37 54.65 -94.03
N GLY C 723 48.33 55.23 -94.61
CA GLY C 723 47.36 54.47 -95.35
C GLY C 723 46.31 53.78 -94.51
N PHE C 724 46.44 53.84 -93.18
CA PHE C 724 45.49 53.22 -92.27
C PHE C 724 44.94 54.27 -91.32
N ARG C 725 43.63 54.50 -91.39
CA ARG C 725 42.91 55.45 -90.54
C ARG C 725 43.46 56.87 -90.70
N LEU C 726 43.26 57.40 -91.91
CA LEU C 726 43.41 58.82 -92.20
C LEU C 726 42.11 59.55 -92.46
N GLY C 727 40.98 58.91 -92.16
CA GLY C 727 39.74 59.64 -91.99
C GLY C 727 39.92 60.55 -90.79
N GLU C 728 40.83 60.13 -89.91
CA GLU C 728 41.41 61.01 -88.90
C GLU C 728 42.93 60.90 -88.98
FE FE D . 6.77 -25.97 -11.72
#